data_2RRB
#
_entry.id   2RRB
#
_entity_poly.entity_id   1
_entity_poly.type   'polypeptide(L)'
_entity_poly.pdbx_seq_one_letter_code
;GPLGSRANPDPNCCLGVFGLSLYTTERDLREVFSKYGPIADVSIVYDQQSRRSRGFAFVYFENVDDAKEAKERANGMELD
GRRIRVDFSITKRPHT
;
_entity_poly.pdbx_strand_id   A
#
# COMPACT_ATOMS: atom_id res chain seq x y z
N GLY A 1 13.68 -3.86 -13.83
CA GLY A 1 13.10 -5.08 -14.44
C GLY A 1 12.45 -5.98 -13.39
N PRO A 2 12.26 -7.28 -13.70
CA PRO A 2 11.69 -8.28 -12.80
C PRO A 2 12.46 -8.42 -11.48
N LEU A 3 11.74 -8.80 -10.40
CA LEU A 3 12.28 -8.92 -9.05
C LEU A 3 11.41 -9.87 -8.20
N GLY A 4 11.98 -10.98 -7.75
CA GLY A 4 11.34 -11.94 -6.82
C GLY A 4 11.83 -11.86 -5.38
N SER A 5 13.01 -11.26 -5.14
CA SER A 5 13.71 -11.31 -3.85
C SER A 5 13.16 -10.35 -2.77
N ARG A 6 12.31 -9.39 -3.14
CA ARG A 6 11.72 -8.38 -2.23
C ARG A 6 10.30 -8.78 -1.84
N ALA A 7 10.09 -9.02 -0.54
CA ALA A 7 8.80 -9.38 0.06
C ALA A 7 8.83 -9.21 1.59
N ASN A 8 7.65 -9.06 2.22
CA ASN A 8 7.48 -9.06 3.67
C ASN A 8 6.39 -10.08 4.09
N PRO A 9 6.73 -11.38 4.24
CA PRO A 9 5.77 -12.45 4.49
C PRO A 9 5.36 -12.50 5.98
N ASP A 10 4.57 -11.51 6.40
CA ASP A 10 4.03 -11.36 7.77
C ASP A 10 2.79 -10.43 7.75
N PRO A 11 1.57 -10.98 7.66
CA PRO A 11 0.33 -10.22 7.49
C PRO A 11 0.05 -9.21 8.61
N ASN A 12 -0.48 -8.04 8.22
CA ASN A 12 -0.91 -6.95 9.09
C ASN A 12 -1.85 -5.98 8.33
N CYS A 13 -2.65 -5.18 9.06
CA CYS A 13 -3.57 -4.18 8.48
C CYS A 13 -2.87 -3.00 7.76
N CYS A 14 -1.57 -2.81 7.99
CA CYS A 14 -0.74 -1.80 7.33
C CYS A 14 -0.03 -2.43 6.10
N LEU A 15 -0.17 -1.80 4.94
CA LEU A 15 0.54 -2.14 3.71
C LEU A 15 1.40 -0.96 3.24
N GLY A 16 2.62 -1.26 2.78
CA GLY A 16 3.48 -0.33 2.06
C GLY A 16 3.30 -0.55 0.56
N VAL A 17 3.33 0.54 -0.21
CA VAL A 17 3.04 0.59 -1.65
C VAL A 17 4.16 1.37 -2.32
N PHE A 18 4.79 0.77 -3.33
CA PHE A 18 6.04 1.24 -3.95
C PHE A 18 5.93 1.27 -5.48
N GLY A 19 6.77 2.08 -6.14
CA GLY A 19 6.80 2.20 -7.61
C GLY A 19 5.66 3.07 -8.16
N LEU A 20 5.22 4.07 -7.39
CA LEU A 20 4.13 5.00 -7.74
C LEU A 20 4.56 6.08 -8.74
N SER A 21 3.61 6.85 -9.23
CA SER A 21 3.85 8.06 -10.02
C SER A 21 4.05 9.30 -9.13
N LEU A 22 4.76 10.32 -9.62
CA LEU A 22 4.84 11.62 -8.96
C LEU A 22 3.48 12.34 -8.93
N TYR A 23 2.57 11.98 -9.85
CA TYR A 23 1.19 12.47 -9.92
C TYR A 23 0.16 11.58 -9.20
N THR A 24 0.56 10.47 -8.56
CA THR A 24 -0.31 9.65 -7.68
C THR A 24 -0.69 10.46 -6.44
N THR A 25 -1.96 10.37 -6.02
CA THR A 25 -2.50 11.01 -4.82
C THR A 25 -3.16 9.99 -3.89
N GLU A 26 -3.42 10.40 -2.65
CA GLU A 26 -4.10 9.59 -1.64
C GLU A 26 -5.54 9.23 -2.05
N ARG A 27 -6.15 10.02 -2.94
CA ARG A 27 -7.43 9.73 -3.61
C ARG A 27 -7.29 8.53 -4.55
N ASP A 28 -6.25 8.50 -5.38
CA ASP A 28 -6.03 7.43 -6.37
C ASP A 28 -5.69 6.10 -5.68
N LEU A 29 -4.88 6.17 -4.61
CA LEU A 29 -4.61 5.03 -3.74
C LEU A 29 -5.88 4.55 -3.04
N ARG A 30 -6.70 5.43 -2.45
CA ARG A 30 -8.03 5.04 -1.94
C ARG A 30 -8.90 4.38 -3.02
N GLU A 31 -8.90 4.89 -4.26
CA GLU A 31 -9.68 4.30 -5.36
C GLU A 31 -9.17 2.91 -5.78
N VAL A 32 -7.86 2.65 -5.71
CA VAL A 32 -7.25 1.32 -5.96
C VAL A 32 -7.49 0.34 -4.81
N PHE A 33 -7.33 0.78 -3.57
CA PHE A 33 -7.29 -0.10 -2.39
C PHE A 33 -8.63 -0.28 -1.66
N SER A 34 -9.61 0.63 -1.81
CA SER A 34 -10.93 0.47 -1.16
C SER A 34 -11.79 -0.64 -1.78
N LYS A 35 -11.37 -1.21 -2.91
CA LYS A 35 -11.97 -2.39 -3.54
C LYS A 35 -11.93 -3.65 -2.64
N TYR A 36 -11.06 -3.66 -1.63
CA TYR A 36 -10.71 -4.83 -0.82
C TYR A 36 -11.19 -4.75 0.65
N GLY A 37 -11.83 -3.64 1.04
CA GLY A 37 -12.43 -3.42 2.37
C GLY A 37 -12.22 -2.02 2.95
N PRO A 38 -12.76 -1.73 4.16
CA PRO A 38 -12.70 -0.42 4.81
C PRO A 38 -11.26 0.05 5.08
N ILE A 39 -11.01 1.32 4.77
CA ILE A 39 -9.71 2.00 4.94
C ILE A 39 -9.80 3.02 6.08
N ALA A 40 -8.82 2.99 6.99
CA ALA A 40 -8.65 3.94 8.08
C ALA A 40 -7.95 5.22 7.60
N ASP A 41 -6.91 5.10 6.77
CA ASP A 41 -6.17 6.21 6.14
C ASP A 41 -5.21 5.73 5.02
N VAL A 42 -4.57 6.69 4.33
CA VAL A 42 -3.50 6.49 3.33
C VAL A 42 -2.57 7.70 3.37
N SER A 43 -1.25 7.46 3.30
CA SER A 43 -0.20 8.50 3.38
C SER A 43 0.91 8.27 2.35
N ILE A 44 1.17 9.25 1.47
CA ILE A 44 2.27 9.23 0.50
C ILE A 44 3.53 9.86 1.13
N VAL A 45 4.72 9.37 0.75
CA VAL A 45 6.02 9.89 1.24
C VAL A 45 6.54 10.97 0.28
N TYR A 46 6.93 12.11 0.86
CA TYR A 46 7.41 13.30 0.13
C TYR A 46 8.82 13.73 0.58
N ASP A 47 9.58 14.31 -0.33
CA ASP A 47 10.92 14.81 -0.08
C ASP A 47 10.91 16.07 0.79
N GLN A 48 11.84 16.17 1.74
CA GLN A 48 11.85 17.24 2.76
C GLN A 48 12.62 18.51 2.34
N GLN A 49 13.13 18.58 1.11
CA GLN A 49 13.77 19.77 0.54
C GLN A 49 13.15 20.19 -0.80
N SER A 50 12.75 19.23 -1.65
CA SER A 50 12.13 19.49 -2.97
C SER A 50 10.60 19.35 -2.99
N ARG A 51 9.99 18.76 -1.94
CA ARG A 51 8.54 18.65 -1.72
C ARG A 51 7.76 17.81 -2.76
N ARG A 52 8.45 17.16 -3.71
CA ARG A 52 7.89 16.16 -4.62
C ARG A 52 7.64 14.83 -3.91
N SER A 53 6.87 13.93 -4.52
CA SER A 53 6.76 12.55 -4.05
C SER A 53 8.12 11.82 -4.19
N ARG A 54 8.37 10.83 -3.33
CA ARG A 54 9.50 9.89 -3.44
C ARG A 54 9.12 8.58 -4.15
N GLY A 55 7.87 8.44 -4.63
CA GLY A 55 7.40 7.29 -5.41
C GLY A 55 6.90 6.12 -4.56
N PHE A 56 6.57 6.35 -3.28
CA PHE A 56 6.05 5.34 -2.37
C PHE A 56 5.14 5.92 -1.27
N ALA A 57 4.37 5.03 -0.64
CA ALA A 57 3.27 5.33 0.25
C ALA A 57 2.93 4.15 1.18
N PHE A 58 2.02 4.40 2.13
CA PHE A 58 1.49 3.42 3.06
C PHE A 58 -0.05 3.54 3.14
N VAL A 59 -0.72 2.39 3.17
CA VAL A 59 -2.18 2.21 3.16
C VAL A 59 -2.57 1.47 4.43
N TYR A 60 -3.61 1.95 5.13
CA TYR A 60 -4.03 1.47 6.44
C TYR A 60 -5.47 0.97 6.41
N PHE A 61 -5.68 -0.35 6.53
CA PHE A 61 -7.01 -0.96 6.56
C PHE A 61 -7.57 -1.04 7.99
N GLU A 62 -8.89 -1.18 8.10
CA GLU A 62 -9.58 -1.38 9.38
C GLU A 62 -9.29 -2.78 9.99
N ASN A 63 -8.99 -3.78 9.14
CA ASN A 63 -8.75 -5.18 9.54
C ASN A 63 -7.62 -5.82 8.72
N VAL A 64 -6.90 -6.79 9.31
CA VAL A 64 -5.83 -7.53 8.63
C VAL A 64 -6.34 -8.36 7.43
N ASP A 65 -7.59 -8.83 7.46
CA ASP A 65 -8.18 -9.62 6.37
C ASP A 65 -8.45 -8.80 5.10
N ASP A 66 -8.72 -7.50 5.26
CA ASP A 66 -8.91 -6.56 4.13
C ASP A 66 -7.55 -6.26 3.47
N ALA A 67 -6.50 -6.07 4.29
CA ALA A 67 -5.12 -5.89 3.83
C ALA A 67 -4.55 -7.16 3.17
N LYS A 68 -4.92 -8.36 3.65
CA LYS A 68 -4.56 -9.63 3.01
C LYS A 68 -5.13 -9.74 1.60
N GLU A 69 -6.43 -9.46 1.42
CA GLU A 69 -7.07 -9.43 0.12
C GLU A 69 -6.41 -8.41 -0.81
N ALA A 70 -6.16 -7.18 -0.32
CA ALA A 70 -5.49 -6.14 -1.09
C ALA A 70 -4.07 -6.52 -1.54
N LYS A 71 -3.25 -7.09 -0.65
CA LYS A 71 -1.88 -7.52 -0.96
C LYS A 71 -1.86 -8.64 -2.02
N GLU A 72 -2.86 -9.52 -2.04
CA GLU A 72 -3.01 -10.59 -3.05
C GLU A 72 -3.56 -10.08 -4.41
N ARG A 73 -4.19 -8.90 -4.45
CA ARG A 73 -4.87 -8.35 -5.63
C ARG A 73 -4.09 -7.22 -6.33
N ALA A 74 -3.55 -6.26 -5.57
CA ALA A 74 -2.89 -5.06 -6.08
C ALA A 74 -1.39 -5.26 -6.35
N ASN A 75 -0.73 -6.25 -5.74
CA ASN A 75 0.71 -6.42 -5.88
C ASN A 75 1.13 -6.70 -7.35
N GLY A 76 1.85 -5.75 -7.95
CA GLY A 76 2.43 -5.84 -9.29
C GLY A 76 1.57 -5.28 -10.44
N MET A 77 0.35 -4.78 -10.16
CA MET A 77 -0.48 -4.11 -11.17
C MET A 77 0.07 -2.75 -11.64
N GLU A 78 -0.68 -2.05 -12.50
CA GLU A 78 -0.31 -0.74 -13.06
C GLU A 78 -1.29 0.36 -12.58
N LEU A 79 -0.75 1.52 -12.21
CA LEU A 79 -1.46 2.72 -11.75
C LEU A 79 -0.78 3.96 -12.34
N ASP A 80 -1.54 4.79 -13.08
CA ASP A 80 -1.06 6.01 -13.78
C ASP A 80 0.03 5.73 -14.83
N GLY A 81 0.11 4.49 -15.33
CA GLY A 81 1.13 4.00 -16.26
C GLY A 81 2.42 3.50 -15.58
N ARG A 82 2.50 3.58 -14.25
CA ARG A 82 3.62 3.11 -13.42
C ARG A 82 3.28 1.76 -12.79
N ARG A 83 4.21 0.80 -12.86
CA ARG A 83 4.00 -0.58 -12.37
C ARG A 83 4.49 -0.72 -10.93
N ILE A 84 3.53 -0.86 -10.03
CA ILE A 84 3.70 -0.81 -8.56
C ILE A 84 4.21 -2.14 -7.96
N ARG A 85 4.38 -2.15 -6.64
CA ARG A 85 4.65 -3.33 -5.80
C ARG A 85 4.04 -3.09 -4.41
N VAL A 86 3.56 -4.13 -3.73
CA VAL A 86 2.78 -4.04 -2.48
C VAL A 86 3.20 -5.14 -1.52
N ASP A 87 3.43 -4.77 -0.25
CA ASP A 87 3.87 -5.67 0.83
C ASP A 87 3.32 -5.21 2.20
N PHE A 88 3.27 -6.13 3.16
CA PHE A 88 2.86 -5.84 4.54
C PHE A 88 3.91 -4.99 5.27
N SER A 89 3.46 -4.18 6.23
CA SER A 89 4.29 -3.25 7.01
C SER A 89 3.82 -3.18 8.48
N ILE A 90 4.60 -2.52 9.35
CA ILE A 90 4.31 -2.36 10.80
C ILE A 90 4.69 -0.96 11.29
N THR A 91 4.05 -0.52 12.38
CA THR A 91 4.34 0.74 13.08
C THR A 91 5.50 0.57 14.07
N LYS A 92 6.07 1.69 14.51
CA LYS A 92 7.25 1.76 15.39
C LYS A 92 7.07 2.81 16.51
N ARG A 93 7.86 2.69 17.59
CA ARG A 93 7.81 3.54 18.79
C ARG A 93 9.16 3.50 19.55
N PRO A 94 9.70 4.65 20.04
CA PRO A 94 10.91 4.69 20.87
C PRO A 94 10.80 3.84 22.14
N HIS A 95 11.94 3.32 22.61
CA HIS A 95 12.03 2.45 23.79
C HIS A 95 13.49 2.44 24.34
N THR A 96 13.63 2.40 25.67
CA THR A 96 14.91 2.48 26.41
C THR A 96 14.89 1.67 27.70
N GLY A 1 -12.07 -15.75 -13.54
CA GLY A 1 -12.57 -17.02 -12.97
C GLY A 1 -12.45 -17.05 -11.44
N PRO A 2 -12.99 -18.09 -10.78
CA PRO A 2 -12.93 -18.26 -9.32
C PRO A 2 -11.53 -18.64 -8.84
N LEU A 3 -11.27 -18.41 -7.54
CA LEU A 3 -9.99 -18.68 -6.87
C LEU A 3 -10.23 -19.27 -5.47
N GLY A 4 -9.37 -20.21 -5.07
CA GLY A 4 -9.40 -20.87 -3.75
C GLY A 4 -8.57 -20.14 -2.70
N SER A 5 -8.65 -20.60 -1.45
CA SER A 5 -7.88 -20.08 -0.32
C SER A 5 -6.36 -20.31 -0.47
N ARG A 6 -5.55 -19.33 -0.03
CA ARG A 6 -4.08 -19.35 -0.15
C ARG A 6 -3.40 -18.46 0.90
N ALA A 7 -3.87 -17.22 1.10
CA ALA A 7 -3.46 -16.28 2.15
C ALA A 7 -1.97 -15.86 2.04
N ASN A 8 -1.41 -15.30 3.12
CA ASN A 8 0.00 -14.86 3.21
C ASN A 8 0.46 -14.88 4.68
N PRO A 9 1.64 -15.46 5.02
CA PRO A 9 2.18 -15.45 6.37
C PRO A 9 2.62 -14.04 6.81
N ASP A 10 2.67 -13.82 8.13
CA ASP A 10 3.08 -12.56 8.78
C ASP A 10 2.37 -11.28 8.24
N PRO A 11 1.02 -11.24 8.18
CA PRO A 11 0.27 -10.11 7.65
C PRO A 11 0.14 -8.97 8.68
N ASN A 12 -0.34 -7.82 8.22
CA ASN A 12 -0.73 -6.67 9.04
C ASN A 12 -1.72 -5.75 8.30
N CYS A 13 -2.50 -4.94 9.03
CA CYS A 13 -3.44 -3.98 8.44
C CYS A 13 -2.78 -2.81 7.69
N CYS A 14 -1.49 -2.53 7.96
CA CYS A 14 -0.69 -1.53 7.26
C CYS A 14 0.02 -2.18 6.06
N LEU A 15 -0.25 -1.67 4.85
CA LEU A 15 0.38 -2.09 3.59
C LEU A 15 1.23 -0.96 3.03
N GLY A 16 2.48 -1.25 2.66
CA GLY A 16 3.33 -0.36 1.90
C GLY A 16 3.13 -0.60 0.39
N VAL A 17 3.28 0.46 -0.39
CA VAL A 17 3.04 0.51 -1.84
C VAL A 17 4.22 1.23 -2.49
N PHE A 18 4.86 0.60 -3.47
CA PHE A 18 6.15 1.04 -4.02
C PHE A 18 6.16 1.03 -5.56
N GLY A 19 6.92 1.94 -6.17
CA GLY A 19 7.00 2.10 -7.63
C GLY A 19 5.88 2.98 -8.20
N LEU A 20 5.40 3.95 -7.40
CA LEU A 20 4.31 4.87 -7.75
C LEU A 20 4.78 6.05 -8.63
N SER A 21 3.82 6.79 -9.16
CA SER A 21 4.07 7.97 -10.02
C SER A 21 4.23 9.25 -9.20
N LEU A 22 4.88 10.27 -9.79
CA LEU A 22 4.93 11.61 -9.22
C LEU A 22 3.57 12.34 -9.30
N TYR A 23 2.68 11.87 -10.18
CA TYR A 23 1.29 12.35 -10.33
C TYR A 23 0.27 11.58 -9.47
N THR A 24 0.68 10.51 -8.75
CA THR A 24 -0.18 9.76 -7.81
C THR A 24 -0.48 10.63 -6.59
N THR A 25 -1.70 10.53 -6.06
CA THR A 25 -2.14 11.18 -4.81
C THR A 25 -2.64 10.16 -3.79
N GLU A 26 -2.74 10.58 -2.54
CA GLU A 26 -3.34 9.79 -1.46
C GLU A 26 -4.82 9.49 -1.75
N ARG A 27 -5.50 10.37 -2.50
CA ARG A 27 -6.87 10.16 -2.96
C ARG A 27 -6.94 9.08 -4.05
N ASP A 28 -6.05 9.09 -5.05
CA ASP A 28 -6.00 8.05 -6.09
C ASP A 28 -5.70 6.68 -5.47
N LEU A 29 -4.73 6.61 -4.56
CA LEU A 29 -4.44 5.38 -3.80
C LEU A 29 -5.68 4.88 -3.06
N ARG A 30 -6.36 5.73 -2.26
CA ARG A 30 -7.63 5.38 -1.62
C ARG A 30 -8.66 4.85 -2.64
N GLU A 31 -8.87 5.56 -3.75
CA GLU A 31 -9.89 5.23 -4.75
C GLU A 31 -9.58 3.97 -5.59
N VAL A 32 -8.30 3.61 -5.75
CA VAL A 32 -7.89 2.36 -6.43
C VAL A 32 -7.94 1.16 -5.45
N PHE A 33 -7.58 1.35 -4.18
CA PHE A 33 -7.52 0.27 -3.20
C PHE A 33 -8.84 0.02 -2.44
N SER A 34 -9.78 0.96 -2.42
CA SER A 34 -11.07 0.80 -1.71
C SER A 34 -12.00 -0.26 -2.33
N LYS A 35 -11.71 -0.72 -3.56
CA LYS A 35 -12.40 -1.87 -4.18
C LYS A 35 -12.16 -3.20 -3.44
N TYR A 36 -11.12 -3.29 -2.60
CA TYR A 36 -10.81 -4.47 -1.79
C TYR A 36 -11.57 -4.51 -0.46
N GLY A 37 -11.86 -3.33 0.13
CA GLY A 37 -12.54 -3.18 1.42
C GLY A 37 -12.24 -1.86 2.16
N PRO A 38 -12.51 -1.80 3.48
CA PRO A 38 -12.47 -0.56 4.27
C PRO A 38 -11.04 -0.06 4.53
N ILE A 39 -10.84 1.25 4.31
CA ILE A 39 -9.54 1.95 4.46
C ILE A 39 -9.70 3.09 5.48
N ALA A 40 -8.78 3.15 6.45
CA ALA A 40 -8.77 4.12 7.54
C ALA A 40 -7.91 5.37 7.23
N ASP A 41 -6.86 5.22 6.42
CA ASP A 41 -5.89 6.28 6.09
C ASP A 41 -5.00 5.90 4.89
N VAL A 42 -4.26 6.87 4.36
CA VAL A 42 -3.28 6.74 3.26
C VAL A 42 -2.19 7.82 3.44
N SER A 43 -0.92 7.46 3.24
CA SER A 43 0.22 8.37 3.42
C SER A 43 1.27 8.18 2.30
N ILE A 44 1.48 9.18 1.44
CA ILE A 44 2.60 9.20 0.47
C ILE A 44 3.87 9.74 1.16
N VAL A 45 5.04 9.23 0.77
CA VAL A 45 6.35 9.68 1.28
C VAL A 45 6.92 10.73 0.33
N TYR A 46 7.32 11.89 0.88
CA TYR A 46 7.75 13.08 0.12
C TYR A 46 9.19 13.51 0.46
N ASP A 47 9.87 14.16 -0.50
CA ASP A 47 11.26 14.60 -0.40
C ASP A 47 11.50 15.65 0.71
N GLN A 48 12.65 15.56 1.36
CA GLN A 48 13.03 16.34 2.54
C GLN A 48 13.21 17.85 2.28
N GLN A 49 13.34 18.29 1.02
CA GLN A 49 13.52 19.71 0.68
C GLN A 49 12.70 20.18 -0.55
N SER A 50 12.43 19.29 -1.51
CA SER A 50 11.73 19.63 -2.77
C SER A 50 10.25 19.22 -2.77
N ARG A 51 9.80 18.44 -1.77
CA ARG A 51 8.39 18.02 -1.53
C ARG A 51 7.75 17.19 -2.66
N ARG A 52 8.52 16.72 -3.65
CA ARG A 52 8.10 15.74 -4.66
C ARG A 52 7.91 14.37 -4.01
N SER A 53 7.08 13.50 -4.59
CA SER A 53 6.97 12.11 -4.13
C SER A 53 8.30 11.36 -4.30
N ARG A 54 8.66 10.50 -3.32
CA ARG A 54 9.81 9.59 -3.43
C ARG A 54 9.50 8.34 -4.27
N GLY A 55 8.25 8.19 -4.75
CA GLY A 55 7.78 7.04 -5.54
C GLY A 55 7.21 5.90 -4.68
N PHE A 56 6.83 6.17 -3.43
CA PHE A 56 6.27 5.17 -2.51
C PHE A 56 5.38 5.79 -1.41
N ALA A 57 4.56 4.92 -0.81
CA ALA A 57 3.44 5.25 0.06
C ALA A 57 3.02 4.07 0.96
N PHE A 58 2.04 4.33 1.82
CA PHE A 58 1.41 3.36 2.71
C PHE A 58 -0.12 3.53 2.69
N VAL A 59 -0.85 2.42 2.75
CA VAL A 59 -2.31 2.33 2.74
C VAL A 59 -2.74 1.51 3.96
N TYR A 60 -3.69 2.02 4.75
CA TYR A 60 -4.06 1.48 6.06
C TYR A 60 -5.50 0.93 6.04
N PHE A 61 -5.66 -0.38 6.15
CA PHE A 61 -6.95 -1.05 6.15
C PHE A 61 -7.55 -1.15 7.56
N GLU A 62 -8.88 -1.25 7.65
CA GLU A 62 -9.60 -1.37 8.93
C GLU A 62 -9.52 -2.80 9.54
N ASN A 63 -8.99 -3.77 8.79
CA ASN A 63 -8.83 -5.16 9.21
C ASN A 63 -7.60 -5.81 8.55
N VAL A 64 -6.77 -6.53 9.33
CA VAL A 64 -5.67 -7.36 8.83
C VAL A 64 -6.16 -8.52 7.94
N ASP A 65 -7.37 -9.03 8.19
CA ASP A 65 -7.97 -10.11 7.38
C ASP A 65 -8.42 -9.63 5.98
N ASP A 66 -8.75 -8.34 5.85
CA ASP A 66 -9.03 -7.69 4.56
C ASP A 66 -7.74 -7.23 3.85
N ALA A 67 -6.74 -6.78 4.62
CA ALA A 67 -5.43 -6.38 4.11
C ALA A 67 -4.67 -7.52 3.41
N LYS A 68 -4.88 -8.78 3.83
CA LYS A 68 -4.37 -9.95 3.12
C LYS A 68 -4.84 -9.97 1.65
N GLU A 69 -6.16 -9.90 1.43
CA GLU A 69 -6.71 -9.92 0.07
C GLU A 69 -6.26 -8.69 -0.73
N ALA A 70 -6.27 -7.49 -0.15
CA ALA A 70 -5.79 -6.28 -0.80
C ALA A 70 -4.33 -6.41 -1.28
N LYS A 71 -3.43 -6.90 -0.42
CA LYS A 71 -2.03 -7.18 -0.78
C LYS A 71 -1.92 -8.22 -1.91
N GLU A 72 -2.64 -9.34 -1.80
CA GLU A 72 -2.60 -10.42 -2.79
C GLU A 72 -3.19 -10.03 -4.15
N ARG A 73 -4.19 -9.13 -4.18
CA ARG A 73 -4.81 -8.62 -5.41
C ARG A 73 -3.99 -7.50 -6.06
N ALA A 74 -3.46 -6.57 -5.27
CA ALA A 74 -2.81 -5.35 -5.77
C ALA A 74 -1.33 -5.54 -6.17
N ASN A 75 -0.62 -6.50 -5.55
CA ASN A 75 0.81 -6.68 -5.79
C ASN A 75 1.11 -7.03 -7.27
N GLY A 76 1.79 -6.10 -7.96
CA GLY A 76 2.20 -6.24 -9.37
C GLY A 76 1.22 -5.69 -10.41
N MET A 77 0.10 -5.07 -9.99
CA MET A 77 -0.80 -4.32 -10.89
C MET A 77 -0.11 -3.07 -11.53
N GLU A 78 -0.84 -2.37 -12.39
CA GLU A 78 -0.40 -1.14 -13.05
C GLU A 78 -1.28 0.05 -12.65
N LEU A 79 -0.66 1.16 -12.21
CA LEU A 79 -1.30 2.40 -11.77
C LEU A 79 -0.57 3.61 -12.36
N ASP A 80 -1.28 4.45 -13.12
CA ASP A 80 -0.75 5.61 -13.86
C ASP A 80 0.33 5.22 -14.91
N GLY A 81 0.27 3.98 -15.39
CA GLY A 81 1.27 3.38 -16.29
C GLY A 81 2.50 2.80 -15.58
N ARG A 82 2.61 2.99 -14.26
CA ARG A 82 3.70 2.48 -13.43
C ARG A 82 3.37 1.08 -12.92
N ARG A 83 4.35 0.17 -12.95
CA ARG A 83 4.18 -1.22 -12.46
C ARG A 83 4.75 -1.35 -11.05
N ILE A 84 3.83 -1.43 -10.09
CA ILE A 84 4.06 -1.32 -8.64
C ILE A 84 4.46 -2.65 -7.95
N ARG A 85 4.70 -2.55 -6.63
CA ARG A 85 4.85 -3.65 -5.66
C ARG A 85 4.03 -3.29 -4.41
N VAL A 86 3.42 -4.28 -3.76
CA VAL A 86 2.57 -4.12 -2.56
C VAL A 86 2.89 -5.22 -1.55
N ASP A 87 3.09 -4.86 -0.29
CA ASP A 87 3.56 -5.74 0.77
C ASP A 87 3.20 -5.20 2.18
N PHE A 88 3.28 -6.05 3.20
CA PHE A 88 2.95 -5.70 4.58
C PHE A 88 4.04 -4.83 5.24
N SER A 89 3.62 -3.95 6.16
CA SER A 89 4.49 -3.04 6.90
C SER A 89 4.10 -3.00 8.39
N ILE A 90 5.06 -2.75 9.28
CA ILE A 90 4.85 -2.74 10.74
C ILE A 90 5.65 -1.58 11.36
N THR A 91 4.99 -0.77 12.20
CA THR A 91 5.58 0.41 12.88
C THR A 91 6.49 -0.06 14.01
N LYS A 92 7.72 0.49 14.05
CA LYS A 92 8.78 0.13 15.00
C LYS A 92 9.55 1.38 15.48
N ARG A 93 10.15 1.31 16.68
CA ARG A 93 10.85 2.40 17.36
C ARG A 93 11.84 1.86 18.42
N PRO A 94 13.11 2.31 18.45
CA PRO A 94 14.10 1.88 19.44
C PRO A 94 13.84 2.53 20.81
N HIS A 95 14.23 1.85 21.89
CA HIS A 95 14.10 2.30 23.29
C HIS A 95 15.42 2.06 24.06
N THR A 96 15.75 2.97 24.98
CA THR A 96 16.98 2.97 25.80
C THR A 96 16.86 3.90 27.02
N GLY A 1 -1.88 -9.69 -8.30
CA GLY A 1 -2.57 -10.15 -9.55
C GLY A 1 -3.96 -10.68 -9.23
N PRO A 2 -4.37 -11.85 -9.75
CA PRO A 2 -5.59 -12.53 -9.30
C PRO A 2 -5.42 -13.10 -7.87
N LEU A 3 -4.17 -13.43 -7.54
CA LEU A 3 -3.61 -13.79 -6.23
C LEU A 3 -2.18 -13.21 -6.15
N GLY A 4 -1.53 -13.37 -5.00
CA GLY A 4 -0.17 -12.90 -4.72
C GLY A 4 0.78 -14.04 -4.31
N SER A 5 1.68 -13.74 -3.38
CA SER A 5 2.70 -14.65 -2.86
C SER A 5 2.89 -14.45 -1.35
N ARG A 6 3.13 -15.55 -0.62
CA ARG A 6 3.20 -15.59 0.86
C ARG A 6 4.66 -15.55 1.39
N ALA A 7 5.57 -14.92 0.64
CA ALA A 7 7.00 -14.80 0.98
C ALA A 7 7.24 -13.97 2.27
N ASN A 8 6.35 -13.03 2.59
CA ASN A 8 6.32 -12.33 3.87
C ASN A 8 5.49 -13.16 4.89
N PRO A 9 6.07 -13.61 6.03
CA PRO A 9 5.42 -14.54 6.95
C PRO A 9 4.50 -13.88 7.99
N ASP A 10 4.27 -12.55 7.90
CA ASP A 10 3.55 -11.76 8.91
C ASP A 10 2.51 -10.82 8.25
N PRO A 11 1.22 -11.22 8.17
CA PRO A 11 0.15 -10.38 7.64
C PRO A 11 -0.19 -9.26 8.63
N ASN A 12 -0.65 -8.13 8.10
CA ASN A 12 -0.83 -6.88 8.84
C ASN A 12 -1.87 -5.97 8.13
N CYS A 13 -2.72 -5.29 8.90
CA CYS A 13 -3.64 -4.25 8.38
C CYS A 13 -2.91 -3.07 7.73
N CYS A 14 -1.62 -2.89 8.04
CA CYS A 14 -0.71 -1.90 7.46
C CYS A 14 0.02 -2.46 6.23
N LEU A 15 -0.13 -1.81 5.09
CA LEU A 15 0.54 -2.13 3.82
C LEU A 15 1.39 -0.95 3.35
N GLY A 16 2.59 -1.24 2.85
CA GLY A 16 3.44 -0.31 2.11
C GLY A 16 3.24 -0.53 0.61
N VAL A 17 3.31 0.55 -0.17
CA VAL A 17 3.06 0.59 -1.62
C VAL A 17 4.21 1.34 -2.28
N PHE A 18 4.79 0.76 -3.33
CA PHE A 18 6.06 1.19 -3.93
C PHE A 18 6.00 1.20 -5.47
N GLY A 19 6.82 2.03 -6.11
CA GLY A 19 6.87 2.14 -7.58
C GLY A 19 5.72 2.96 -8.16
N LEU A 20 5.21 3.93 -7.39
CA LEU A 20 4.10 4.82 -7.78
C LEU A 20 4.55 5.92 -8.74
N SER A 21 3.58 6.51 -9.44
CA SER A 21 3.80 7.73 -10.24
C SER A 21 4.06 8.94 -9.32
N LEU A 22 4.93 9.87 -9.77
CA LEU A 22 5.25 11.09 -9.02
C LEU A 22 4.06 12.07 -8.93
N TYR A 23 2.99 11.82 -9.71
CA TYR A 23 1.74 12.59 -9.74
C TYR A 23 0.59 11.92 -8.95
N THR A 24 0.83 10.77 -8.29
CA THR A 24 -0.15 10.05 -7.46
C THR A 24 -0.52 10.91 -6.24
N THR A 25 -1.80 10.85 -5.83
CA THR A 25 -2.31 11.42 -4.57
C THR A 25 -2.99 10.33 -3.75
N GLU A 26 -3.15 10.56 -2.45
CA GLU A 26 -3.88 9.64 -1.57
C GLU A 26 -5.34 9.45 -1.98
N ARG A 27 -5.92 10.38 -2.77
CA ARG A 27 -7.24 10.24 -3.39
C ARG A 27 -7.27 9.05 -4.36
N ASP A 28 -6.23 8.92 -5.20
CA ASP A 28 -6.08 7.84 -6.18
C ASP A 28 -5.92 6.50 -5.46
N LEU A 29 -5.01 6.44 -4.48
CA LEU A 29 -4.76 5.23 -3.69
C LEU A 29 -6.02 4.78 -2.97
N ARG A 30 -6.73 5.67 -2.25
CA ARG A 30 -8.02 5.35 -1.63
C ARG A 30 -9.03 4.82 -2.66
N GLU A 31 -9.19 5.47 -3.81
CA GLU A 31 -10.16 5.08 -4.84
C GLU A 31 -9.82 3.72 -5.49
N VAL A 32 -8.54 3.39 -5.68
CA VAL A 32 -8.11 2.12 -6.29
C VAL A 32 -8.12 0.96 -5.29
N PHE A 33 -7.79 1.20 -4.01
CA PHE A 33 -7.66 0.16 -2.98
C PHE A 33 -8.95 -0.10 -2.17
N SER A 34 -9.93 0.80 -2.16
CA SER A 34 -11.16 0.61 -1.35
C SER A 34 -12.05 -0.55 -1.83
N LYS A 35 -11.86 -1.04 -3.07
CA LYS A 35 -12.52 -2.24 -3.59
C LYS A 35 -12.14 -3.54 -2.84
N TYR A 36 -11.06 -3.51 -2.04
CA TYR A 36 -10.59 -4.64 -1.24
C TYR A 36 -11.12 -4.64 0.21
N GLY A 37 -11.83 -3.58 0.64
CA GLY A 37 -12.41 -3.43 1.98
C GLY A 37 -12.26 -2.04 2.61
N PRO A 38 -12.74 -1.85 3.86
CA PRO A 38 -12.71 -0.58 4.59
C PRO A 38 -11.28 -0.11 4.88
N ILE A 39 -11.02 1.18 4.64
CA ILE A 39 -9.71 1.84 4.80
C ILE A 39 -9.81 2.88 5.92
N ALA A 40 -8.84 2.84 6.84
CA ALA A 40 -8.73 3.73 8.00
C ALA A 40 -7.87 4.97 7.73
N ASP A 41 -6.84 4.85 6.89
CA ASP A 41 -5.87 5.91 6.56
C ASP A 41 -5.03 5.53 5.32
N VAL A 42 -4.40 6.53 4.70
CA VAL A 42 -3.48 6.43 3.54
C VAL A 42 -2.53 7.64 3.58
N SER A 43 -1.25 7.45 3.24
CA SER A 43 -0.23 8.52 3.26
C SER A 43 0.89 8.27 2.24
N ILE A 44 1.15 9.23 1.36
CA ILE A 44 2.28 9.21 0.40
C ILE A 44 3.50 9.87 1.02
N VAL A 45 4.70 9.37 0.71
CA VAL A 45 5.97 9.94 1.16
C VAL A 45 6.38 11.05 0.19
N TYR A 46 6.24 12.30 0.65
CA TYR A 46 6.64 13.51 -0.07
C TYR A 46 8.03 14.01 0.40
N ASP A 47 8.80 14.59 -0.51
CA ASP A 47 10.18 15.03 -0.25
C ASP A 47 10.27 16.17 0.77
N GLN A 48 11.28 16.08 1.64
CA GLN A 48 11.49 16.97 2.79
C GLN A 48 11.90 18.41 2.40
N GLN A 49 12.24 18.67 1.14
CA GLN A 49 12.57 20.00 0.63
C GLN A 49 11.80 20.33 -0.66
N SER A 50 11.81 19.45 -1.66
CA SER A 50 11.19 19.70 -2.98
C SER A 50 9.67 19.45 -3.02
N ARG A 51 9.10 18.81 -1.98
CA ARG A 51 7.67 18.56 -1.74
C ARG A 51 6.97 17.63 -2.77
N ARG A 52 7.65 17.19 -3.83
CA ARG A 52 7.17 16.18 -4.79
C ARG A 52 7.10 14.80 -4.13
N SER A 53 6.31 13.87 -4.68
CA SER A 53 6.32 12.48 -4.23
C SER A 53 7.68 11.82 -4.47
N ARG A 54 8.11 10.95 -3.55
CA ARG A 54 9.29 10.09 -3.70
C ARG A 54 8.99 8.74 -4.39
N GLY A 55 7.72 8.49 -4.79
CA GLY A 55 7.29 7.29 -5.53
C GLY A 55 6.85 6.13 -4.64
N PHE A 56 6.50 6.38 -3.37
CA PHE A 56 6.04 5.36 -2.42
C PHE A 56 5.14 5.92 -1.32
N ALA A 57 4.38 5.02 -0.68
CA ALA A 57 3.26 5.31 0.20
C ALA A 57 2.93 4.15 1.15
N PHE A 58 1.98 4.38 2.05
CA PHE A 58 1.40 3.40 2.95
C PHE A 58 -0.13 3.49 2.94
N VAL A 59 -0.80 2.34 3.11
CA VAL A 59 -2.26 2.15 3.06
C VAL A 59 -2.65 1.30 4.28
N TYR A 60 -3.70 1.71 4.99
CA TYR A 60 -4.11 1.11 6.27
C TYR A 60 -5.59 0.69 6.24
N PHE A 61 -5.84 -0.61 6.37
CA PHE A 61 -7.19 -1.20 6.41
C PHE A 61 -7.75 -1.25 7.83
N GLU A 62 -9.07 -1.31 7.96
CA GLU A 62 -9.76 -1.43 9.26
C GLU A 62 -9.58 -2.81 9.91
N ASN A 63 -9.28 -3.85 9.11
CA ASN A 63 -9.02 -5.22 9.55
C ASN A 63 -7.84 -5.84 8.77
N VAL A 64 -7.08 -6.74 9.42
CA VAL A 64 -5.96 -7.46 8.78
C VAL A 64 -6.42 -8.35 7.60
N ASP A 65 -7.63 -8.91 7.67
CA ASP A 65 -8.15 -9.81 6.63
C ASP A 65 -8.58 -9.09 5.34
N ASP A 66 -8.86 -7.78 5.41
CA ASP A 66 -9.06 -6.94 4.22
C ASP A 66 -7.72 -6.59 3.56
N ALA A 67 -6.68 -6.36 4.37
CA ALA A 67 -5.32 -6.12 3.88
C ALA A 67 -4.68 -7.37 3.25
N LYS A 68 -5.05 -8.59 3.66
CA LYS A 68 -4.61 -9.82 2.98
C LYS A 68 -5.06 -9.84 1.52
N GLU A 69 -6.35 -9.60 1.27
CA GLU A 69 -6.91 -9.50 -0.07
C GLU A 69 -6.26 -8.35 -0.85
N ALA A 70 -6.15 -7.17 -0.26
CA ALA A 70 -5.54 -6.00 -0.90
C ALA A 70 -4.08 -6.25 -1.30
N LYS A 71 -3.24 -6.81 -0.43
CA LYS A 71 -1.85 -7.16 -0.72
C LYS A 71 -1.75 -8.14 -1.89
N GLU A 72 -2.52 -9.23 -1.88
CA GLU A 72 -2.46 -10.25 -2.93
C GLU A 72 -3.02 -9.76 -4.27
N ARG A 73 -4.06 -8.92 -4.26
CA ARG A 73 -4.67 -8.36 -5.47
C ARG A 73 -3.82 -7.23 -6.07
N ALA A 74 -3.45 -6.24 -5.26
CA ALA A 74 -2.75 -5.03 -5.73
C ALA A 74 -1.28 -5.28 -6.12
N ASN A 75 -0.58 -6.23 -5.49
CA ASN A 75 0.84 -6.45 -5.77
C ASN A 75 1.08 -6.80 -7.25
N GLY A 76 1.84 -5.94 -7.94
CA GLY A 76 2.23 -6.09 -9.34
C GLY A 76 1.22 -5.61 -10.38
N MET A 77 0.08 -5.04 -9.97
CA MET A 77 -0.85 -4.33 -10.87
C MET A 77 -0.22 -3.06 -11.48
N GLU A 78 -0.96 -2.38 -12.35
CA GLU A 78 -0.55 -1.13 -13.00
C GLU A 78 -1.41 0.04 -12.52
N LEU A 79 -0.76 1.13 -12.06
CA LEU A 79 -1.41 2.38 -11.65
C LEU A 79 -0.66 3.56 -12.30
N ASP A 80 -1.38 4.37 -13.09
CA ASP A 80 -0.86 5.47 -13.92
C ASP A 80 0.26 5.01 -14.88
N GLY A 81 0.15 3.78 -15.39
CA GLY A 81 1.13 3.16 -16.29
C GLY A 81 2.37 2.58 -15.57
N ARG A 82 2.48 2.72 -14.25
CA ARG A 82 3.60 2.25 -13.44
C ARG A 82 3.28 0.87 -12.83
N ARG A 83 4.21 -0.09 -12.94
CA ARG A 83 4.06 -1.44 -12.37
C ARG A 83 4.53 -1.46 -10.91
N ILE A 84 3.58 -1.30 -10.00
CA ILE A 84 3.81 -1.14 -8.54
C ILE A 84 4.26 -2.43 -7.83
N ARG A 85 4.58 -2.32 -6.54
CA ARG A 85 4.83 -3.43 -5.61
C ARG A 85 4.12 -3.14 -4.27
N VAL A 86 3.60 -4.16 -3.60
CA VAL A 86 2.76 -4.03 -2.37
C VAL A 86 3.07 -5.17 -1.39
N ASP A 87 3.26 -4.84 -0.11
CA ASP A 87 3.60 -5.78 0.96
C ASP A 87 3.24 -5.27 2.36
N PHE A 88 3.10 -6.18 3.32
CA PHE A 88 2.85 -5.89 4.73
C PHE A 88 4.03 -5.09 5.33
N SER A 89 3.78 -3.87 5.82
CA SER A 89 4.83 -2.91 6.21
C SER A 89 4.28 -1.70 7.00
N ILE A 90 5.16 -1.05 7.77
CA ILE A 90 4.87 0.12 8.64
C ILE A 90 6.00 1.16 8.56
N THR A 91 5.70 2.40 8.98
CA THR A 91 6.63 3.54 9.02
C THR A 91 7.60 3.51 10.20
N LYS A 92 7.31 2.73 11.24
CA LYS A 92 8.10 2.68 12.49
C LYS A 92 9.40 1.87 12.33
N ARG A 93 10.54 2.48 12.68
CA ARG A 93 11.88 1.85 12.62
C ARG A 93 12.09 0.85 13.78
N PRO A 94 12.65 -0.36 13.54
CA PRO A 94 13.08 -1.28 14.59
C PRO A 94 14.31 -0.76 15.33
N HIS A 95 14.61 -1.35 16.49
CA HIS A 95 15.74 -1.00 17.36
C HIS A 95 16.06 -2.12 18.38
N THR A 96 17.20 -2.00 19.06
CA THR A 96 17.63 -2.88 20.17
C THR A 96 16.94 -2.56 21.50
N GLY A 1 -18.15 -14.22 -4.29
CA GLY A 1 -16.71 -14.53 -4.21
C GLY A 1 -16.39 -15.46 -3.04
N PRO A 2 -15.10 -15.80 -2.82
CA PRO A 2 -14.64 -16.66 -1.73
C PRO A 2 -14.72 -15.95 -0.37
N LEU A 3 -14.83 -16.75 0.71
CA LEU A 3 -14.92 -16.28 2.08
C LEU A 3 -13.54 -16.24 2.76
N GLY A 4 -13.16 -15.09 3.31
CA GLY A 4 -11.91 -14.88 4.06
C GLY A 4 -10.67 -14.78 3.16
N SER A 5 -9.52 -15.17 3.71
CA SER A 5 -8.19 -15.09 3.08
C SER A 5 -7.19 -16.06 3.77
N ARG A 6 -5.87 -15.83 3.62
CA ARG A 6 -4.81 -16.66 4.25
C ARG A 6 -4.99 -16.73 5.78
N ALA A 7 -4.81 -17.93 6.34
CA ALA A 7 -5.11 -18.27 7.74
C ALA A 7 -4.12 -17.71 8.79
N ASN A 8 -3.25 -16.77 8.44
CA ASN A 8 -2.30 -16.10 9.35
C ASN A 8 -3.01 -15.51 10.60
N PRO A 9 -2.67 -15.95 11.83
CA PRO A 9 -3.34 -15.52 13.05
C PRO A 9 -2.74 -14.27 13.71
N ASP A 10 -1.70 -13.69 13.13
CA ASP A 10 -1.01 -12.49 13.64
C ASP A 10 -1.54 -11.22 12.94
N PRO A 11 -2.20 -10.28 13.66
CA PRO A 11 -2.79 -9.08 13.07
C PRO A 11 -1.75 -8.12 12.48
N ASN A 12 -2.03 -7.63 11.27
CA ASN A 12 -1.31 -6.54 10.61
C ASN A 12 -2.20 -5.89 9.54
N CYS A 13 -2.85 -4.78 9.91
CA CYS A 13 -3.91 -4.14 9.12
C CYS A 13 -3.40 -3.15 8.05
N CYS A 14 -2.10 -3.11 7.73
CA CYS A 14 -1.54 -2.07 6.86
C CYS A 14 -0.38 -2.55 5.96
N LEU A 15 -0.27 -1.88 4.80
CA LEU A 15 0.61 -2.23 3.69
C LEU A 15 1.40 -1.00 3.22
N GLY A 16 2.63 -1.24 2.79
CA GLY A 16 3.45 -0.29 2.05
C GLY A 16 3.29 -0.56 0.56
N VAL A 17 3.33 0.50 -0.24
CA VAL A 17 3.08 0.50 -1.69
C VAL A 17 4.21 1.28 -2.35
N PHE A 18 4.94 0.62 -3.26
CA PHE A 18 6.21 1.09 -3.81
C PHE A 18 6.19 1.11 -5.34
N GLY A 19 6.99 1.99 -5.96
CA GLY A 19 7.06 2.14 -7.42
C GLY A 19 5.91 2.99 -7.99
N LEU A 20 5.41 3.95 -7.20
CA LEU A 20 4.33 4.87 -7.56
C LEU A 20 4.82 6.04 -8.42
N SER A 21 3.88 6.77 -9.01
CA SER A 21 4.17 7.95 -9.83
C SER A 21 4.30 9.25 -9.00
N LEU A 22 4.99 10.25 -9.55
CA LEU A 22 5.03 11.60 -8.98
C LEU A 22 3.65 12.29 -9.07
N TYR A 23 2.79 11.84 -10.00
CA TYR A 23 1.41 12.29 -10.18
C TYR A 23 0.36 11.52 -9.33
N THR A 24 0.76 10.46 -8.62
CA THR A 24 -0.11 9.70 -7.70
C THR A 24 -0.42 10.57 -6.47
N THR A 25 -1.67 10.50 -5.98
CA THR A 25 -2.12 11.13 -4.72
C THR A 25 -2.79 10.09 -3.83
N GLU A 26 -2.95 10.40 -2.54
CA GLU A 26 -3.73 9.57 -1.61
C GLU A 26 -5.21 9.46 -2.04
N ARG A 27 -5.71 10.41 -2.84
CA ARG A 27 -7.05 10.35 -3.43
C ARG A 27 -7.17 9.31 -4.54
N ASP A 28 -6.07 8.98 -5.23
CA ASP A 28 -6.03 7.84 -6.17
C ASP A 28 -5.85 6.53 -5.41
N LEU A 29 -4.91 6.47 -4.45
CA LEU A 29 -4.63 5.26 -3.68
C LEU A 29 -5.87 4.77 -2.92
N ARG A 30 -6.58 5.64 -2.20
CA ARG A 30 -7.84 5.27 -1.52
C ARG A 30 -8.89 4.72 -2.50
N GLU A 31 -8.95 5.26 -3.73
CA GLU A 31 -9.97 4.94 -4.75
C GLU A 31 -9.63 3.70 -5.58
N VAL A 32 -8.34 3.35 -5.71
CA VAL A 32 -7.89 2.10 -6.36
C VAL A 32 -7.90 0.92 -5.39
N PHE A 33 -7.55 1.14 -4.10
CA PHE A 33 -7.44 0.06 -3.10
C PHE A 33 -8.73 -0.21 -2.30
N SER A 34 -9.76 0.65 -2.35
CA SER A 34 -11.01 0.41 -1.62
C SER A 34 -11.84 -0.79 -2.11
N LYS A 35 -11.55 -1.30 -3.32
CA LYS A 35 -12.15 -2.55 -3.83
C LYS A 35 -11.76 -3.80 -3.01
N TYR A 36 -10.75 -3.69 -2.14
CA TYR A 36 -10.27 -4.76 -1.25
C TYR A 36 -10.83 -4.68 0.19
N GLY A 37 -11.65 -3.66 0.49
CA GLY A 37 -12.31 -3.46 1.79
C GLY A 37 -12.15 -2.05 2.39
N PRO A 38 -12.68 -1.82 3.61
CA PRO A 38 -12.65 -0.54 4.31
C PRO A 38 -11.22 -0.06 4.61
N ILE A 39 -10.98 1.22 4.33
CA ILE A 39 -9.69 1.91 4.51
C ILE A 39 -9.81 2.94 5.64
N ALA A 40 -8.87 2.90 6.58
CA ALA A 40 -8.80 3.75 7.76
C ALA A 40 -7.92 5.00 7.55
N ASP A 41 -6.87 4.90 6.72
CA ASP A 41 -5.90 5.99 6.43
C ASP A 41 -5.04 5.65 5.19
N VAL A 42 -4.35 6.66 4.63
CA VAL A 42 -3.47 6.58 3.45
C VAL A 42 -2.46 7.74 3.53
N SER A 43 -1.18 7.49 3.21
CA SER A 43 -0.10 8.49 3.26
C SER A 43 1.01 8.23 2.22
N ILE A 44 1.31 9.20 1.35
CA ILE A 44 2.48 9.17 0.43
C ILE A 44 3.71 9.78 1.13
N VAL A 45 4.91 9.28 0.80
CA VAL A 45 6.18 9.79 1.34
C VAL A 45 6.76 10.87 0.42
N TYR A 46 7.11 12.02 1.01
CA TYR A 46 7.65 13.20 0.33
C TYR A 46 9.00 13.62 0.92
N ASP A 47 9.87 14.20 0.08
CA ASP A 47 11.23 14.62 0.42
C ASP A 47 11.26 15.78 1.43
N GLN A 48 12.22 15.77 2.36
CA GLN A 48 12.32 16.73 3.47
C GLN A 48 13.03 18.05 3.11
N GLN A 49 13.50 18.22 1.87
CA GLN A 49 14.12 19.45 1.37
C GLN A 49 13.44 19.98 0.09
N SER A 50 13.02 19.11 -0.83
CA SER A 50 12.39 19.52 -2.11
C SER A 50 10.87 19.32 -2.16
N ARG A 51 10.30 18.55 -1.21
CA ARG A 51 8.87 18.22 -1.10
C ARG A 51 8.30 17.43 -2.31
N ARG A 52 9.17 16.91 -3.20
CA ARG A 52 8.76 15.99 -4.28
C ARG A 52 8.40 14.62 -3.69
N SER A 53 7.55 13.85 -4.36
CA SER A 53 7.26 12.46 -3.96
C SER A 53 8.52 11.59 -4.12
N ARG A 54 8.77 10.71 -3.14
CA ARG A 54 9.84 9.71 -3.20
C ARG A 54 9.42 8.41 -3.92
N GLY A 55 8.19 8.34 -4.46
CA GLY A 55 7.70 7.22 -5.27
C GLY A 55 7.14 6.05 -4.45
N PHE A 56 6.77 6.28 -3.19
CA PHE A 56 6.17 5.25 -2.32
C PHE A 56 5.24 5.82 -1.25
N ALA A 57 4.43 4.94 -0.66
CA ALA A 57 3.29 5.26 0.20
C ALA A 57 2.93 4.09 1.12
N PHE A 58 1.97 4.34 2.01
CA PHE A 58 1.39 3.37 2.93
C PHE A 58 -0.14 3.48 2.92
N VAL A 59 -0.82 2.33 3.03
CA VAL A 59 -2.28 2.18 2.97
C VAL A 59 -2.73 1.34 4.17
N TYR A 60 -3.69 1.86 4.94
CA TYR A 60 -4.13 1.30 6.22
C TYR A 60 -5.60 0.88 6.14
N PHE A 61 -5.89 -0.38 6.45
CA PHE A 61 -7.23 -0.99 6.40
C PHE A 61 -7.84 -1.12 7.80
N GLU A 62 -9.15 -1.31 7.86
CA GLU A 62 -9.86 -1.48 9.15
C GLU A 62 -9.62 -2.87 9.79
N ASN A 63 -9.22 -3.88 9.01
CA ASN A 63 -9.00 -5.26 9.46
C ASN A 63 -7.82 -5.94 8.74
N VAL A 64 -7.19 -6.93 9.39
CA VAL A 64 -6.10 -7.74 8.80
C VAL A 64 -6.58 -8.55 7.59
N ASP A 65 -7.85 -8.97 7.54
CA ASP A 65 -8.41 -9.73 6.41
C ASP A 65 -8.52 -8.88 5.12
N ASP A 66 -8.80 -7.58 5.27
CA ASP A 66 -8.85 -6.62 4.16
C ASP A 66 -7.43 -6.30 3.65
N ALA A 67 -6.46 -6.17 4.56
CA ALA A 67 -5.05 -5.97 4.23
C ALA A 67 -4.44 -7.21 3.52
N LYS A 68 -4.81 -8.43 3.96
CA LYS A 68 -4.38 -9.67 3.30
C LYS A 68 -4.93 -9.77 1.87
N GLU A 69 -6.21 -9.47 1.66
CA GLU A 69 -6.81 -9.44 0.32
C GLU A 69 -6.17 -8.36 -0.57
N ALA A 70 -5.95 -7.15 -0.06
CA ALA A 70 -5.28 -6.08 -0.79
C ALA A 70 -3.86 -6.47 -1.21
N LYS A 71 -3.06 -7.05 -0.31
CA LYS A 71 -1.70 -7.52 -0.62
C LYS A 71 -1.72 -8.63 -1.68
N GLU A 72 -2.63 -9.61 -1.59
CA GLU A 72 -2.67 -10.75 -2.52
C GLU A 72 -3.18 -10.36 -3.93
N ARG A 73 -3.96 -9.28 -4.04
CA ARG A 73 -4.55 -8.80 -5.30
C ARG A 73 -3.76 -7.66 -5.96
N ALA A 74 -3.24 -6.69 -5.20
CA ALA A 74 -2.63 -5.47 -5.74
C ALA A 74 -1.15 -5.63 -6.11
N ASN A 75 -0.42 -6.58 -5.51
CA ASN A 75 1.03 -6.72 -5.72
C ASN A 75 1.37 -7.02 -7.19
N GLY A 76 2.04 -6.07 -7.86
CA GLY A 76 2.47 -6.17 -9.25
C GLY A 76 1.48 -5.64 -10.30
N MET A 77 0.33 -5.09 -9.89
CA MET A 77 -0.60 -4.39 -10.80
C MET A 77 0.00 -3.11 -11.42
N GLU A 78 -0.76 -2.45 -12.29
CA GLU A 78 -0.39 -1.19 -12.95
C GLU A 78 -1.24 -0.02 -12.43
N LEU A 79 -0.57 1.08 -12.02
CA LEU A 79 -1.19 2.34 -11.58
C LEU A 79 -0.39 3.52 -12.15
N ASP A 80 -1.06 4.40 -12.92
CA ASP A 80 -0.46 5.50 -13.71
C ASP A 80 0.57 5.00 -14.75
N GLY A 81 0.42 3.75 -15.21
CA GLY A 81 1.38 3.07 -16.09
C GLY A 81 2.59 2.47 -15.37
N ARG A 82 2.70 2.66 -14.05
CA ARG A 82 3.83 2.19 -13.23
C ARG A 82 3.53 0.80 -12.67
N ARG A 83 4.50 -0.11 -12.74
CA ARG A 83 4.39 -1.49 -12.24
C ARG A 83 4.84 -1.56 -10.77
N ILE A 84 3.88 -1.40 -9.87
CA ILE A 84 4.07 -1.25 -8.41
C ILE A 84 4.51 -2.55 -7.71
N ARG A 85 4.84 -2.46 -6.42
CA ARG A 85 5.07 -3.58 -5.51
C ARG A 85 4.37 -3.31 -4.17
N VAL A 86 3.82 -4.33 -3.51
CA VAL A 86 2.94 -4.21 -2.32
C VAL A 86 3.26 -5.31 -1.31
N ASP A 87 3.41 -4.93 -0.04
CA ASP A 87 3.77 -5.82 1.08
C ASP A 87 3.38 -5.21 2.44
N PHE A 88 3.23 -6.05 3.47
CA PHE A 88 2.84 -5.63 4.83
C PHE A 88 3.88 -4.67 5.46
N SER A 89 3.41 -3.61 6.11
CA SER A 89 4.25 -2.60 6.75
C SER A 89 4.37 -2.78 8.28
N ILE A 90 5.21 -1.98 8.95
CA ILE A 90 5.46 -1.93 10.42
C ILE A 90 6.24 -3.15 10.96
N THR A 91 6.01 -4.35 10.40
CA THR A 91 6.70 -5.61 10.73
C THR A 91 8.19 -5.54 10.43
N LYS A 92 9.00 -6.22 11.24
CA LYS A 92 10.47 -6.18 11.20
C LYS A 92 11.09 -6.92 9.99
N ARG A 93 12.29 -6.47 9.59
CA ARG A 93 13.09 -7.08 8.51
C ARG A 93 13.69 -8.44 8.94
N PRO A 94 13.91 -9.39 8.01
CA PRO A 94 14.61 -10.65 8.28
C PRO A 94 16.08 -10.38 8.64
N HIS A 95 16.60 -11.13 9.61
CA HIS A 95 17.91 -10.86 10.24
C HIS A 95 18.59 -12.11 10.86
N THR A 96 18.05 -13.31 10.63
CA THR A 96 18.45 -14.60 11.24
C THR A 96 17.87 -15.80 10.47
N GLY A 1 5.97 -14.13 -9.59
CA GLY A 1 5.76 -13.74 -8.17
C GLY A 1 7.06 -13.80 -7.37
N PRO A 2 7.11 -13.17 -6.17
CA PRO A 2 8.34 -13.02 -5.38
C PRO A 2 8.83 -14.32 -4.73
N LEU A 3 7.98 -15.35 -4.63
CA LEU A 3 8.36 -16.69 -4.18
C LEU A 3 9.35 -17.42 -5.13
N GLY A 4 9.63 -16.85 -6.32
CA GLY A 4 10.67 -17.27 -7.25
C GLY A 4 12.08 -16.81 -6.88
N SER A 5 12.23 -16.00 -5.82
CA SER A 5 13.54 -15.50 -5.35
C SER A 5 13.64 -15.35 -3.82
N ARG A 6 12.67 -14.68 -3.19
CA ARG A 6 12.56 -14.50 -1.73
C ARG A 6 11.19 -13.93 -1.34
N ALA A 7 10.46 -14.67 -0.48
CA ALA A 7 9.16 -14.30 0.07
C ALA A 7 8.85 -15.09 1.36
N ASN A 8 8.03 -14.50 2.25
CA ASN A 8 7.55 -15.10 3.50
C ASN A 8 6.31 -14.33 4.03
N PRO A 9 5.36 -15.02 4.72
CA PRO A 9 4.12 -14.40 5.21
C PRO A 9 4.35 -13.64 6.51
N ASP A 10 3.76 -12.44 6.61
CA ASP A 10 3.70 -11.61 7.83
C ASP A 10 2.51 -10.63 7.75
N PRO A 11 1.25 -11.14 7.74
CA PRO A 11 0.06 -10.35 7.45
C PRO A 11 -0.35 -9.43 8.60
N ASN A 12 -0.79 -8.22 8.25
CA ASN A 12 -1.42 -7.24 9.16
C ASN A 12 -2.22 -6.18 8.37
N CYS A 13 -2.93 -5.29 9.07
CA CYS A 13 -3.81 -4.25 8.50
C CYS A 13 -3.09 -3.16 7.67
N CYS A 14 -1.78 -3.00 7.82
CA CYS A 14 -0.98 -1.97 7.15
C CYS A 14 -0.20 -2.55 5.96
N LEU A 15 -0.29 -1.88 4.81
CA LEU A 15 0.41 -2.21 3.57
C LEU A 15 1.29 -1.05 3.11
N GLY A 16 2.45 -1.37 2.56
CA GLY A 16 3.33 -0.46 1.82
C GLY A 16 3.13 -0.69 0.32
N VAL A 17 3.22 0.39 -0.46
CA VAL A 17 2.96 0.43 -1.90
C VAL A 17 4.10 1.18 -2.57
N PHE A 18 4.74 0.56 -3.57
CA PHE A 18 6.00 1.02 -4.17
C PHE A 18 5.94 1.01 -5.69
N GLY A 19 6.74 1.86 -6.35
CA GLY A 19 6.75 1.98 -7.81
C GLY A 19 5.57 2.80 -8.36
N LEU A 20 5.10 3.78 -7.59
CA LEU A 20 3.97 4.65 -7.92
C LEU A 20 4.37 5.78 -8.88
N SER A 21 3.37 6.34 -9.55
CA SER A 21 3.53 7.57 -10.33
C SER A 21 3.76 8.78 -9.39
N LEU A 22 4.61 9.73 -9.79
CA LEU A 22 4.90 10.92 -8.99
C LEU A 22 3.71 11.91 -8.91
N TYR A 23 2.66 11.67 -9.69
CA TYR A 23 1.38 12.41 -9.69
C TYR A 23 0.27 11.74 -8.87
N THR A 24 0.55 10.59 -8.23
CA THR A 24 -0.39 9.86 -7.36
C THR A 24 -0.75 10.69 -6.13
N THR A 25 -2.01 10.60 -5.67
CA THR A 25 -2.50 11.22 -4.42
C THR A 25 -3.03 10.17 -3.45
N GLU A 26 -3.20 10.57 -2.19
CA GLU A 26 -3.85 9.78 -1.15
C GLU A 26 -5.35 9.55 -1.42
N ARG A 27 -5.92 10.18 -2.46
CA ARG A 27 -7.28 9.93 -2.97
C ARG A 27 -7.28 8.91 -4.12
N ASP A 28 -6.24 8.89 -4.97
CA ASP A 28 -6.06 7.85 -5.98
C ASP A 28 -5.82 6.50 -5.32
N LEU A 29 -4.91 6.45 -4.33
CA LEU A 29 -4.65 5.24 -3.55
C LEU A 29 -5.89 4.76 -2.81
N ARG A 30 -6.69 5.65 -2.22
CA ARG A 30 -8.02 5.29 -1.69
C ARG A 30 -8.89 4.63 -2.76
N GLU A 31 -9.08 5.25 -3.91
CA GLU A 31 -9.94 4.72 -4.99
C GLU A 31 -9.43 3.38 -5.57
N VAL A 32 -8.10 3.20 -5.67
CA VAL A 32 -7.47 1.99 -6.24
C VAL A 32 -7.47 0.80 -5.26
N PHE A 33 -7.43 1.06 -3.95
CA PHE A 33 -7.38 0.02 -2.92
C PHE A 33 -8.70 -0.19 -2.15
N SER A 34 -9.67 0.73 -2.18
CA SER A 34 -10.94 0.56 -1.44
C SER A 34 -11.87 -0.50 -2.04
N LYS A 35 -11.62 -0.92 -3.28
CA LYS A 35 -12.26 -2.07 -3.92
C LYS A 35 -12.00 -3.41 -3.20
N TYR A 36 -11.05 -3.45 -2.26
CA TYR A 36 -10.68 -4.62 -1.47
C TYR A 36 -11.20 -4.60 -0.01
N GLY A 37 -11.72 -3.46 0.48
CA GLY A 37 -12.23 -3.30 1.85
C GLY A 37 -12.11 -1.89 2.45
N PRO A 38 -12.44 -1.74 3.76
CA PRO A 38 -12.48 -0.45 4.45
C PRO A 38 -11.07 0.07 4.74
N ILE A 39 -10.84 1.36 4.46
CA ILE A 39 -9.54 2.04 4.62
C ILE A 39 -9.69 3.20 5.62
N ALA A 40 -8.81 3.24 6.62
CA ALA A 40 -8.81 4.25 7.67
C ALA A 40 -8.06 5.53 7.24
N ASP A 41 -6.90 5.38 6.59
CA ASP A 41 -6.08 6.47 6.05
C ASP A 41 -5.00 5.96 5.08
N VAL A 42 -4.27 6.87 4.45
CA VAL A 42 -3.21 6.65 3.44
C VAL A 42 -2.16 7.76 3.57
N SER A 43 -0.89 7.42 3.38
CA SER A 43 0.25 8.36 3.48
C SER A 43 1.27 8.12 2.35
N ILE A 44 1.47 9.10 1.45
CA ILE A 44 2.55 9.07 0.44
C ILE A 44 3.84 9.64 1.05
N VAL A 45 5.00 9.16 0.61
CA VAL A 45 6.32 9.62 1.08
C VAL A 45 6.88 10.68 0.13
N TYR A 46 7.33 11.80 0.70
CA TYR A 46 7.79 13.00 -0.02
C TYR A 46 9.21 13.43 0.36
N ASP A 47 9.89 14.14 -0.55
CA ASP A 47 11.26 14.64 -0.40
C ASP A 47 11.38 15.68 0.75
N GLN A 48 12.42 15.52 1.57
CA GLN A 48 12.64 16.29 2.79
C GLN A 48 13.03 17.76 2.56
N GLN A 49 13.33 18.18 1.33
CA GLN A 49 13.61 19.59 0.97
C GLN A 49 12.61 20.14 -0.06
N SER A 50 12.30 19.37 -1.12
CA SER A 50 11.52 19.86 -2.27
C SER A 50 10.02 19.48 -2.24
N ARG A 51 9.61 18.56 -1.35
CA ARG A 51 8.24 18.02 -1.24
C ARG A 51 7.75 17.27 -2.50
N ARG A 52 8.64 16.92 -3.43
CA ARG A 52 8.39 16.00 -4.56
C ARG A 52 8.00 14.62 -4.04
N SER A 53 7.15 13.88 -4.75
CA SER A 53 6.90 12.47 -4.42
C SER A 53 8.19 11.64 -4.60
N ARG A 54 8.40 10.64 -3.73
CA ARG A 54 9.49 9.67 -3.84
C ARG A 54 9.09 8.38 -4.58
N GLY A 55 7.82 8.24 -4.98
CA GLY A 55 7.30 7.09 -5.74
C GLY A 55 6.86 5.92 -4.87
N PHE A 56 6.58 6.15 -3.57
CA PHE A 56 6.10 5.13 -2.64
C PHE A 56 5.25 5.73 -1.51
N ALA A 57 4.45 4.85 -0.88
CA ALA A 57 3.37 5.17 0.04
C ALA A 57 2.99 4.00 0.95
N PHE A 58 2.08 4.25 1.88
CA PHE A 58 1.50 3.28 2.81
C PHE A 58 -0.02 3.46 2.90
N VAL A 59 -0.75 2.35 3.04
CA VAL A 59 -2.21 2.24 3.01
C VAL A 59 -2.67 1.41 4.21
N TYR A 60 -3.65 1.90 4.98
CA TYR A 60 -4.05 1.32 6.27
C TYR A 60 -5.53 0.89 6.26
N PHE A 61 -5.79 -0.41 6.35
CA PHE A 61 -7.14 -0.97 6.37
C PHE A 61 -7.73 -0.95 7.79
N GLU A 62 -9.05 -0.79 7.89
CA GLU A 62 -9.78 -0.87 9.16
C GLU A 62 -9.96 -2.33 9.65
N ASN A 63 -9.71 -3.30 8.76
CA ASN A 63 -9.72 -4.75 9.04
C ASN A 63 -8.34 -5.37 8.74
N VAL A 64 -7.86 -6.23 9.64
CA VAL A 64 -6.63 -7.03 9.45
C VAL A 64 -6.75 -8.02 8.28
N ASP A 65 -7.97 -8.50 7.97
CA ASP A 65 -8.20 -9.58 7.01
C ASP A 65 -8.46 -9.09 5.57
N ASP A 66 -9.00 -7.87 5.40
CA ASP A 66 -9.16 -7.27 4.07
C ASP A 66 -7.84 -6.76 3.46
N ALA A 67 -6.87 -6.42 4.31
CA ALA A 67 -5.50 -6.09 3.90
C ALA A 67 -4.81 -7.28 3.21
N LYS A 68 -5.13 -8.52 3.61
CA LYS A 68 -4.58 -9.73 2.99
C LYS A 68 -5.06 -9.86 1.54
N GLU A 69 -6.37 -9.73 1.31
CA GLU A 69 -6.97 -9.74 -0.01
C GLU A 69 -6.41 -8.61 -0.89
N ALA A 70 -6.31 -7.39 -0.35
CA ALA A 70 -5.73 -6.25 -1.05
C ALA A 70 -4.28 -6.51 -1.49
N LYS A 71 -3.42 -6.99 -0.59
CA LYS A 71 -2.03 -7.35 -0.89
C LYS A 71 -1.92 -8.43 -1.98
N GLU A 72 -2.73 -9.49 -1.89
CA GLU A 72 -2.72 -10.58 -2.87
C GLU A 72 -3.25 -10.16 -4.25
N ARG A 73 -4.21 -9.23 -4.32
CA ARG A 73 -4.80 -8.73 -5.57
C ARG A 73 -3.95 -7.64 -6.24
N ALA A 74 -3.41 -6.70 -5.46
CA ALA A 74 -2.75 -5.50 -5.99
C ALA A 74 -1.25 -5.71 -6.32
N ASN A 75 -0.56 -6.66 -5.68
CA ASN A 75 0.89 -6.82 -5.89
C ASN A 75 1.23 -7.18 -7.34
N GLY A 76 1.87 -6.24 -8.05
CA GLY A 76 2.37 -6.40 -9.42
C GLY A 76 1.41 -5.97 -10.54
N MET A 77 0.24 -5.41 -10.21
CA MET A 77 -0.64 -4.78 -11.20
C MET A 77 -0.06 -3.45 -11.76
N GLU A 78 -0.83 -2.76 -12.60
CA GLU A 78 -0.46 -1.48 -13.20
C GLU A 78 -1.39 -0.36 -12.72
N LEU A 79 -0.79 0.74 -12.21
CA LEU A 79 -1.46 2.00 -11.87
C LEU A 79 -0.74 3.17 -12.58
N ASP A 80 -1.47 3.93 -13.40
CA ASP A 80 -0.97 5.07 -14.19
C ASP A 80 0.18 4.68 -15.13
N GLY A 81 0.15 3.45 -15.66
CA GLY A 81 1.19 2.89 -16.53
C GLY A 81 2.43 2.38 -15.79
N ARG A 82 2.48 2.49 -14.45
CA ARG A 82 3.61 2.05 -13.61
C ARG A 82 3.32 0.67 -12.99
N ARG A 83 4.30 -0.24 -13.08
CA ARG A 83 4.24 -1.58 -12.48
C ARG A 83 4.57 -1.54 -10.99
N ILE A 84 3.54 -1.44 -10.15
CA ILE A 84 3.66 -1.31 -8.68
C ILE A 84 4.13 -2.61 -8.02
N ARG A 85 4.54 -2.52 -6.75
CA ARG A 85 4.80 -3.64 -5.84
C ARG A 85 4.10 -3.35 -4.51
N VAL A 86 3.57 -4.38 -3.83
CA VAL A 86 2.71 -4.25 -2.63
C VAL A 86 3.02 -5.36 -1.63
N ASP A 87 3.19 -5.00 -0.36
CA ASP A 87 3.54 -5.92 0.73
C ASP A 87 3.12 -5.34 2.10
N PHE A 88 3.01 -6.19 3.12
CA PHE A 88 2.67 -5.80 4.49
C PHE A 88 3.75 -4.89 5.10
N SER A 89 3.35 -3.88 5.88
CA SER A 89 4.23 -2.88 6.49
C SER A 89 4.14 -2.85 8.02
N ILE A 90 5.23 -2.40 8.67
CA ILE A 90 5.42 -2.41 10.13
C ILE A 90 5.95 -1.06 10.66
N THR A 91 5.73 0.03 9.89
CA THR A 91 6.22 1.40 10.15
C THR A 91 5.36 2.06 11.22
N LYS A 92 5.50 1.59 12.46
CA LYS A 92 4.63 1.90 13.61
C LYS A 92 5.40 2.37 14.87
N ARG A 93 6.74 2.47 14.77
CA ARG A 93 7.73 2.81 15.80
C ARG A 93 7.95 1.67 16.84
N PRO A 94 9.17 1.55 17.41
CA PRO A 94 9.46 0.69 18.56
C PRO A 94 9.01 1.39 19.86
N HIS A 95 9.62 1.07 21.00
CA HIS A 95 9.36 1.71 22.30
C HIS A 95 10.03 3.12 22.42
N THR A 96 10.11 3.86 21.31
CA THR A 96 10.72 5.20 21.15
C THR A 96 10.15 5.90 19.92
N GLY A 1 -6.86 -19.98 -4.44
CA GLY A 1 -6.81 -21.17 -3.56
C GLY A 1 -7.35 -20.89 -2.16
N PRO A 2 -7.54 -21.93 -1.33
CA PRO A 2 -8.06 -21.82 0.04
C PRO A 2 -7.01 -21.24 1.00
N LEU A 3 -7.47 -20.68 2.11
CA LEU A 3 -6.64 -20.03 3.14
C LEU A 3 -7.15 -20.23 4.59
N GLY A 4 -8.45 -20.53 4.77
CA GLY A 4 -9.06 -20.68 6.11
C GLY A 4 -8.48 -21.81 6.94
N SER A 5 -7.97 -22.87 6.29
CA SER A 5 -7.28 -23.99 6.93
C SER A 5 -5.88 -23.64 7.48
N ARG A 6 -5.37 -22.43 7.19
CA ARG A 6 -4.06 -21.91 7.60
C ARG A 6 -4.13 -20.52 8.26
N ALA A 7 -5.34 -19.99 8.49
CA ALA A 7 -5.58 -18.65 9.03
C ALA A 7 -5.26 -18.55 10.54
N ASN A 8 -4.95 -17.33 10.99
CA ASN A 8 -4.55 -17.00 12.37
C ASN A 8 -4.74 -15.49 12.64
N PRO A 9 -5.36 -15.09 13.77
CA PRO A 9 -5.56 -13.68 14.11
C PRO A 9 -4.26 -13.05 14.60
N ASP A 10 -3.88 -11.92 14.01
CA ASP A 10 -2.65 -11.14 14.28
C ASP A 10 -2.77 -9.75 13.63
N PRO A 11 -2.48 -8.64 14.35
CA PRO A 11 -2.66 -7.28 13.81
C PRO A 11 -1.56 -6.94 12.80
N ASN A 12 -1.96 -6.79 11.53
CA ASN A 12 -1.04 -6.59 10.39
C ASN A 12 -1.76 -5.92 9.19
N CYS A 13 -2.75 -5.07 9.45
CA CYS A 13 -3.60 -4.39 8.45
C CYS A 13 -2.90 -3.22 7.70
N CYS A 14 -1.67 -2.89 8.08
CA CYS A 14 -0.81 -1.89 7.47
C CYS A 14 -0.03 -2.47 6.27
N LEU A 15 -0.21 -1.86 5.09
CA LEU A 15 0.47 -2.22 3.84
C LEU A 15 1.33 -1.06 3.35
N GLY A 16 2.51 -1.38 2.80
CA GLY A 16 3.36 -0.45 2.05
C GLY A 16 3.13 -0.64 0.55
N VAL A 17 3.22 0.45 -0.21
CA VAL A 17 2.94 0.52 -1.65
C VAL A 17 4.07 1.30 -2.31
N PHE A 18 4.62 0.77 -3.41
CA PHE A 18 5.84 1.26 -4.05
C PHE A 18 5.73 1.24 -5.58
N GLY A 19 6.59 1.99 -6.28
CA GLY A 19 6.58 2.07 -7.75
C GLY A 19 5.45 2.93 -8.29
N LEU A 20 4.95 3.89 -7.49
CA LEU A 20 3.90 4.85 -7.86
C LEU A 20 4.41 5.91 -8.84
N SER A 21 3.52 6.76 -9.33
CA SER A 21 3.89 7.93 -10.15
C SER A 21 4.29 9.14 -9.27
N LEU A 22 5.10 10.04 -9.82
CA LEU A 22 5.44 11.32 -9.18
C LEU A 22 4.20 12.22 -8.98
N TYR A 23 3.16 11.99 -9.79
CA TYR A 23 1.87 12.68 -9.78
C TYR A 23 0.73 11.90 -9.07
N THR A 24 0.99 10.71 -8.50
CA THR A 24 -0.01 9.93 -7.72
C THR A 24 -0.40 10.74 -6.48
N THR A 25 -1.70 10.76 -6.17
CA THR A 25 -2.28 11.41 -4.98
C THR A 25 -3.00 10.39 -4.11
N GLU A 26 -3.27 10.75 -2.85
CA GLU A 26 -4.04 9.89 -1.96
C GLU A 26 -5.50 9.72 -2.41
N ARG A 27 -6.01 10.60 -3.29
CA ARG A 27 -7.30 10.44 -3.96
C ARG A 27 -7.30 9.17 -4.82
N ASP A 28 -6.20 8.92 -5.55
CA ASP A 28 -6.02 7.73 -6.38
C ASP A 28 -5.93 6.49 -5.50
N LEU A 29 -5.05 6.48 -4.49
CA LEU A 29 -4.84 5.32 -3.61
C LEU A 29 -6.10 4.95 -2.84
N ARG A 30 -6.79 5.92 -2.22
CA ARG A 30 -8.04 5.67 -1.48
C ARG A 30 -9.14 5.10 -2.39
N GLU A 31 -9.20 5.48 -3.67
CA GLU A 31 -10.13 4.90 -4.64
C GLU A 31 -9.67 3.49 -5.10
N VAL A 32 -8.40 3.34 -5.49
CA VAL A 32 -7.84 2.12 -6.12
C VAL A 32 -7.74 0.94 -5.15
N PHE A 33 -7.61 1.22 -3.85
CA PHE A 33 -7.52 0.19 -2.79
C PHE A 33 -8.84 -0.06 -2.03
N SER A 34 -9.83 0.86 -2.08
CA SER A 34 -11.11 0.65 -1.37
C SER A 34 -11.99 -0.47 -1.96
N LYS A 35 -11.73 -0.86 -3.22
CA LYS A 35 -12.35 -2.05 -3.84
C LYS A 35 -12.03 -3.38 -3.13
N TYR A 36 -11.04 -3.40 -2.23
CA TYR A 36 -10.61 -4.57 -1.47
C TYR A 36 -11.13 -4.60 -0.01
N GLY A 37 -11.79 -3.53 0.46
CA GLY A 37 -12.36 -3.43 1.82
C GLY A 37 -12.20 -2.06 2.50
N PRO A 38 -12.54 -1.97 3.81
CA PRO A 38 -12.60 -0.72 4.56
C PRO A 38 -11.19 -0.17 4.84
N ILE A 39 -11.00 1.13 4.62
CA ILE A 39 -9.71 1.85 4.79
C ILE A 39 -9.85 2.85 5.94
N ALA A 40 -8.91 2.78 6.90
CA ALA A 40 -8.79 3.69 8.02
C ALA A 40 -7.99 4.96 7.65
N ASP A 41 -6.92 4.83 6.85
CA ASP A 41 -6.09 5.94 6.35
C ASP A 41 -5.15 5.52 5.21
N VAL A 42 -4.44 6.49 4.63
CA VAL A 42 -3.40 6.38 3.60
C VAL A 42 -2.37 7.49 3.82
N SER A 43 -1.10 7.23 3.54
CA SER A 43 -0.01 8.21 3.64
C SER A 43 0.99 8.08 2.47
N ILE A 44 1.01 9.05 1.54
CA ILE A 44 2.06 9.13 0.50
C ILE A 44 3.32 9.79 1.08
N VAL A 45 4.50 9.31 0.67
CA VAL A 45 5.79 9.92 1.04
C VAL A 45 6.13 11.03 0.04
N TYR A 46 6.04 12.28 0.49
CA TYR A 46 6.36 13.48 -0.28
C TYR A 46 7.75 14.03 0.08
N ASP A 47 8.47 14.51 -0.94
CA ASP A 47 9.85 14.96 -0.84
C ASP A 47 10.02 16.21 0.04
N GLN A 48 11.00 16.20 0.96
CA GLN A 48 11.17 17.24 1.97
C GLN A 48 11.84 18.54 1.45
N GLN A 49 12.19 18.61 0.15
CA GLN A 49 12.77 19.82 -0.48
C GLN A 49 11.94 20.35 -1.66
N SER A 50 11.00 19.55 -2.21
CA SER A 50 10.25 19.90 -3.43
C SER A 50 8.76 19.45 -3.44
N ARG A 51 8.32 18.67 -2.44
CA ARG A 51 6.93 18.22 -2.20
C ARG A 51 6.35 17.28 -3.28
N ARG A 52 7.16 16.84 -4.25
CA ARG A 52 6.80 15.78 -5.22
C ARG A 52 6.64 14.44 -4.51
N SER A 53 5.82 13.53 -5.05
CA SER A 53 5.80 12.15 -4.53
C SER A 53 7.14 11.47 -4.83
N ARG A 54 7.73 10.79 -3.83
CA ARG A 54 8.95 9.98 -4.00
C ARG A 54 8.67 8.62 -4.66
N GLY A 55 7.42 8.32 -5.03
CA GLY A 55 7.01 7.09 -5.72
C GLY A 55 6.61 5.95 -4.77
N PHE A 56 6.31 6.25 -3.50
CA PHE A 56 5.90 5.26 -2.50
C PHE A 56 5.02 5.85 -1.38
N ALA A 57 4.31 4.95 -0.71
CA ALA A 57 3.21 5.25 0.20
C ALA A 57 2.89 4.06 1.14
N PHE A 58 1.95 4.27 2.06
CA PHE A 58 1.40 3.27 2.95
C PHE A 58 -0.13 3.38 2.98
N VAL A 59 -0.81 2.24 3.11
CA VAL A 59 -2.28 2.09 3.08
C VAL A 59 -2.70 1.25 4.30
N TYR A 60 -3.70 1.72 5.05
CA TYR A 60 -4.11 1.15 6.33
C TYR A 60 -5.57 0.70 6.30
N PHE A 61 -5.81 -0.61 6.33
CA PHE A 61 -7.16 -1.19 6.36
C PHE A 61 -7.72 -1.25 7.79
N GLU A 62 -9.05 -1.26 7.91
CA GLU A 62 -9.75 -1.46 9.19
C GLU A 62 -9.81 -2.94 9.62
N ASN A 63 -9.32 -3.85 8.76
CA ASN A 63 -9.28 -5.30 8.96
C ASN A 63 -8.01 -5.91 8.34
N VAL A 64 -7.33 -6.80 9.06
CA VAL A 64 -6.16 -7.54 8.55
C VAL A 64 -6.54 -8.51 7.43
N ASP A 65 -7.73 -9.11 7.45
CA ASP A 65 -8.15 -10.06 6.41
C ASP A 65 -8.54 -9.37 5.09
N ASP A 66 -9.00 -8.11 5.14
CA ASP A 66 -9.16 -7.29 3.93
C ASP A 66 -7.80 -6.77 3.41
N ALA A 67 -6.83 -6.55 4.30
CA ALA A 67 -5.45 -6.21 3.91
C ALA A 67 -4.74 -7.37 3.19
N LYS A 68 -4.98 -8.63 3.60
CA LYS A 68 -4.47 -9.81 2.88
C LYS A 68 -4.98 -9.86 1.43
N GLU A 69 -6.28 -9.65 1.23
CA GLU A 69 -6.89 -9.59 -0.09
C GLU A 69 -6.31 -8.44 -0.93
N ALA A 70 -6.25 -7.22 -0.37
CA ALA A 70 -5.70 -6.05 -1.03
C ALA A 70 -4.25 -6.28 -1.49
N LYS A 71 -3.37 -6.76 -0.59
CA LYS A 71 -1.98 -7.08 -0.89
C LYS A 71 -1.85 -8.11 -2.03
N GLU A 72 -2.60 -9.22 -1.98
CA GLU A 72 -2.51 -10.30 -2.97
C GLU A 72 -3.14 -9.92 -4.33
N ARG A 73 -4.15 -9.05 -4.35
CA ARG A 73 -4.78 -8.56 -5.58
C ARG A 73 -3.99 -7.43 -6.25
N ALA A 74 -3.44 -6.49 -5.47
CA ALA A 74 -2.80 -5.28 -6.00
C ALA A 74 -1.31 -5.45 -6.36
N ASN A 75 -0.59 -6.38 -5.73
CA ASN A 75 0.86 -6.52 -5.94
C ASN A 75 1.21 -6.82 -7.42
N GLY A 76 1.88 -5.86 -8.07
CA GLY A 76 2.38 -5.96 -9.45
C GLY A 76 1.43 -5.47 -10.55
N MET A 77 0.21 -5.03 -10.22
CA MET A 77 -0.73 -4.44 -11.19
C MET A 77 -0.24 -3.09 -11.78
N GLU A 78 -1.07 -2.52 -12.67
CA GLU A 78 -0.86 -1.18 -13.26
C GLU A 78 -1.70 -0.11 -12.55
N LEU A 79 -1.05 1.01 -12.18
CA LEU A 79 -1.69 2.24 -11.70
C LEU A 79 -0.97 3.45 -12.36
N ASP A 80 -1.71 4.26 -13.10
CA ASP A 80 -1.22 5.44 -13.87
C ASP A 80 -0.17 5.07 -14.95
N GLY A 81 -0.20 3.80 -15.41
CA GLY A 81 0.76 3.22 -16.35
C GLY A 81 2.01 2.64 -15.69
N ARG A 82 2.19 2.86 -14.38
CA ARG A 82 3.35 2.41 -13.59
C ARG A 82 3.12 1.00 -13.04
N ARG A 83 4.15 0.15 -13.06
CA ARG A 83 4.14 -1.17 -12.43
C ARG A 83 4.51 -1.05 -10.94
N ILE A 84 3.48 -1.10 -10.09
CA ILE A 84 3.60 -0.98 -8.63
C ILE A 84 4.14 -2.28 -7.96
N ARG A 85 4.32 -2.21 -6.63
CA ARG A 85 4.61 -3.33 -5.72
C ARG A 85 3.85 -3.09 -4.41
N VAL A 86 3.33 -4.13 -3.77
CA VAL A 86 2.50 -4.07 -2.55
C VAL A 86 2.86 -5.23 -1.61
N ASP A 87 3.06 -4.91 -0.33
CA ASP A 87 3.43 -5.87 0.73
C ASP A 87 3.07 -5.34 2.12
N PHE A 88 3.04 -6.20 3.14
CA PHE A 88 2.79 -5.82 4.53
C PHE A 88 3.89 -4.89 5.07
N SER A 89 3.51 -3.90 5.88
CA SER A 89 4.44 -2.90 6.43
C SER A 89 5.31 -3.44 7.59
N ILE A 90 6.35 -2.69 7.96
CA ILE A 90 7.45 -3.06 8.87
C ILE A 90 7.94 -1.86 9.69
N THR A 91 8.86 -2.11 10.65
CA THR A 91 9.55 -1.10 11.46
C THR A 91 11.00 -1.52 11.73
N LYS A 92 11.88 -0.52 11.84
CA LYS A 92 13.33 -0.70 12.03
C LYS A 92 13.80 -0.54 13.49
N ARG A 93 12.86 -0.29 14.43
CA ARG A 93 13.15 -0.09 15.86
C ARG A 93 13.81 -1.34 16.49
N PRO A 94 14.89 -1.19 17.29
CA PRO A 94 15.58 -2.30 17.93
C PRO A 94 14.80 -2.87 19.11
N HIS A 95 15.09 -4.11 19.48
CA HIS A 95 14.46 -4.83 20.60
C HIS A 95 15.34 -6.03 21.04
N THR A 96 15.37 -6.32 22.35
CA THR A 96 16.19 -7.38 22.99
C THR A 96 15.48 -8.02 24.19
N GLY A 1 -7.19 -12.84 -15.05
CA GLY A 1 -7.34 -14.27 -14.72
C GLY A 1 -6.83 -14.59 -13.31
N PRO A 2 -6.49 -15.87 -13.02
CA PRO A 2 -5.94 -16.32 -11.74
C PRO A 2 -4.62 -15.63 -11.37
N LEU A 3 -4.29 -15.65 -10.07
CA LEU A 3 -3.06 -15.06 -9.53
C LEU A 3 -1.78 -15.88 -9.84
N GLY A 4 -1.93 -17.12 -10.35
CA GLY A 4 -0.82 -17.95 -10.85
C GLY A 4 0.07 -18.59 -9.77
N SER A 5 -0.32 -18.48 -8.50
CA SER A 5 0.48 -18.88 -7.33
C SER A 5 -0.37 -18.94 -6.05
N ARG A 6 0.16 -19.52 -4.97
CA ARG A 6 -0.52 -19.67 -3.68
C ARG A 6 0.47 -19.78 -2.51
N ALA A 7 0.21 -19.00 -1.45
CA ALA A 7 1.00 -18.90 -0.22
C ALA A 7 0.19 -18.21 0.89
N ASN A 8 0.52 -18.47 2.16
CA ASN A 8 -0.17 -17.89 3.31
C ASN A 8 0.18 -16.38 3.49
N PRO A 9 -0.81 -15.46 3.48
CA PRO A 9 -0.58 -14.03 3.72
C PRO A 9 -0.32 -13.75 5.21
N ASP A 10 0.37 -12.65 5.49
CA ASP A 10 0.69 -12.20 6.86
C ASP A 10 -0.54 -11.51 7.51
N PRO A 11 -0.99 -11.90 8.72
CA PRO A 11 -2.08 -11.23 9.41
C PRO A 11 -1.61 -9.88 9.95
N ASN A 12 -1.87 -8.83 9.15
CA ASN A 12 -1.34 -7.48 9.34
C ASN A 12 -2.16 -6.46 8.53
N CYS A 13 -2.71 -5.44 9.19
CA CYS A 13 -3.64 -4.46 8.62
C CYS A 13 -2.98 -3.34 7.78
N CYS A 14 -1.65 -3.22 7.76
CA CYS A 14 -0.93 -2.14 7.06
C CYS A 14 -0.03 -2.65 5.93
N LEU A 15 -0.10 -1.97 4.79
CA LEU A 15 0.62 -2.28 3.55
C LEU A 15 1.43 -1.06 3.10
N GLY A 16 2.63 -1.31 2.58
CA GLY A 16 3.45 -0.36 1.85
C GLY A 16 3.28 -0.58 0.35
N VAL A 17 3.30 0.50 -0.42
CA VAL A 17 3.02 0.53 -1.86
C VAL A 17 4.15 1.33 -2.53
N PHE A 18 4.84 0.71 -3.50
CA PHE A 18 6.09 1.20 -4.07
C PHE A 18 6.05 1.20 -5.61
N GLY A 19 6.79 2.12 -6.24
CA GLY A 19 6.82 2.27 -7.71
C GLY A 19 5.67 3.13 -8.25
N LEU A 20 5.22 4.12 -7.47
CA LEU A 20 4.12 5.04 -7.80
C LEU A 20 4.57 6.21 -8.68
N SER A 21 3.60 6.93 -9.22
CA SER A 21 3.82 8.15 -10.02
C SER A 21 3.90 9.41 -9.14
N LEU A 22 4.56 10.47 -9.65
CA LEU A 22 4.53 11.80 -9.03
C LEU A 22 3.14 12.47 -9.17
N TYR A 23 2.32 12.00 -10.11
CA TYR A 23 0.91 12.41 -10.27
C TYR A 23 -0.08 11.56 -9.44
N THR A 24 0.37 10.49 -8.75
CA THR A 24 -0.43 9.74 -7.77
C THR A 24 -0.64 10.59 -6.52
N THR A 25 -1.86 10.57 -5.98
CA THR A 25 -2.23 11.18 -4.69
C THR A 25 -2.92 10.15 -3.80
N GLU A 26 -3.07 10.44 -2.52
CA GLU A 26 -3.84 9.61 -1.58
C GLU A 26 -5.33 9.50 -1.96
N ARG A 27 -5.82 10.34 -2.88
CA ARG A 27 -7.17 10.25 -3.46
C ARG A 27 -7.26 9.11 -4.48
N ASP A 28 -6.18 8.86 -5.23
CA ASP A 28 -6.06 7.74 -6.15
C ASP A 28 -5.88 6.43 -5.37
N LEU A 29 -4.94 6.43 -4.40
CA LEU A 29 -4.66 5.26 -3.57
C LEU A 29 -5.90 4.81 -2.78
N ARG A 30 -6.64 5.71 -2.12
CA ARG A 30 -7.87 5.30 -1.41
C ARG A 30 -8.92 4.71 -2.36
N GLU A 31 -9.04 5.20 -3.59
CA GLU A 31 -9.97 4.66 -4.59
C GLU A 31 -9.51 3.29 -5.14
N VAL A 32 -8.20 3.12 -5.36
CA VAL A 32 -7.60 1.89 -5.94
C VAL A 32 -7.47 0.76 -4.91
N PHE A 33 -7.36 1.07 -3.63
CA PHE A 33 -7.21 0.08 -2.54
C PHE A 33 -8.49 -0.16 -1.71
N SER A 34 -9.51 0.73 -1.73
CA SER A 34 -10.80 0.43 -1.09
C SER A 34 -11.65 -0.62 -1.83
N LYS A 35 -11.17 -1.09 -3.00
CA LYS A 35 -11.72 -2.24 -3.73
C LYS A 35 -11.74 -3.54 -2.90
N TYR A 36 -10.93 -3.61 -1.84
CA TYR A 36 -10.64 -4.83 -1.07
C TYR A 36 -11.18 -4.81 0.38
N GLY A 37 -11.62 -3.66 0.88
CA GLY A 37 -12.14 -3.50 2.25
C GLY A 37 -12.09 -2.06 2.81
N PRO A 38 -12.50 -1.87 4.09
CA PRO A 38 -12.54 -0.57 4.76
C PRO A 38 -11.13 -0.05 5.05
N ILE A 39 -10.89 1.23 4.77
CA ILE A 39 -9.59 1.90 4.94
C ILE A 39 -9.68 2.95 6.07
N ALA A 40 -8.68 2.94 6.96
CA ALA A 40 -8.55 3.82 8.11
C ALA A 40 -7.61 5.02 7.86
N ASP A 41 -6.61 4.86 6.99
CA ASP A 41 -5.60 5.89 6.66
C ASP A 41 -4.83 5.53 5.36
N VAL A 42 -4.22 6.55 4.75
CA VAL A 42 -3.43 6.50 3.49
C VAL A 42 -2.44 7.67 3.52
N SER A 43 -1.18 7.45 3.12
CA SER A 43 -0.13 8.49 3.17
C SER A 43 0.99 8.22 2.16
N ILE A 44 1.29 9.19 1.28
CA ILE A 44 2.44 9.18 0.34
C ILE A 44 3.67 9.82 1.01
N VAL A 45 4.86 9.29 0.71
CA VAL A 45 6.13 9.87 1.16
C VAL A 45 6.56 10.98 0.19
N TYR A 46 6.48 12.23 0.66
CA TYR A 46 6.92 13.43 -0.05
C TYR A 46 8.29 13.92 0.44
N ASP A 47 9.12 14.40 -0.49
CA ASP A 47 10.49 14.82 -0.24
C ASP A 47 10.60 16.02 0.71
N GLN A 48 11.57 16.00 1.62
CA GLN A 48 11.72 17.00 2.69
C GLN A 48 12.44 18.29 2.27
N GLN A 49 12.85 18.43 0.99
CA GLN A 49 13.40 19.67 0.43
C GLN A 49 12.58 20.14 -0.79
N SER A 50 12.14 19.24 -1.66
CA SER A 50 11.48 19.57 -2.94
C SER A 50 9.98 19.23 -2.98
N ARG A 51 9.43 18.56 -1.95
CA ARG A 51 7.99 18.27 -1.76
C ARG A 51 7.33 17.39 -2.84
N ARG A 52 8.08 16.90 -3.84
CA ARG A 52 7.64 15.91 -4.83
C ARG A 52 7.49 14.54 -4.16
N SER A 53 6.66 13.66 -4.72
CA SER A 53 6.59 12.27 -4.26
C SER A 53 7.92 11.54 -4.52
N ARG A 54 8.39 10.77 -3.52
CA ARG A 54 9.54 9.86 -3.66
C ARG A 54 9.18 8.53 -4.34
N GLY A 55 7.92 8.35 -4.78
CA GLY A 55 7.46 7.18 -5.54
C GLY A 55 6.94 6.03 -4.67
N PHE A 56 6.59 6.29 -3.40
CA PHE A 56 6.05 5.28 -2.49
C PHE A 56 5.14 5.86 -1.39
N ALA A 57 4.36 4.97 -0.79
CA ALA A 57 3.24 5.26 0.09
C ALA A 57 2.89 4.08 1.02
N PHE A 58 1.97 4.31 1.95
CA PHE A 58 1.45 3.34 2.89
C PHE A 58 -0.09 3.44 2.98
N VAL A 59 -0.74 2.29 3.17
CA VAL A 59 -2.20 2.10 3.17
C VAL A 59 -2.59 1.25 4.38
N TYR A 60 -3.63 1.64 5.10
CA TYR A 60 -4.04 1.06 6.39
C TYR A 60 -5.52 0.65 6.36
N PHE A 61 -5.80 -0.65 6.55
CA PHE A 61 -7.17 -1.19 6.58
C PHE A 61 -7.71 -1.22 8.01
N GLU A 62 -9.03 -1.02 8.15
CA GLU A 62 -9.72 -1.14 9.45
C GLU A 62 -9.88 -2.61 9.89
N ASN A 63 -9.79 -3.55 8.93
CA ASN A 63 -9.82 -5.01 9.15
C ASN A 63 -8.46 -5.63 8.78
N VAL A 64 -7.87 -6.42 9.70
CA VAL A 64 -6.63 -7.19 9.47
C VAL A 64 -6.77 -8.23 8.34
N ASP A 65 -7.98 -8.76 8.13
CA ASP A 65 -8.25 -9.86 7.19
C ASP A 65 -8.50 -9.39 5.74
N ASP A 66 -8.77 -8.10 5.53
CA ASP A 66 -8.99 -7.51 4.20
C ASP A 66 -7.68 -6.98 3.57
N ALA A 67 -6.71 -6.57 4.39
CA ALA A 67 -5.36 -6.24 3.95
C ALA A 67 -4.65 -7.44 3.29
N LYS A 68 -5.00 -8.67 3.70
CA LYS A 68 -4.49 -9.91 3.11
C LYS A 68 -4.84 -9.99 1.61
N GLU A 69 -6.13 -9.90 1.29
CA GLU A 69 -6.60 -9.95 -0.10
C GLU A 69 -6.12 -8.72 -0.89
N ALA A 70 -6.09 -7.53 -0.29
CA ALA A 70 -5.56 -6.32 -0.93
C ALA A 70 -4.11 -6.51 -1.40
N LYS A 71 -3.23 -7.07 -0.55
CA LYS A 71 -1.85 -7.39 -0.93
C LYS A 71 -1.79 -8.42 -2.07
N GLU A 72 -2.59 -9.49 -1.99
CA GLU A 72 -2.62 -10.53 -3.03
C GLU A 72 -3.14 -10.03 -4.39
N ARG A 73 -4.13 -9.13 -4.40
CA ARG A 73 -4.76 -8.58 -5.61
C ARG A 73 -3.91 -7.47 -6.24
N ALA A 74 -3.35 -6.56 -5.43
CA ALA A 74 -2.67 -5.35 -5.93
C ALA A 74 -1.18 -5.54 -6.23
N ASN A 75 -0.49 -6.51 -5.61
CA ASN A 75 0.94 -6.68 -5.81
C ASN A 75 1.30 -7.01 -7.27
N GLY A 76 2.02 -6.09 -7.93
CA GLY A 76 2.53 -6.24 -9.30
C GLY A 76 1.63 -5.72 -10.41
N MET A 77 0.45 -5.15 -10.09
CA MET A 77 -0.39 -4.43 -11.08
C MET A 77 0.24 -3.11 -11.58
N GLU A 78 -0.52 -2.33 -12.34
CA GLU A 78 -0.10 -1.04 -12.90
C GLU A 78 -1.09 0.08 -12.51
N LEU A 79 -0.56 1.19 -11.97
CA LEU A 79 -1.31 2.41 -11.58
C LEU A 79 -0.61 3.63 -12.20
N ASP A 80 -1.37 4.45 -12.95
CA ASP A 80 -0.88 5.63 -13.71
C ASP A 80 0.22 5.25 -14.74
N GLY A 81 0.15 4.04 -15.30
CA GLY A 81 1.15 3.49 -16.21
C GLY A 81 2.44 3.00 -15.54
N ARG A 82 2.55 3.14 -14.22
CA ARG A 82 3.71 2.71 -13.43
C ARG A 82 3.44 1.34 -12.80
N ARG A 83 4.35 0.39 -12.98
CA ARG A 83 4.20 -1.00 -12.48
C ARG A 83 4.73 -1.09 -11.05
N ILE A 84 3.79 -1.26 -10.12
CA ILE A 84 3.99 -1.17 -8.66
C ILE A 84 4.51 -2.48 -8.01
N ARG A 85 4.74 -2.41 -6.70
CA ARG A 85 5.02 -3.52 -5.77
C ARG A 85 4.26 -3.22 -4.46
N VAL A 86 3.70 -4.24 -3.81
CA VAL A 86 2.88 -4.12 -2.59
C VAL A 86 3.23 -5.23 -1.61
N ASP A 87 3.48 -4.86 -0.34
CA ASP A 87 3.91 -5.76 0.74
C ASP A 87 3.43 -5.27 2.12
N PHE A 88 3.34 -6.18 3.09
CA PHE A 88 2.98 -5.86 4.47
C PHE A 88 4.02 -4.98 5.17
N SER A 89 3.58 -4.01 5.97
CA SER A 89 4.43 -2.98 6.58
C SER A 89 4.61 -3.16 8.11
N ILE A 90 5.37 -2.27 8.75
CA ILE A 90 5.80 -2.29 10.15
C ILE A 90 6.26 -0.89 10.58
N THR A 91 6.00 -0.52 11.84
CA THR A 91 6.35 0.77 12.46
C THR A 91 6.31 0.66 13.99
N LYS A 92 7.06 1.54 14.68
CA LYS A 92 7.23 1.56 16.14
C LYS A 92 7.72 2.92 16.65
N ARG A 93 7.35 3.28 17.88
CA ARG A 93 7.75 4.53 18.56
C ARG A 93 9.11 4.37 19.28
N PRO A 94 9.92 5.45 19.41
CA PRO A 94 11.17 5.43 20.18
C PRO A 94 10.87 5.35 21.68
N HIS A 95 11.83 4.79 22.45
CA HIS A 95 11.68 4.54 23.89
C HIS A 95 13.04 4.58 24.64
N THR A 96 14.04 5.26 24.07
CA THR A 96 15.45 5.29 24.51
C THR A 96 16.12 6.64 24.25
N GLY A 1 -22.75 -10.58 15.52
CA GLY A 1 -22.98 -12.04 15.40
C GLY A 1 -21.76 -12.87 15.82
N PRO A 2 -21.90 -14.20 15.94
CA PRO A 2 -20.85 -15.10 16.44
C PRO A 2 -19.79 -15.49 15.40
N LEU A 3 -20.03 -15.19 14.10
CA LEU A 3 -19.15 -15.39 12.93
C LEU A 3 -18.95 -16.87 12.52
N GLY A 4 -19.01 -17.82 13.46
CA GLY A 4 -18.85 -19.25 13.22
C GLY A 4 -17.39 -19.70 13.00
N SER A 5 -16.42 -18.81 13.27
CA SER A 5 -14.99 -19.00 13.02
C SER A 5 -14.15 -17.96 13.79
N ARG A 6 -12.85 -18.20 13.96
CA ARG A 6 -11.91 -17.38 14.73
C ARG A 6 -10.44 -17.74 14.41
N ALA A 7 -9.53 -16.79 14.65
CA ALA A 7 -8.08 -16.91 14.44
C ALA A 7 -7.31 -15.85 15.26
N ASN A 8 -6.05 -16.13 15.59
CA ASN A 8 -5.21 -15.25 16.40
C ASN A 8 -4.82 -13.95 15.64
N PRO A 9 -5.16 -12.75 16.14
CA PRO A 9 -4.81 -11.47 15.50
C PRO A 9 -3.35 -11.08 15.78
N ASP A 10 -2.81 -10.17 14.96
CA ASP A 10 -1.47 -9.59 15.09
C ASP A 10 -1.40 -8.24 14.33
N PRO A 11 -0.89 -7.14 14.95
CA PRO A 11 -0.81 -5.80 14.34
C PRO A 11 -0.02 -5.76 13.02
N ASN A 12 -0.75 -5.78 11.90
CA ASN A 12 -0.24 -5.94 10.53
C ASN A 12 -1.29 -5.44 9.50
N CYS A 13 -2.11 -4.46 9.92
CA CYS A 13 -3.31 -3.98 9.21
C CYS A 13 -3.01 -2.99 8.07
N CYS A 14 -1.74 -2.77 7.73
CA CYS A 14 -1.33 -1.80 6.71
C CYS A 14 -0.34 -2.40 5.70
N LEU A 15 -0.27 -1.75 4.53
CA LEU A 15 0.46 -2.19 3.36
C LEU A 15 1.32 -1.04 2.82
N GLY A 16 2.54 -1.35 2.41
CA GLY A 16 3.39 -0.44 1.64
C GLY A 16 3.16 -0.67 0.15
N VAL A 17 3.22 0.40 -0.63
CA VAL A 17 2.94 0.44 -2.07
C VAL A 17 4.11 1.17 -2.75
N PHE A 18 4.76 0.51 -3.71
CA PHE A 18 6.04 0.95 -4.28
C PHE A 18 6.01 0.98 -5.81
N GLY A 19 6.72 1.93 -6.43
CA GLY A 19 6.76 2.14 -7.89
C GLY A 19 5.67 3.10 -8.40
N LEU A 20 5.15 3.96 -7.52
CA LEU A 20 4.08 4.93 -7.81
C LEU A 20 4.59 6.12 -8.65
N SER A 21 3.64 6.87 -9.20
CA SER A 21 3.93 8.05 -10.03
C SER A 21 4.19 9.31 -9.20
N LEU A 22 4.87 10.30 -9.78
CA LEU A 22 5.03 11.63 -9.17
C LEU A 22 3.70 12.41 -9.13
N TYR A 23 2.72 12.02 -9.97
CA TYR A 23 1.36 12.57 -10.03
C TYR A 23 0.32 11.77 -9.23
N THR A 24 0.68 10.65 -8.59
CA THR A 24 -0.20 9.86 -7.70
C THR A 24 -0.54 10.68 -6.45
N THR A 25 -1.80 10.62 -6.01
CA THR A 25 -2.29 11.22 -4.76
C THR A 25 -2.88 10.16 -3.83
N GLU A 26 -3.03 10.50 -2.56
CA GLU A 26 -3.73 9.65 -1.59
C GLU A 26 -5.21 9.41 -1.99
N ARG A 27 -5.82 10.31 -2.77
CA ARG A 27 -7.18 10.13 -3.31
C ARG A 27 -7.22 9.03 -4.37
N ASP A 28 -6.21 8.95 -5.25
CA ASP A 28 -6.08 7.85 -6.23
C ASP A 28 -5.91 6.52 -5.51
N LEU A 29 -4.99 6.46 -4.54
CA LEU A 29 -4.75 5.25 -3.75
C LEU A 29 -6.01 4.80 -3.01
N ARG A 30 -6.73 5.69 -2.31
CA ARG A 30 -8.02 5.34 -1.70
C ARG A 30 -9.03 4.82 -2.74
N GLU A 31 -9.17 5.49 -3.88
CA GLU A 31 -10.13 5.07 -4.93
C GLU A 31 -9.79 3.70 -5.52
N VAL A 32 -8.51 3.38 -5.72
CA VAL A 32 -8.06 2.11 -6.33
C VAL A 32 -8.04 0.94 -5.32
N PHE A 33 -7.79 1.21 -4.03
CA PHE A 33 -7.68 0.18 -2.99
C PHE A 33 -8.98 -0.03 -2.17
N SER A 34 -9.93 0.91 -2.15
CA SER A 34 -11.15 0.78 -1.34
C SER A 34 -12.09 -0.35 -1.80
N LYS A 35 -11.94 -0.81 -3.06
CA LYS A 35 -12.62 -2.01 -3.58
C LYS A 35 -12.28 -3.32 -2.82
N TYR A 36 -11.23 -3.32 -2.00
CA TYR A 36 -10.77 -4.47 -1.21
C TYR A 36 -11.16 -4.42 0.28
N GLY A 37 -11.82 -3.33 0.74
CA GLY A 37 -12.29 -3.16 2.12
C GLY A 37 -12.07 -1.76 2.72
N PRO A 38 -12.35 -1.59 4.04
CA PRO A 38 -12.32 -0.30 4.74
C PRO A 38 -10.89 0.19 4.95
N ILE A 39 -10.64 1.48 4.68
CA ILE A 39 -9.31 2.13 4.75
C ILE A 39 -9.38 3.32 5.71
N ALA A 40 -8.60 3.26 6.78
CA ALA A 40 -8.55 4.26 7.86
C ALA A 40 -7.67 5.48 7.50
N ASP A 41 -6.63 5.29 6.68
CA ASP A 41 -5.63 6.30 6.32
C ASP A 41 -4.81 5.88 5.09
N VAL A 42 -4.11 6.84 4.48
CA VAL A 42 -3.16 6.68 3.37
C VAL A 42 -2.14 7.83 3.43
N SER A 43 -0.87 7.56 3.12
CA SER A 43 0.20 8.59 3.13
C SER A 43 1.31 8.27 2.11
N ILE A 44 1.64 9.24 1.24
CA ILE A 44 2.72 9.14 0.23
C ILE A 44 4.02 9.73 0.80
N VAL A 45 5.18 9.16 0.44
CA VAL A 45 6.50 9.59 0.92
C VAL A 45 7.09 10.65 -0.01
N TYR A 46 7.55 11.76 0.59
CA TYR A 46 8.14 12.91 -0.08
C TYR A 46 9.52 13.29 0.51
N ASP A 47 10.31 14.05 -0.25
CA ASP A 47 11.63 14.52 0.15
C ASP A 47 11.60 15.71 1.14
N GLN A 48 12.54 15.74 2.09
CA GLN A 48 12.56 16.71 3.19
C GLN A 48 13.12 18.10 2.79
N GLN A 49 13.67 18.26 1.58
CA GLN A 49 14.23 19.53 1.10
C GLN A 49 13.53 20.01 -0.18
N SER A 50 13.41 19.15 -1.19
CA SER A 50 12.83 19.51 -2.49
C SER A 50 11.32 19.20 -2.62
N ARG A 51 10.76 18.44 -1.67
CA ARG A 51 9.33 18.06 -1.58
C ARG A 51 8.83 17.23 -2.78
N ARG A 52 9.73 16.70 -3.60
CA ARG A 52 9.43 15.71 -4.65
C ARG A 52 8.91 14.41 -4.05
N SER A 53 8.04 13.70 -4.76
CA SER A 53 7.66 12.34 -4.36
C SER A 53 8.84 11.37 -4.56
N ARG A 54 9.02 10.43 -3.62
CA ARG A 54 10.02 9.36 -3.72
C ARG A 54 9.48 8.10 -4.43
N GLY A 55 8.22 8.12 -4.90
CA GLY A 55 7.61 7.04 -5.69
C GLY A 55 7.08 5.87 -4.86
N PHE A 56 6.76 6.09 -3.57
CA PHE A 56 6.18 5.07 -2.69
C PHE A 56 5.31 5.67 -1.58
N ALA A 57 4.48 4.82 -0.98
CA ALA A 57 3.40 5.17 -0.06
C ALA A 57 2.99 4.01 0.83
N PHE A 58 2.11 4.28 1.79
CA PHE A 58 1.53 3.32 2.73
C PHE A 58 0.00 3.51 2.81
N VAL A 59 -0.72 2.39 2.85
CA VAL A 59 -2.19 2.30 2.86
C VAL A 59 -2.63 1.50 4.10
N TYR A 60 -3.52 2.06 4.91
CA TYR A 60 -3.90 1.53 6.23
C TYR A 60 -5.34 1.02 6.22
N PHE A 61 -5.55 -0.30 6.25
CA PHE A 61 -6.87 -0.92 6.36
C PHE A 61 -7.35 -0.96 7.82
N GLU A 62 -8.66 -0.97 8.02
CA GLU A 62 -9.29 -1.08 9.35
C GLU A 62 -9.27 -2.53 9.90
N ASN A 63 -8.72 -3.47 9.13
CA ASN A 63 -8.73 -4.92 9.37
C ASN A 63 -7.53 -5.61 8.69
N VAL A 64 -6.87 -6.55 9.39
CA VAL A 64 -5.80 -7.39 8.84
C VAL A 64 -6.31 -8.36 7.76
N ASP A 65 -7.59 -8.79 7.84
CA ASP A 65 -8.16 -9.72 6.85
C ASP A 65 -8.53 -9.04 5.53
N ASP A 66 -8.91 -7.75 5.56
CA ASP A 66 -9.08 -6.93 4.36
C ASP A 66 -7.73 -6.48 3.77
N ALA A 67 -6.69 -6.28 4.61
CA ALA A 67 -5.32 -6.03 4.14
C ALA A 67 -4.76 -7.22 3.34
N LYS A 68 -5.04 -8.46 3.75
CA LYS A 68 -4.65 -9.66 2.99
C LYS A 68 -5.31 -9.70 1.61
N GLU A 69 -6.62 -9.43 1.53
CA GLU A 69 -7.35 -9.38 0.27
C GLU A 69 -6.79 -8.31 -0.67
N ALA A 70 -6.54 -7.10 -0.15
CA ALA A 70 -5.95 -6.00 -0.92
C ALA A 70 -4.55 -6.35 -1.45
N LYS A 71 -3.65 -6.84 -0.60
CA LYS A 71 -2.29 -7.22 -1.00
C LYS A 71 -2.30 -8.30 -2.10
N GLU A 72 -3.13 -9.33 -1.97
CA GLU A 72 -3.20 -10.48 -2.89
C GLU A 72 -4.02 -10.18 -4.17
N ARG A 73 -4.46 -8.94 -4.35
CA ARG A 73 -5.16 -8.45 -5.55
C ARG A 73 -4.50 -7.23 -6.21
N ALA A 74 -3.89 -6.33 -5.42
CA ALA A 74 -3.21 -5.14 -5.92
C ALA A 74 -1.73 -5.37 -6.28
N ASN A 75 -1.06 -6.37 -5.68
CA ASN A 75 0.36 -6.63 -5.96
C ASN A 75 0.59 -7.00 -7.45
N GLY A 76 1.36 -6.15 -8.16
CA GLY A 76 1.73 -6.34 -9.56
C GLY A 76 0.77 -5.73 -10.59
N MET A 77 -0.28 -5.01 -10.16
CA MET A 77 -1.12 -4.20 -11.06
C MET A 77 -0.36 -3.01 -11.69
N GLU A 78 -1.08 -2.15 -12.42
CA GLU A 78 -0.57 -0.90 -13.01
C GLU A 78 -1.44 0.28 -12.54
N LEU A 79 -0.79 1.38 -12.13
CA LEU A 79 -1.44 2.61 -11.64
C LEU A 79 -0.73 3.84 -12.22
N ASP A 80 -1.50 4.71 -12.90
CA ASP A 80 -1.03 5.91 -13.64
C ASP A 80 -0.02 5.57 -14.75
N GLY A 81 -0.10 4.35 -15.30
CA GLY A 81 0.82 3.80 -16.29
C GLY A 81 2.10 3.22 -15.70
N ARG A 82 2.28 3.27 -14.37
CA ARG A 82 3.46 2.76 -13.66
C ARG A 82 3.21 1.33 -13.17
N ARG A 83 4.19 0.45 -13.33
CA ARG A 83 4.20 -0.89 -12.72
C ARG A 83 4.60 -0.80 -11.24
N ILE A 84 3.90 -1.53 -10.36
CA ILE A 84 4.03 -1.42 -8.89
C ILE A 84 4.32 -2.75 -8.17
N ARG A 85 4.54 -2.65 -6.86
CA ARG A 85 4.63 -3.76 -5.89
C ARG A 85 3.81 -3.39 -4.65
N VAL A 86 3.16 -4.36 -4.00
CA VAL A 86 2.33 -4.19 -2.79
C VAL A 86 2.66 -5.31 -1.79
N ASP A 87 2.88 -4.95 -0.53
CA ASP A 87 3.41 -5.84 0.50
C ASP A 87 3.05 -5.37 1.92
N PHE A 88 3.06 -6.27 2.90
CA PHE A 88 2.64 -6.00 4.27
C PHE A 88 3.59 -5.09 5.05
N SER A 89 3.03 -4.35 6.00
CA SER A 89 3.74 -3.50 6.97
C SER A 89 3.21 -3.74 8.39
N ILE A 90 4.11 -3.89 9.36
CA ILE A 90 3.75 -4.08 10.78
C ILE A 90 3.13 -2.79 11.33
N THR A 91 1.90 -2.88 11.86
CA THR A 91 1.23 -1.79 12.57
C THR A 91 1.97 -1.52 13.88
N LYS A 92 2.26 -0.25 14.15
CA LYS A 92 3.17 0.19 15.22
C LYS A 92 2.79 -0.31 16.63
N ARG A 93 3.82 -0.69 17.40
CA ARG A 93 3.74 -1.27 18.75
C ARG A 93 5.11 -1.19 19.47
N PRO A 94 5.14 -1.03 20.82
CA PRO A 94 6.38 -0.89 21.59
C PRO A 94 7.13 -2.22 21.74
N HIS A 95 8.42 -2.14 22.06
CA HIS A 95 9.32 -3.28 22.29
C HIS A 95 10.56 -2.84 23.10
N THR A 96 11.06 -3.71 23.99
CA THR A 96 12.22 -3.50 24.89
C THR A 96 12.74 -4.85 25.40
N GLY A 1 13.58 -17.76 -4.69
CA GLY A 1 12.17 -18.16 -4.88
C GLY A 1 11.42 -17.19 -5.79
N PRO A 2 10.16 -17.53 -6.19
CA PRO A 2 9.34 -16.71 -7.08
C PRO A 2 8.78 -15.47 -6.36
N LEU A 3 8.46 -14.43 -7.13
CA LEU A 3 7.96 -13.14 -6.65
C LEU A 3 6.42 -13.02 -6.62
N GLY A 4 5.70 -14.14 -6.81
CA GLY A 4 4.22 -14.18 -6.81
C GLY A 4 3.66 -13.74 -5.45
N SER A 5 2.75 -12.77 -5.47
CA SER A 5 2.18 -12.10 -4.28
C SER A 5 3.24 -11.39 -3.40
N ARG A 6 4.47 -11.21 -3.90
CA ARG A 6 5.68 -10.68 -3.24
C ARG A 6 6.26 -11.61 -2.15
N ALA A 7 5.40 -12.33 -1.43
CA ALA A 7 5.63 -13.26 -0.33
C ALA A 7 4.29 -13.86 0.13
N ASN A 8 4.30 -14.77 1.11
CA ASN A 8 3.08 -15.33 1.70
C ASN A 8 2.19 -14.25 2.40
N PRO A 9 0.89 -14.53 2.64
CA PRO A 9 0.03 -13.70 3.49
C PRO A 9 0.54 -13.62 4.94
N ASP A 10 0.13 -12.57 5.66
CA ASP A 10 0.52 -12.29 7.05
C ASP A 10 -0.57 -11.47 7.75
N PRO A 11 -0.94 -11.77 9.01
CA PRO A 11 -2.01 -11.07 9.72
C PRO A 11 -1.55 -9.67 10.16
N ASN A 12 -1.80 -8.69 9.29
CA ASN A 12 -1.41 -7.29 9.44
C ASN A 12 -2.27 -6.38 8.56
N CYS A 13 -2.90 -5.35 9.16
CA CYS A 13 -3.84 -4.44 8.51
C CYS A 13 -3.20 -3.33 7.65
N CYS A 14 -1.87 -3.13 7.70
CA CYS A 14 -1.20 -2.06 6.95
C CYS A 14 -0.12 -2.56 5.99
N LEU A 15 -0.07 -1.90 4.83
CA LEU A 15 0.68 -2.25 3.63
C LEU A 15 1.50 -1.05 3.14
N GLY A 16 2.70 -1.32 2.61
CA GLY A 16 3.51 -0.38 1.86
C GLY A 16 3.31 -0.62 0.37
N VAL A 17 3.31 0.46 -0.41
CA VAL A 17 3.05 0.49 -1.86
C VAL A 17 4.17 1.28 -2.51
N PHE A 18 4.87 0.66 -3.47
CA PHE A 18 6.13 1.16 -4.04
C PHE A 18 6.09 1.16 -5.58
N GLY A 19 6.87 2.05 -6.20
CA GLY A 19 6.92 2.19 -7.67
C GLY A 19 5.80 3.06 -8.23
N LEU A 20 5.31 4.02 -7.43
CA LEU A 20 4.23 4.95 -7.77
C LEU A 20 4.72 6.11 -8.66
N SER A 21 3.78 6.83 -9.26
CA SER A 21 4.06 8.00 -10.09
C SER A 21 4.22 9.28 -9.25
N LEU A 22 4.89 10.29 -9.82
CA LEU A 22 4.95 11.64 -9.25
C LEU A 22 3.58 12.35 -9.33
N TYR A 23 2.71 11.90 -10.24
CA TYR A 23 1.32 12.36 -10.38
C TYR A 23 0.30 11.58 -9.52
N THR A 24 0.71 10.51 -8.81
CA THR A 24 -0.14 9.76 -7.86
C THR A 24 -0.38 10.61 -6.61
N THR A 25 -1.61 10.56 -6.08
CA THR A 25 -2.02 11.16 -4.79
C THR A 25 -2.64 10.11 -3.89
N GLU A 26 -2.78 10.41 -2.60
CA GLU A 26 -3.52 9.56 -1.67
C GLU A 26 -5.00 9.39 -2.05
N ARG A 27 -5.58 10.34 -2.81
CA ARG A 27 -6.94 10.22 -3.33
C ARG A 27 -7.03 9.13 -4.41
N ASP A 28 -6.02 9.03 -5.29
CA ASP A 28 -5.92 7.95 -6.29
C ASP A 28 -5.74 6.60 -5.59
N LEU A 29 -4.81 6.52 -4.62
CA LEU A 29 -4.56 5.30 -3.85
C LEU A 29 -5.83 4.83 -3.12
N ARG A 30 -6.54 5.71 -2.40
CA ARG A 30 -7.83 5.36 -1.79
C ARG A 30 -8.84 4.87 -2.84
N GLU A 31 -9.00 5.58 -3.96
CA GLU A 31 -9.98 5.22 -5.01
C GLU A 31 -9.67 3.89 -5.69
N VAL A 32 -8.39 3.54 -5.88
CA VAL A 32 -7.95 2.28 -6.52
C VAL A 32 -7.99 1.09 -5.54
N PHE A 33 -7.61 1.29 -4.26
CA PHE A 33 -7.52 0.20 -3.27
C PHE A 33 -8.82 -0.04 -2.49
N SER A 34 -9.78 0.89 -2.47
CA SER A 34 -11.01 0.70 -1.67
C SER A 34 -11.95 -0.40 -2.20
N LYS A 35 -11.74 -0.87 -3.44
CA LYS A 35 -12.42 -2.05 -3.98
C LYS A 35 -12.03 -3.37 -3.27
N TYR A 36 -10.99 -3.36 -2.42
CA TYR A 36 -10.57 -4.49 -1.59
C TYR A 36 -11.14 -4.47 -0.16
N GLY A 37 -11.71 -3.34 0.31
CA GLY A 37 -12.26 -3.18 1.67
C GLY A 37 -12.13 -1.77 2.27
N PRO A 38 -12.48 -1.61 3.56
CA PRO A 38 -12.49 -0.32 4.28
C PRO A 38 -11.06 0.14 4.59
N ILE A 39 -10.76 1.42 4.31
CA ILE A 39 -9.42 2.02 4.47
C ILE A 39 -9.50 3.20 5.44
N ALA A 40 -8.77 3.09 6.55
CA ALA A 40 -8.74 4.06 7.64
C ALA A 40 -7.82 5.26 7.36
N ASP A 41 -6.74 5.05 6.60
CA ASP A 41 -5.71 6.06 6.30
C ASP A 41 -4.84 5.65 5.09
N VAL A 42 -4.16 6.63 4.48
CA VAL A 42 -3.20 6.50 3.37
C VAL A 42 -2.24 7.69 3.43
N SER A 43 -0.95 7.48 3.13
CA SER A 43 0.07 8.53 3.15
C SER A 43 1.21 8.26 2.15
N ILE A 44 1.48 9.19 1.24
CA ILE A 44 2.65 9.16 0.31
C ILE A 44 3.88 9.78 1.01
N VAL A 45 5.07 9.24 0.73
CA VAL A 45 6.34 9.80 1.21
C VAL A 45 6.79 10.91 0.25
N TYR A 46 6.89 12.13 0.78
CA TYR A 46 7.33 13.34 0.07
C TYR A 46 8.71 13.82 0.57
N ASP A 47 9.51 14.38 -0.33
CA ASP A 47 10.89 14.82 -0.10
C ASP A 47 11.02 15.91 0.99
N GLN A 48 12.13 15.86 1.73
CA GLN A 48 12.39 16.69 2.92
C GLN A 48 12.78 18.15 2.61
N GLN A 49 12.96 18.53 1.34
CA GLN A 49 13.36 19.88 0.94
C GLN A 49 12.62 20.39 -0.30
N SER A 50 12.39 19.54 -1.32
CA SER A 50 11.70 19.91 -2.57
C SER A 50 10.21 19.48 -2.59
N ARG A 51 9.78 18.64 -1.63
CA ARG A 51 8.42 18.15 -1.45
C ARG A 51 7.83 17.33 -2.62
N ARG A 52 8.66 16.89 -3.57
CA ARG A 52 8.28 15.94 -4.63
C ARG A 52 7.95 14.57 -4.01
N SER A 53 7.14 13.75 -4.67
CA SER A 53 6.97 12.35 -4.25
C SER A 53 8.28 11.58 -4.41
N ARG A 54 8.62 10.73 -3.42
CA ARG A 54 9.75 9.78 -3.49
C ARG A 54 9.35 8.45 -4.16
N GLY A 55 8.11 8.32 -4.66
CA GLY A 55 7.62 7.18 -5.45
C GLY A 55 7.05 6.03 -4.63
N PHE A 56 6.69 6.26 -3.36
CA PHE A 56 6.12 5.24 -2.48
C PHE A 56 5.22 5.80 -1.37
N ALA A 57 4.42 4.92 -0.77
CA ALA A 57 3.32 5.22 0.13
C ALA A 57 2.99 4.05 1.06
N PHE A 58 2.11 4.31 2.03
CA PHE A 58 1.58 3.34 2.98
C PHE A 58 0.05 3.46 3.06
N VAL A 59 -0.63 2.32 3.22
CA VAL A 59 -2.10 2.15 3.18
C VAL A 59 -2.53 1.33 4.40
N TYR A 60 -3.62 1.75 5.06
CA TYR A 60 -4.08 1.19 6.35
C TYR A 60 -5.56 0.76 6.25
N PHE A 61 -5.84 -0.54 6.35
CA PHE A 61 -7.20 -1.07 6.32
C PHE A 61 -7.82 -1.10 7.72
N GLU A 62 -9.15 -0.98 7.79
CA GLU A 62 -9.92 -1.13 9.04
C GLU A 62 -10.12 -2.61 9.44
N ASN A 63 -9.67 -3.54 8.60
CA ASN A 63 -9.74 -5.00 8.78
C ASN A 63 -8.41 -5.67 8.41
N VAL A 64 -7.94 -6.58 9.27
CA VAL A 64 -6.72 -7.39 9.04
C VAL A 64 -6.90 -8.39 7.89
N ASP A 65 -8.13 -8.85 7.61
CA ASP A 65 -8.41 -9.83 6.54
C ASP A 65 -8.56 -9.18 5.15
N ASP A 66 -9.06 -7.94 5.07
CA ASP A 66 -9.14 -7.22 3.79
C ASP A 66 -7.76 -6.72 3.32
N ALA A 67 -6.84 -6.44 4.25
CA ALA A 67 -5.44 -6.14 3.92
C ALA A 67 -4.72 -7.32 3.28
N LYS A 68 -4.96 -8.55 3.75
CA LYS A 68 -4.37 -9.76 3.15
C LYS A 68 -4.83 -9.94 1.69
N GLU A 69 -6.12 -9.78 1.40
CA GLU A 69 -6.62 -9.83 0.02
C GLU A 69 -6.06 -8.69 -0.83
N ALA A 70 -6.08 -7.44 -0.34
CA ALA A 70 -5.53 -6.29 -1.05
C ALA A 70 -4.06 -6.48 -1.47
N LYS A 71 -3.22 -6.98 -0.55
CA LYS A 71 -1.81 -7.29 -0.80
C LYS A 71 -1.61 -8.35 -1.91
N GLU A 72 -2.47 -9.38 -1.97
CA GLU A 72 -2.43 -10.40 -3.02
C GLU A 72 -2.97 -9.89 -4.36
N ARG A 73 -4.03 -9.06 -4.35
CA ARG A 73 -4.67 -8.53 -5.56
C ARG A 73 -3.84 -7.43 -6.23
N ALA A 74 -3.26 -6.51 -5.46
CA ALA A 74 -2.63 -5.29 -5.95
C ALA A 74 -1.16 -5.47 -6.39
N ASN A 75 -0.43 -6.44 -5.83
CA ASN A 75 1.00 -6.61 -6.13
C ASN A 75 1.26 -6.89 -7.63
N GLY A 76 1.93 -5.95 -8.31
CA GLY A 76 2.31 -6.03 -9.72
C GLY A 76 1.27 -5.49 -10.70
N MET A 77 0.13 -4.95 -10.23
CA MET A 77 -0.82 -4.21 -11.08
C MET A 77 -0.21 -2.91 -11.66
N GLU A 78 -0.99 -2.21 -12.49
CA GLU A 78 -0.56 -0.98 -13.16
C GLU A 78 -1.38 0.23 -12.70
N LEU A 79 -0.70 1.29 -12.24
CA LEU A 79 -1.29 2.55 -11.76
C LEU A 79 -0.52 3.73 -12.34
N ASP A 80 -1.21 4.61 -13.09
CA ASP A 80 -0.64 5.71 -13.90
C ASP A 80 0.37 5.21 -14.96
N GLY A 81 0.20 3.96 -15.43
CA GLY A 81 1.13 3.27 -16.33
C GLY A 81 2.35 2.66 -15.63
N ARG A 82 2.51 2.86 -14.31
CA ARG A 82 3.65 2.38 -13.53
C ARG A 82 3.35 1.00 -12.94
N ARG A 83 4.31 0.08 -13.04
CA ARG A 83 4.22 -1.27 -12.47
C ARG A 83 4.74 -1.28 -11.02
N ILE A 84 3.79 -1.28 -10.10
CA ILE A 84 4.01 -1.18 -8.64
C ILE A 84 4.48 -2.50 -7.99
N ARG A 85 4.80 -2.43 -6.69
CA ARG A 85 5.09 -3.54 -5.78
C ARG A 85 4.36 -3.27 -4.45
N VAL A 86 3.78 -4.30 -3.83
CA VAL A 86 2.93 -4.19 -2.62
C VAL A 86 3.27 -5.30 -1.63
N ASP A 87 3.44 -4.94 -0.36
CA ASP A 87 3.77 -5.87 0.74
C ASP A 87 3.35 -5.29 2.11
N PHE A 88 3.35 -6.12 3.16
CA PHE A 88 2.99 -5.71 4.53
C PHE A 88 4.04 -4.76 5.14
N SER A 89 3.60 -3.88 6.04
CA SER A 89 4.45 -2.86 6.69
C SER A 89 4.08 -2.70 8.18
N ILE A 90 5.02 -2.23 9.01
CA ILE A 90 4.85 -2.06 10.46
C ILE A 90 5.82 -0.97 10.99
N THR A 91 5.37 -0.20 11.98
CA THR A 91 6.08 0.96 12.57
C THR A 91 6.87 0.63 13.84
N LYS A 92 6.91 -0.64 14.25
CA LYS A 92 7.49 -1.09 15.53
C LYS A 92 8.00 -2.55 15.43
N ARG A 93 9.17 -2.83 16.02
CA ARG A 93 9.78 -4.17 16.07
C ARG A 93 8.93 -5.12 16.95
N PRO A 94 8.60 -6.35 16.50
CA PRO A 94 7.85 -7.32 17.30
C PRO A 94 8.71 -7.91 18.42
N HIS A 95 8.06 -8.43 19.46
CA HIS A 95 8.72 -8.94 20.68
C HIS A 95 9.40 -10.31 20.51
N THR A 96 9.05 -11.06 19.45
CA THR A 96 9.55 -12.42 19.12
C THR A 96 9.65 -12.68 17.61
N GLY A 1 -3.44 -13.80 -14.39
CA GLY A 1 -4.23 -15.05 -14.45
C GLY A 1 -5.58 -14.94 -13.72
N PRO A 2 -6.46 -15.94 -13.85
CA PRO A 2 -7.81 -15.93 -13.28
C PRO A 2 -7.87 -16.31 -11.79
N LEU A 3 -6.76 -16.79 -11.21
CA LEU A 3 -6.65 -17.29 -9.83
C LEU A 3 -5.31 -16.88 -9.21
N GLY A 4 -5.26 -16.81 -7.87
CA GLY A 4 -4.05 -16.49 -7.10
C GLY A 4 -3.18 -17.72 -6.83
N SER A 5 -1.88 -17.48 -6.64
CA SER A 5 -0.85 -18.54 -6.53
C SER A 5 0.23 -18.25 -5.46
N ARG A 6 -0.04 -17.32 -4.52
CA ARG A 6 0.92 -16.84 -3.52
C ARG A 6 0.23 -16.32 -2.24
N ALA A 7 0.93 -16.43 -1.11
CA ALA A 7 0.50 -16.03 0.23
C ALA A 7 1.72 -15.77 1.14
N ASN A 8 1.50 -15.27 2.37
CA ASN A 8 2.56 -14.85 3.29
C ASN A 8 2.09 -14.93 4.77
N PRO A 9 2.84 -15.60 5.68
CA PRO A 9 2.50 -15.66 7.11
C PRO A 9 2.81 -14.33 7.81
N ASP A 10 2.16 -14.10 8.95
CA ASP A 10 2.25 -12.89 9.79
C ASP A 10 1.90 -11.58 9.02
N PRO A 11 0.68 -11.46 8.46
CA PRO A 11 0.20 -10.25 7.79
C PRO A 11 -0.16 -9.15 8.82
N ASN A 12 -0.48 -7.94 8.32
CA ASN A 12 -0.87 -6.79 9.14
C ASN A 12 -1.76 -5.80 8.37
N CYS A 13 -2.55 -4.99 9.09
CA CYS A 13 -3.46 -3.97 8.58
C CYS A 13 -2.79 -2.92 7.67
N CYS A 14 -1.50 -2.66 7.88
CA CYS A 14 -0.71 -1.67 7.15
C CYS A 14 -0.02 -2.33 5.94
N LEU A 15 -0.28 -1.79 4.73
CA LEU A 15 0.42 -2.15 3.49
C LEU A 15 1.27 -0.98 3.00
N GLY A 16 2.45 -1.28 2.49
CA GLY A 16 3.30 -0.35 1.74
C GLY A 16 3.06 -0.56 0.24
N VAL A 17 3.15 0.52 -0.53
CA VAL A 17 2.89 0.56 -1.98
C VAL A 17 4.04 1.34 -2.63
N PHE A 18 4.72 0.73 -3.60
CA PHE A 18 5.97 1.21 -4.16
C PHE A 18 5.96 1.20 -5.70
N GLY A 19 6.75 2.06 -6.34
CA GLY A 19 6.81 2.18 -7.81
C GLY A 19 5.66 3.00 -8.39
N LEU A 20 5.10 3.93 -7.61
CA LEU A 20 3.96 4.77 -7.97
C LEU A 20 4.35 5.91 -8.91
N SER A 21 3.35 6.49 -9.58
CA SER A 21 3.49 7.73 -10.34
C SER A 21 3.74 8.92 -9.40
N LEU A 22 4.61 9.85 -9.80
CA LEU A 22 4.96 11.01 -8.97
C LEU A 22 3.82 12.04 -8.82
N TYR A 23 2.71 11.84 -9.56
CA TYR A 23 1.48 12.63 -9.49
C TYR A 23 0.36 11.97 -8.65
N THR A 24 0.62 10.80 -8.03
CA THR A 24 -0.33 10.06 -7.18
C THR A 24 -0.69 10.88 -5.94
N THR A 25 -1.98 10.87 -5.57
CA THR A 25 -2.52 11.44 -4.32
C THR A 25 -3.24 10.38 -3.51
N GLU A 26 -3.54 10.69 -2.25
CA GLU A 26 -4.28 9.80 -1.35
C GLU A 26 -5.69 9.48 -1.89
N ARG A 27 -6.25 10.35 -2.74
CA ARG A 27 -7.52 10.15 -3.45
C ARG A 27 -7.41 8.97 -4.43
N ASP A 28 -6.31 8.89 -5.19
CA ASP A 28 -6.05 7.82 -6.16
C ASP A 28 -5.84 6.49 -5.44
N LEU A 29 -5.03 6.49 -4.37
CA LEU A 29 -4.80 5.30 -3.56
C LEU A 29 -6.09 4.80 -2.89
N ARG A 30 -6.93 5.67 -2.32
CA ARG A 30 -8.26 5.27 -1.85
C ARG A 30 -9.14 4.71 -2.99
N GLU A 31 -9.16 5.35 -4.16
CA GLU A 31 -9.97 4.88 -5.30
C GLU A 31 -9.50 3.50 -5.82
N VAL A 32 -8.20 3.23 -5.83
CA VAL A 32 -7.61 1.98 -6.36
C VAL A 32 -7.61 0.84 -5.33
N PHE A 33 -7.43 1.14 -4.04
CA PHE A 33 -7.29 0.12 -2.99
C PHE A 33 -8.53 -0.06 -2.10
N SER A 34 -9.46 0.90 -2.03
CA SER A 34 -10.67 0.74 -1.17
C SER A 34 -11.69 -0.25 -1.75
N LYS A 35 -11.53 -0.68 -3.02
CA LYS A 35 -12.30 -1.77 -3.61
C LYS A 35 -12.01 -3.15 -2.98
N TYR A 36 -10.97 -3.25 -2.13
CA TYR A 36 -10.59 -4.44 -1.35
C TYR A 36 -11.08 -4.40 0.12
N GLY A 37 -11.70 -3.30 0.57
CA GLY A 37 -12.24 -3.13 1.93
C GLY A 37 -12.00 -1.75 2.56
N PRO A 38 -12.46 -1.54 3.82
CA PRO A 38 -12.40 -0.26 4.54
C PRO A 38 -10.95 0.19 4.81
N ILE A 39 -10.68 1.48 4.58
CA ILE A 39 -9.36 2.10 4.74
C ILE A 39 -9.46 3.25 5.74
N ALA A 40 -8.70 3.15 6.83
CA ALA A 40 -8.65 4.09 7.94
C ALA A 40 -7.77 5.33 7.64
N ASP A 41 -6.72 5.16 6.84
CA ASP A 41 -5.72 6.20 6.53
C ASP A 41 -4.89 5.84 5.29
N VAL A 42 -4.19 6.84 4.74
CA VAL A 42 -3.27 6.75 3.59
C VAL A 42 -2.22 7.86 3.74
N SER A 43 -0.96 7.56 3.42
CA SER A 43 0.15 8.52 3.43
C SER A 43 1.14 8.27 2.28
N ILE A 44 1.72 9.33 1.72
CA ILE A 44 2.62 9.28 0.55
C ILE A 44 3.94 9.99 0.92
N VAL A 45 5.08 9.47 0.48
CA VAL A 45 6.41 10.02 0.81
C VAL A 45 6.79 11.13 -0.18
N TYR A 46 7.06 12.33 0.37
CA TYR A 46 7.46 13.53 -0.36
C TYR A 46 8.86 14.01 0.02
N ASP A 47 9.55 14.65 -0.92
CA ASP A 47 10.97 14.98 -0.84
C ASP A 47 11.31 16.11 0.16
N GLN A 48 12.41 15.89 0.89
CA GLN A 48 12.88 16.74 1.99
C GLN A 48 13.42 18.10 1.55
N GLN A 49 13.76 18.29 0.26
CA GLN A 49 14.35 19.54 -0.26
C GLN A 49 13.54 20.17 -1.41
N SER A 50 12.67 19.41 -2.08
CA SER A 50 11.95 19.86 -3.29
C SER A 50 10.45 19.50 -3.33
N ARG A 51 9.93 18.77 -2.32
CA ARG A 51 8.50 18.49 -2.07
C ARG A 51 7.77 17.64 -3.15
N ARG A 52 8.47 17.20 -4.20
CA ARG A 52 7.99 16.20 -5.17
C ARG A 52 7.71 14.85 -4.48
N SER A 53 6.97 13.96 -5.12
CA SER A 53 6.86 12.58 -4.63
C SER A 53 8.20 11.84 -4.80
N ARG A 54 8.46 10.86 -3.92
CA ARG A 54 9.57 9.89 -4.03
C ARG A 54 9.13 8.53 -4.61
N GLY A 55 7.85 8.39 -5.01
CA GLY A 55 7.34 7.21 -5.74
C GLY A 55 6.87 6.07 -4.84
N PHE A 56 6.59 6.32 -3.56
CA PHE A 56 6.08 5.30 -2.63
C PHE A 56 5.20 5.89 -1.52
N ALA A 57 4.40 4.99 -0.92
CA ALA A 57 3.29 5.29 -0.03
C ALA A 57 2.92 4.11 0.89
N PHE A 58 2.01 4.35 1.82
CA PHE A 58 1.47 3.40 2.78
C PHE A 58 -0.05 3.57 2.90
N VAL A 59 -0.76 2.46 3.01
CA VAL A 59 -2.23 2.35 3.00
C VAL A 59 -2.65 1.50 4.20
N TYR A 60 -3.60 2.00 4.98
CA TYR A 60 -3.98 1.45 6.29
C TYR A 60 -5.42 0.93 6.27
N PHE A 61 -5.61 -0.38 6.22
CA PHE A 61 -6.94 -1.01 6.28
C PHE A 61 -7.46 -1.05 7.71
N GLU A 62 -8.79 -1.04 7.87
CA GLU A 62 -9.43 -1.08 9.20
C GLU A 62 -9.29 -2.44 9.89
N ASN A 63 -9.03 -3.51 9.12
CA ASN A 63 -8.80 -4.88 9.60
C ASN A 63 -7.80 -5.63 8.69
N VAL A 64 -7.00 -6.53 9.27
CA VAL A 64 -5.97 -7.32 8.55
C VAL A 64 -6.59 -8.27 7.49
N ASP A 65 -7.85 -8.66 7.65
CA ASP A 65 -8.54 -9.54 6.70
C ASP A 65 -8.82 -8.86 5.34
N ASP A 66 -8.88 -7.53 5.31
CA ASP A 66 -9.00 -6.71 4.10
C ASP A 66 -7.63 -6.35 3.51
N ALA A 67 -6.60 -6.19 4.37
CA ALA A 67 -5.21 -6.02 3.94
C ALA A 67 -4.66 -7.27 3.24
N LYS A 68 -5.04 -8.48 3.70
CA LYS A 68 -4.73 -9.73 2.99
C LYS A 68 -5.28 -9.72 1.55
N GLU A 69 -6.57 -9.39 1.39
CA GLU A 69 -7.22 -9.31 0.08
C GLU A 69 -6.51 -8.29 -0.83
N ALA A 70 -6.28 -7.07 -0.34
CA ALA A 70 -5.59 -6.03 -1.10
C ALA A 70 -4.19 -6.46 -1.55
N LYS A 71 -3.37 -7.02 -0.65
CA LYS A 71 -2.03 -7.52 -0.99
C LYS A 71 -2.08 -8.67 -2.01
N GLU A 72 -3.02 -9.61 -1.87
CA GLU A 72 -3.17 -10.79 -2.75
C GLU A 72 -3.83 -10.49 -4.11
N ARG A 73 -4.37 -9.28 -4.31
CA ARG A 73 -4.92 -8.80 -5.59
C ARG A 73 -4.07 -7.74 -6.28
N ALA A 74 -3.46 -6.81 -5.53
CA ALA A 74 -2.75 -5.65 -6.08
C ALA A 74 -1.24 -5.86 -6.30
N ASN A 75 -0.63 -6.93 -5.79
CA ASN A 75 0.77 -7.27 -5.97
C ASN A 75 1.18 -7.39 -7.46
N GLY A 76 1.97 -6.41 -7.92
CA GLY A 76 2.60 -6.40 -9.25
C GLY A 76 1.74 -5.90 -10.40
N MET A 77 0.54 -5.37 -10.14
CA MET A 77 -0.30 -4.68 -11.14
C MET A 77 0.32 -3.36 -11.65
N GLU A 78 -0.44 -2.61 -12.46
CA GLU A 78 -0.04 -1.34 -13.06
C GLU A 78 -1.06 -0.23 -12.73
N LEU A 79 -0.58 0.92 -12.23
CA LEU A 79 -1.35 2.12 -11.92
C LEU A 79 -0.69 3.33 -12.60
N ASP A 80 -1.46 4.08 -13.41
CA ASP A 80 -1.02 5.26 -14.18
C ASP A 80 0.16 4.94 -15.13
N GLY A 81 0.18 3.72 -15.67
CA GLY A 81 1.25 3.23 -16.55
C GLY A 81 2.54 2.84 -15.83
N ARG A 82 2.57 2.88 -14.49
CA ARG A 82 3.71 2.49 -13.65
C ARG A 82 3.45 1.13 -12.99
N ARG A 83 4.39 0.20 -13.11
CA ARG A 83 4.29 -1.16 -12.54
C ARG A 83 4.75 -1.16 -11.09
N ILE A 84 3.80 -1.36 -10.17
CA ILE A 84 3.96 -1.20 -8.72
C ILE A 84 4.42 -2.48 -8.00
N ARG A 85 4.60 -2.38 -6.68
CA ARG A 85 4.79 -3.48 -5.72
C ARG A 85 3.91 -3.19 -4.49
N VAL A 86 3.32 -4.22 -3.87
CA VAL A 86 2.41 -4.11 -2.72
C VAL A 86 2.74 -5.21 -1.72
N ASP A 87 2.93 -4.84 -0.45
CA ASP A 87 3.47 -5.72 0.60
C ASP A 87 3.13 -5.26 2.02
N PHE A 88 3.10 -6.21 2.97
CA PHE A 88 2.78 -5.94 4.38
C PHE A 88 3.89 -5.12 5.06
N SER A 89 3.49 -4.21 5.96
CA SER A 89 4.39 -3.33 6.71
C SER A 89 4.00 -3.30 8.21
N ILE A 90 4.97 -3.04 9.10
CA ILE A 90 4.78 -2.93 10.55
C ILE A 90 5.67 -1.78 11.07
N THR A 91 5.08 -0.86 11.84
CA THR A 91 5.71 0.40 12.32
C THR A 91 5.13 0.78 13.67
N LYS A 92 5.98 1.27 14.58
CA LYS A 92 5.59 1.72 15.93
C LYS A 92 4.65 2.95 15.89
N ARG A 93 3.73 3.03 16.86
CA ARG A 93 2.70 4.08 16.98
C ARG A 93 2.19 4.19 18.43
N PRO A 94 2.17 5.39 19.05
CA PRO A 94 1.69 5.60 20.41
C PRO A 94 0.15 5.58 20.46
N HIS A 95 -0.39 5.16 21.61
CA HIS A 95 -1.84 5.04 21.86
C HIS A 95 -2.15 5.31 23.35
N THR A 96 -3.36 5.84 23.63
CA THR A 96 -3.84 6.27 24.97
C THR A 96 -5.33 6.01 25.16
N GLY A 1 10.26 -14.29 -17.68
CA GLY A 1 10.57 -14.56 -16.26
C GLY A 1 9.42 -15.27 -15.53
N PRO A 2 9.62 -15.68 -14.27
CA PRO A 2 8.63 -16.38 -13.46
C PRO A 2 7.51 -15.43 -12.99
N LEU A 3 6.34 -16.01 -12.69
CA LEU A 3 5.13 -15.31 -12.25
C LEU A 3 4.14 -16.28 -11.56
N GLY A 4 3.17 -15.72 -10.81
CA GLY A 4 2.15 -16.48 -10.09
C GLY A 4 2.63 -17.07 -8.76
N SER A 5 3.76 -16.59 -8.24
CA SER A 5 4.41 -17.09 -7.02
C SER A 5 3.52 -17.05 -5.76
N ARG A 6 3.66 -18.06 -4.90
CA ARG A 6 2.88 -18.22 -3.66
C ARG A 6 3.79 -18.21 -2.41
N ALA A 7 3.31 -17.58 -1.34
CA ALA A 7 4.01 -17.37 -0.07
C ALA A 7 3.02 -17.01 1.05
N ASN A 8 3.50 -16.92 2.30
CA ASN A 8 2.70 -16.59 3.48
C ASN A 8 3.51 -15.80 4.54
N PRO A 9 3.83 -14.51 4.27
CA PRO A 9 4.47 -13.61 5.24
C PRO A 9 3.46 -13.20 6.33
N ASP A 10 3.96 -12.73 7.47
CA ASP A 10 3.15 -12.29 8.61
C ASP A 10 2.25 -11.08 8.25
N PRO A 11 0.91 -11.21 8.27
CA PRO A 11 -0.01 -10.18 7.80
C PRO A 11 -0.31 -9.12 8.88
N ASN A 12 -0.79 -7.96 8.45
CA ASN A 12 -1.16 -6.83 9.32
C ASN A 12 -2.15 -5.87 8.60
N CYS A 13 -2.85 -5.02 9.37
CA CYS A 13 -3.88 -4.09 8.89
C CYS A 13 -3.38 -3.02 7.88
N CYS A 14 -2.07 -2.83 7.74
CA CYS A 14 -1.49 -1.83 6.82
C CYS A 14 -0.42 -2.42 5.89
N LEU A 15 -0.31 -1.79 4.72
CA LEU A 15 0.49 -2.22 3.57
C LEU A 15 1.34 -1.07 3.07
N GLY A 16 2.60 -1.35 2.71
CA GLY A 16 3.46 -0.44 1.95
C GLY A 16 3.27 -0.69 0.46
N VAL A 17 3.28 0.39 -0.33
CA VAL A 17 3.00 0.41 -1.77
C VAL A 17 4.13 1.19 -2.44
N PHE A 18 4.82 0.56 -3.40
CA PHE A 18 6.08 1.04 -3.98
C PHE A 18 6.04 1.05 -5.51
N GLY A 19 6.77 1.98 -6.15
CA GLY A 19 6.84 2.13 -7.60
C GLY A 19 5.69 2.96 -8.18
N LEU A 20 5.18 3.93 -7.41
CA LEU A 20 4.06 4.81 -7.76
C LEU A 20 4.49 5.97 -8.68
N SER A 21 3.50 6.64 -9.26
CA SER A 21 3.70 7.85 -10.08
C SER A 21 3.87 9.11 -9.22
N LEU A 22 4.52 10.13 -9.78
CA LEU A 22 4.59 11.48 -9.18
C LEU A 22 3.22 12.18 -9.19
N TYR A 23 2.30 11.74 -10.06
CA TYR A 23 0.91 12.21 -10.13
C TYR A 23 -0.08 11.42 -9.26
N THR A 24 0.36 10.35 -8.58
CA THR A 24 -0.43 9.61 -7.58
C THR A 24 -0.63 10.46 -6.33
N THR A 25 -1.79 10.32 -5.68
CA THR A 25 -2.17 11.01 -4.43
C THR A 25 -2.78 10.03 -3.44
N GLU A 26 -2.91 10.45 -2.19
CA GLU A 26 -3.64 9.71 -1.15
C GLU A 26 -5.15 9.58 -1.44
N ARG A 27 -5.68 10.27 -2.46
CA ARG A 27 -7.04 10.10 -2.98
C ARG A 27 -7.09 9.12 -4.16
N ASP A 28 -6.06 9.13 -5.02
CA ASP A 28 -5.90 8.13 -6.10
C ASP A 28 -5.72 6.72 -5.53
N LEU A 29 -4.86 6.59 -4.51
CA LEU A 29 -4.65 5.34 -3.79
C LEU A 29 -5.94 4.87 -3.09
N ARG A 30 -6.66 5.75 -2.38
CA ARG A 30 -8.01 5.43 -1.86
C ARG A 30 -8.93 4.90 -2.96
N GLU A 31 -9.03 5.59 -4.10
CA GLU A 31 -9.93 5.22 -5.19
C GLU A 31 -9.59 3.85 -5.81
N VAL A 32 -8.30 3.52 -5.98
CA VAL A 32 -7.86 2.25 -6.56
C VAL A 32 -7.92 1.08 -5.56
N PHE A 33 -7.62 1.31 -4.27
CA PHE A 33 -7.53 0.25 -3.26
C PHE A 33 -8.82 0.01 -2.47
N SER A 34 -9.80 0.93 -2.45
CA SER A 34 -11.04 0.73 -1.67
C SER A 34 -11.95 -0.39 -2.22
N LYS A 35 -11.70 -0.87 -3.46
CA LYS A 35 -12.37 -2.06 -4.02
C LYS A 35 -12.04 -3.37 -3.27
N TYR A 36 -11.00 -3.36 -2.43
CA TYR A 36 -10.56 -4.51 -1.63
C TYR A 36 -11.12 -4.53 -0.19
N GLY A 37 -11.74 -3.43 0.28
CA GLY A 37 -12.31 -3.31 1.63
C GLY A 37 -12.18 -1.91 2.26
N PRO A 38 -12.55 -1.75 3.55
CA PRO A 38 -12.59 -0.47 4.26
C PRO A 38 -11.18 0.05 4.54
N ILE A 39 -10.95 1.34 4.27
CA ILE A 39 -9.67 2.04 4.41
C ILE A 39 -9.82 3.18 5.42
N ALA A 40 -8.96 3.17 6.44
CA ALA A 40 -8.91 4.18 7.50
C ALA A 40 -8.04 5.39 7.13
N ASP A 41 -6.94 5.18 6.38
CA ASP A 41 -6.05 6.24 5.90
C ASP A 41 -5.10 5.77 4.79
N VAL A 42 -4.34 6.72 4.22
CA VAL A 42 -3.26 6.54 3.24
C VAL A 42 -2.27 7.70 3.41
N SER A 43 -0.97 7.48 3.18
CA SER A 43 0.08 8.52 3.25
C SER A 43 1.23 8.23 2.27
N ILE A 44 1.57 9.19 1.39
CA ILE A 44 2.71 9.12 0.46
C ILE A 44 3.97 9.71 1.11
N VAL A 45 5.15 9.17 0.79
CA VAL A 45 6.44 9.68 1.25
C VAL A 45 6.93 10.79 0.30
N TYR A 46 7.17 11.97 0.87
CA TYR A 46 7.63 13.18 0.15
C TYR A 46 9.03 13.63 0.62
N ASP A 47 9.82 14.11 -0.33
CA ASP A 47 11.25 14.40 -0.17
C ASP A 47 11.57 15.49 0.86
N GLN A 48 12.66 15.29 1.61
CA GLN A 48 13.08 16.12 2.75
C GLN A 48 13.69 17.48 2.37
N GLN A 49 13.98 17.73 1.09
CA GLN A 49 14.60 18.97 0.60
C GLN A 49 13.76 19.68 -0.46
N SER A 50 12.93 18.97 -1.23
CA SER A 50 12.17 19.53 -2.36
C SER A 50 10.68 19.16 -2.39
N ARG A 51 10.20 18.33 -1.45
CA ARG A 51 8.79 17.92 -1.28
C ARG A 51 8.19 17.12 -2.45
N ARG A 52 9.02 16.71 -3.43
CA ARG A 52 8.65 15.78 -4.51
C ARG A 52 8.23 14.42 -3.94
N SER A 53 7.34 13.69 -4.61
CA SER A 53 7.08 12.29 -4.22
C SER A 53 8.33 11.42 -4.44
N ARG A 54 8.67 10.58 -3.45
CA ARG A 54 9.73 9.58 -3.57
C ARG A 54 9.25 8.28 -4.26
N GLY A 55 7.99 8.21 -4.71
CA GLY A 55 7.44 7.09 -5.48
C GLY A 55 6.92 5.93 -4.63
N PHE A 56 6.63 6.16 -3.34
CA PHE A 56 6.07 5.14 -2.45
C PHE A 56 5.20 5.73 -1.32
N ALA A 57 4.39 4.85 -0.73
CA ALA A 57 3.30 5.17 0.18
C ALA A 57 2.95 4.01 1.11
N PHE A 58 2.09 4.28 2.09
CA PHE A 58 1.53 3.30 3.02
C PHE A 58 0.00 3.46 3.07
N VAL A 59 -0.72 2.35 3.02
CA VAL A 59 -2.18 2.24 2.94
C VAL A 59 -2.67 1.47 4.18
N TYR A 60 -3.71 1.98 4.86
CA TYR A 60 -4.19 1.48 6.15
C TYR A 60 -5.64 1.00 6.06
N PHE A 61 -5.86 -0.32 6.11
CA PHE A 61 -7.20 -0.94 6.14
C PHE A 61 -7.74 -1.00 7.57
N GLU A 62 -9.06 -1.03 7.72
CA GLU A 62 -9.72 -1.11 9.03
C GLU A 62 -9.56 -2.49 9.70
N ASN A 63 -9.24 -3.53 8.92
CA ASN A 63 -9.04 -4.92 9.38
C ASN A 63 -7.98 -5.66 8.54
N VAL A 64 -7.17 -6.50 9.19
CA VAL A 64 -6.15 -7.35 8.53
C VAL A 64 -6.75 -8.34 7.52
N ASP A 65 -8.01 -8.75 7.71
CA ASP A 65 -8.69 -9.71 6.83
C ASP A 65 -9.06 -9.11 5.44
N ASP A 66 -9.08 -7.78 5.34
CA ASP A 66 -9.21 -7.03 4.09
C ASP A 66 -7.84 -6.61 3.52
N ALA A 67 -6.85 -6.36 4.39
CA ALA A 67 -5.47 -6.07 3.99
C ALA A 67 -4.81 -7.26 3.28
N LYS A 68 -5.08 -8.50 3.70
CA LYS A 68 -4.60 -9.72 3.03
C LYS A 68 -5.08 -9.81 1.57
N GLU A 69 -6.38 -9.58 1.34
CA GLU A 69 -6.99 -9.55 0.01
C GLU A 69 -6.36 -8.43 -0.83
N ALA A 70 -6.29 -7.20 -0.30
CA ALA A 70 -5.70 -6.05 -0.98
C ALA A 70 -4.25 -6.29 -1.43
N LYS A 71 -3.39 -6.77 -0.52
CA LYS A 71 -2.01 -7.12 -0.81
C LYS A 71 -1.90 -8.12 -1.97
N GLU A 72 -2.61 -9.26 -1.90
CA GLU A 72 -2.49 -10.34 -2.89
C GLU A 72 -3.11 -9.96 -4.25
N ARG A 73 -4.11 -9.08 -4.29
CA ARG A 73 -4.71 -8.57 -5.54
C ARG A 73 -3.89 -7.44 -6.18
N ALA A 74 -3.36 -6.51 -5.38
CA ALA A 74 -2.67 -5.32 -5.88
C ALA A 74 -1.20 -5.56 -6.24
N ASN A 75 -0.51 -6.50 -5.58
CA ASN A 75 0.92 -6.70 -5.79
C ASN A 75 1.25 -7.05 -7.26
N GLY A 76 1.98 -6.15 -7.94
CA GLY A 76 2.43 -6.31 -9.32
C GLY A 76 1.48 -5.77 -10.39
N MET A 77 0.32 -5.19 -10.03
CA MET A 77 -0.56 -4.46 -10.96
C MET A 77 0.11 -3.21 -11.56
N GLU A 78 -0.60 -2.52 -12.46
CA GLU A 78 -0.17 -1.29 -13.12
C GLU A 78 -1.10 -0.12 -12.75
N LEU A 79 -0.51 0.99 -12.30
CA LEU A 79 -1.21 2.23 -11.92
C LEU A 79 -0.49 3.45 -12.52
N ASP A 80 -1.20 4.23 -13.35
CA ASP A 80 -0.68 5.36 -14.14
C ASP A 80 0.48 4.93 -15.08
N GLY A 81 0.43 3.69 -15.57
CA GLY A 81 1.47 3.09 -16.42
C GLY A 81 2.69 2.58 -15.64
N ARG A 82 2.77 2.81 -14.32
CA ARG A 82 3.86 2.36 -13.45
C ARG A 82 3.52 0.99 -12.85
N ARG A 83 4.46 0.04 -12.89
CA ARG A 83 4.27 -1.33 -12.38
C ARG A 83 4.79 -1.43 -10.95
N ILE A 84 3.85 -1.48 -10.01
CA ILE A 84 4.05 -1.36 -8.56
C ILE A 84 4.50 -2.67 -7.87
N ARG A 85 4.71 -2.59 -6.55
CA ARG A 85 4.92 -3.69 -5.60
C ARG A 85 4.14 -3.39 -4.31
N VAL A 86 3.56 -4.40 -3.66
CA VAL A 86 2.72 -4.26 -2.45
C VAL A 86 3.00 -5.39 -1.46
N ASP A 87 3.20 -5.04 -0.18
CA ASP A 87 3.49 -5.96 0.92
C ASP A 87 3.13 -5.36 2.28
N PHE A 88 2.95 -6.20 3.30
CA PHE A 88 2.57 -5.79 4.66
C PHE A 88 3.61 -4.86 5.31
N SER A 89 3.13 -3.93 6.14
CA SER A 89 3.95 -2.98 6.91
C SER A 89 3.52 -2.95 8.39
N ILE A 90 4.28 -2.23 9.24
CA ILE A 90 4.08 -2.18 10.71
C ILE A 90 4.41 -0.78 11.27
N THR A 91 3.91 -0.51 12.48
CA THR A 91 4.20 0.70 13.29
C THR A 91 4.97 0.28 14.53
N LYS A 92 5.99 1.07 14.91
CA LYS A 92 6.91 0.79 16.02
C LYS A 92 7.02 1.99 16.99
N ARG A 93 7.42 1.71 18.25
CA ARG A 93 7.50 2.69 19.35
C ARG A 93 8.48 2.19 20.44
N PRO A 94 9.35 3.04 21.01
CA PRO A 94 10.25 2.68 22.11
C PRO A 94 9.48 2.54 23.43
N HIS A 95 10.01 1.74 24.35
CA HIS A 95 9.40 1.43 25.67
C HIS A 95 10.49 1.24 26.74
N THR A 96 10.15 1.56 28.01
CA THR A 96 11.05 1.54 29.19
C THR A 96 10.32 1.11 30.46
N GLY A 1 -7.01 -23.80 -12.80
CA GLY A 1 -7.38 -22.38 -12.88
C GLY A 1 -7.00 -21.76 -14.23
N PRO A 2 -7.52 -20.55 -14.54
CA PRO A 2 -7.33 -19.89 -15.84
C PRO A 2 -6.00 -19.13 -15.98
N LEU A 3 -5.23 -18.99 -14.90
CA LEU A 3 -3.98 -18.22 -14.83
C LEU A 3 -3.10 -18.75 -13.69
N GLY A 4 -1.86 -19.13 -13.99
CA GLY A 4 -0.87 -19.65 -13.04
C GLY A 4 0.00 -18.53 -12.46
N SER A 5 0.18 -18.54 -11.14
CA SER A 5 0.94 -17.54 -10.38
C SER A 5 1.25 -18.05 -8.95
N ARG A 6 2.14 -17.34 -8.22
CA ARG A 6 2.59 -17.68 -6.86
C ARG A 6 2.73 -16.42 -6.00
N ALA A 7 2.18 -16.47 -4.78
CA ALA A 7 2.12 -15.39 -3.79
C ALA A 7 1.74 -15.95 -2.40
N ASN A 8 1.73 -15.10 -1.37
CA ASN A 8 1.45 -15.50 0.03
C ASN A 8 1.00 -14.32 0.91
N PRO A 9 -0.18 -14.39 1.58
CA PRO A 9 -0.63 -13.38 2.55
C PRO A 9 0.03 -13.59 3.92
N ASP A 10 -0.17 -12.61 4.82
CA ASP A 10 0.34 -12.59 6.20
C ASP A 10 -0.56 -11.69 7.08
N PRO A 11 -0.90 -12.07 8.33
CA PRO A 11 -1.86 -11.32 9.14
C PRO A 11 -1.25 -10.02 9.67
N ASN A 12 -1.54 -8.92 8.97
CA ASN A 12 -1.08 -7.56 9.26
C ASN A 12 -1.92 -6.51 8.51
N CYS A 13 -2.48 -5.53 9.22
CA CYS A 13 -3.36 -4.48 8.68
C CYS A 13 -2.62 -3.37 7.89
N CYS A 14 -1.28 -3.30 8.00
CA CYS A 14 -0.45 -2.21 7.48
C CYS A 14 0.29 -2.66 6.20
N LEU A 15 0.12 -1.90 5.10
CA LEU A 15 0.66 -2.20 3.77
C LEU A 15 1.53 -1.05 3.25
N GLY A 16 2.61 -1.41 2.55
CA GLY A 16 3.45 -0.49 1.77
C GLY A 16 3.21 -0.69 0.26
N VAL A 17 3.28 0.38 -0.51
CA VAL A 17 2.99 0.44 -1.95
C VAL A 17 4.13 1.22 -2.63
N PHE A 18 4.81 0.60 -3.58
CA PHE A 18 6.06 1.09 -4.17
C PHE A 18 6.01 1.09 -5.71
N GLY A 19 6.72 2.02 -6.35
CA GLY A 19 6.71 2.20 -7.81
C GLY A 19 5.59 3.13 -8.30
N LEU A 20 5.10 4.02 -7.45
CA LEU A 20 4.03 4.98 -7.73
C LEU A 20 4.50 6.17 -8.58
N SER A 21 3.55 6.94 -9.09
CA SER A 21 3.82 8.11 -9.94
C SER A 21 4.03 9.40 -9.13
N LEU A 22 4.64 10.41 -9.76
CA LEU A 22 4.77 11.75 -9.18
C LEU A 22 3.43 12.49 -9.12
N TYR A 23 2.46 12.07 -9.94
CA TYR A 23 1.09 12.60 -10.00
C TYR A 23 0.07 11.81 -9.14
N THR A 24 0.48 10.70 -8.50
CA THR A 24 -0.35 9.90 -7.58
C THR A 24 -0.64 10.70 -6.31
N THR A 25 -1.87 10.59 -5.79
CA THR A 25 -2.33 11.19 -4.52
C THR A 25 -2.96 10.14 -3.62
N GLU A 26 -3.10 10.44 -2.33
CA GLU A 26 -3.83 9.59 -1.39
C GLU A 26 -5.32 9.45 -1.74
N ARG A 27 -5.89 10.39 -2.52
CA ARG A 27 -7.23 10.26 -3.10
C ARG A 27 -7.26 9.12 -4.12
N ASP A 28 -6.28 9.04 -5.03
CA ASP A 28 -6.17 7.97 -6.03
C ASP A 28 -5.95 6.61 -5.35
N LEU A 29 -5.04 6.54 -4.38
CA LEU A 29 -4.78 5.31 -3.61
C LEU A 29 -6.04 4.84 -2.88
N ARG A 30 -6.75 5.72 -2.15
CA ARG A 30 -8.04 5.35 -1.54
C ARG A 30 -9.07 4.89 -2.58
N GLU A 31 -9.18 5.58 -3.72
CA GLU A 31 -10.13 5.22 -4.79
C GLU A 31 -9.83 3.85 -5.42
N VAL A 32 -8.55 3.50 -5.59
CA VAL A 32 -8.11 2.22 -6.20
C VAL A 32 -8.11 1.05 -5.20
N PHE A 33 -7.76 1.30 -3.94
CA PHE A 33 -7.63 0.23 -2.92
C PHE A 33 -8.90 0.00 -2.07
N SER A 34 -9.84 0.95 -1.99
CA SER A 34 -11.05 0.75 -1.16
C SER A 34 -12.04 -0.30 -1.72
N LYS A 35 -11.86 -0.72 -2.98
CA LYS A 35 -12.58 -1.87 -3.56
C LYS A 35 -12.25 -3.22 -2.87
N TYR A 36 -11.15 -3.27 -2.10
CA TYR A 36 -10.71 -4.45 -1.34
C TYR A 36 -11.24 -4.48 0.11
N GLY A 37 -11.86 -3.40 0.61
CA GLY A 37 -12.41 -3.28 1.96
C GLY A 37 -12.14 -1.95 2.67
N PRO A 38 -12.43 -1.85 3.99
CA PRO A 38 -12.40 -0.62 4.77
C PRO A 38 -10.97 -0.13 5.04
N ILE A 39 -10.73 1.17 4.80
CA ILE A 39 -9.42 1.83 4.94
C ILE A 39 -9.49 2.89 6.05
N ALA A 40 -8.52 2.84 6.96
CA ALA A 40 -8.39 3.74 8.10
C ALA A 40 -7.54 4.99 7.80
N ASP A 41 -6.50 4.85 6.96
CA ASP A 41 -5.53 5.90 6.61
C ASP A 41 -4.70 5.50 5.38
N VAL A 42 -4.03 6.48 4.75
CA VAL A 42 -3.15 6.37 3.58
C VAL A 42 -2.16 7.54 3.59
N SER A 43 -0.91 7.31 3.19
CA SER A 43 0.18 8.32 3.24
C SER A 43 1.26 8.11 2.17
N ILE A 44 1.49 9.11 1.29
CA ILE A 44 2.58 9.11 0.30
C ILE A 44 3.85 9.76 0.89
N VAL A 45 5.03 9.26 0.50
CA VAL A 45 6.33 9.80 0.95
C VAL A 45 6.82 10.88 -0.02
N TYR A 46 7.15 12.04 0.54
CA TYR A 46 7.64 13.24 -0.17
C TYR A 46 9.04 13.65 0.33
N ASP A 47 9.85 14.22 -0.56
CA ASP A 47 11.28 14.48 -0.34
C ASP A 47 11.57 15.53 0.74
N GLN A 48 12.63 15.26 1.52
CA GLN A 48 13.06 16.04 2.69
C GLN A 48 13.56 17.46 2.36
N GLN A 49 13.87 17.78 1.09
CA GLN A 49 14.27 19.12 0.66
C GLN A 49 13.54 19.59 -0.61
N SER A 50 13.19 18.69 -1.53
CA SER A 50 12.55 19.02 -2.82
C SER A 50 11.01 18.98 -2.78
N ARG A 51 10.42 18.28 -1.80
CA ARG A 51 8.95 18.10 -1.58
C ARG A 51 8.21 17.36 -2.70
N ARG A 52 8.90 16.91 -3.75
CA ARG A 52 8.37 16.00 -4.79
C ARG A 52 8.18 14.60 -4.22
N SER A 53 7.30 13.78 -4.82
CA SER A 53 7.12 12.39 -4.39
C SER A 53 8.41 11.55 -4.58
N ARG A 54 8.71 10.68 -3.61
CA ARG A 54 9.80 9.68 -3.74
C ARG A 54 9.34 8.38 -4.44
N GLY A 55 8.08 8.31 -4.89
CA GLY A 55 7.54 7.18 -5.67
C GLY A 55 7.03 6.02 -4.83
N PHE A 56 6.69 6.24 -3.56
CA PHE A 56 6.14 5.21 -2.67
C PHE A 56 5.25 5.77 -1.54
N ALA A 57 4.48 4.88 -0.94
CA ALA A 57 3.39 5.18 -0.02
C ALA A 57 3.04 4.00 0.89
N PHE A 58 2.13 4.25 1.82
CA PHE A 58 1.61 3.31 2.80
C PHE A 58 0.08 3.40 2.86
N VAL A 59 -0.57 2.27 3.14
CA VAL A 59 -2.03 2.08 3.12
C VAL A 59 -2.41 1.22 4.34
N TYR A 60 -3.44 1.64 5.07
CA TYR A 60 -3.81 1.05 6.37
C TYR A 60 -5.28 0.62 6.37
N PHE A 61 -5.53 -0.69 6.46
CA PHE A 61 -6.88 -1.26 6.49
C PHE A 61 -7.42 -1.36 7.93
N GLU A 62 -8.74 -1.26 8.08
CA GLU A 62 -9.43 -1.36 9.38
C GLU A 62 -9.51 -2.82 9.89
N ASN A 63 -9.41 -3.80 8.98
CA ASN A 63 -9.55 -5.24 9.26
C ASN A 63 -8.48 -6.06 8.51
N VAL A 64 -7.92 -7.07 9.18
CA VAL A 64 -6.73 -7.81 8.69
C VAL A 64 -7.01 -8.71 7.48
N ASP A 65 -8.23 -9.23 7.32
CA ASP A 65 -8.59 -10.08 6.17
C ASP A 65 -8.74 -9.26 4.87
N ASP A 66 -9.18 -8.00 5.00
CA ASP A 66 -9.26 -7.05 3.89
C ASP A 66 -7.88 -6.50 3.51
N ALA A 67 -6.93 -6.42 4.46
CA ALA A 67 -5.53 -6.12 4.19
C ALA A 67 -4.84 -7.24 3.40
N LYS A 68 -5.07 -8.50 3.78
CA LYS A 68 -4.55 -9.68 3.06
C LYS A 68 -5.09 -9.76 1.63
N GLU A 69 -6.40 -9.51 1.44
CA GLU A 69 -7.04 -9.42 0.14
C GLU A 69 -6.39 -8.31 -0.70
N ALA A 70 -6.34 -7.07 -0.18
CA ALA A 70 -5.77 -5.92 -0.88
C ALA A 70 -4.33 -6.15 -1.35
N LYS A 71 -3.46 -6.64 -0.45
CA LYS A 71 -2.07 -6.98 -0.78
C LYS A 71 -1.98 -7.99 -1.94
N GLU A 72 -2.72 -9.10 -1.86
CA GLU A 72 -2.65 -10.19 -2.84
C GLU A 72 -3.29 -9.84 -4.19
N ARG A 73 -4.26 -8.92 -4.22
CA ARG A 73 -4.89 -8.44 -5.46
C ARG A 73 -4.11 -7.30 -6.12
N ALA A 74 -3.58 -6.35 -5.34
CA ALA A 74 -2.90 -5.15 -5.87
C ALA A 74 -1.45 -5.41 -6.30
N ASN A 75 -0.75 -6.39 -5.71
CA ASN A 75 0.65 -6.64 -6.00
C ASN A 75 0.89 -6.97 -7.49
N GLY A 76 1.61 -6.09 -8.18
CA GLY A 76 1.99 -6.22 -9.59
C GLY A 76 1.04 -5.60 -10.61
N MET A 77 -0.05 -4.93 -10.17
CA MET A 77 -0.90 -4.11 -11.06
C MET A 77 -0.16 -2.86 -11.62
N GLU A 78 -0.91 -1.97 -12.28
CA GLU A 78 -0.42 -0.70 -12.84
C GLU A 78 -1.34 0.45 -12.40
N LEU A 79 -0.75 1.58 -11.99
CA LEU A 79 -1.45 2.80 -11.54
C LEU A 79 -0.78 4.04 -12.15
N ASP A 80 -1.57 4.89 -12.82
CA ASP A 80 -1.15 6.10 -13.57
C ASP A 80 -0.25 5.78 -14.79
N GLY A 81 -0.12 4.50 -15.15
CA GLY A 81 0.81 3.99 -16.16
C GLY A 81 2.16 3.54 -15.59
N ARG A 82 2.34 3.55 -14.26
CA ARG A 82 3.54 3.04 -13.56
C ARG A 82 3.27 1.62 -13.04
N ARG A 83 4.22 0.70 -13.24
CA ARG A 83 4.19 -0.65 -12.65
C ARG A 83 4.61 -0.61 -11.18
N ILE A 84 3.90 -1.35 -10.33
CA ILE A 84 4.00 -1.27 -8.85
C ILE A 84 4.41 -2.61 -8.18
N ARG A 85 4.60 -2.53 -6.86
CA ARG A 85 4.99 -3.61 -5.93
C ARG A 85 4.28 -3.35 -4.59
N VAL A 86 3.61 -4.35 -4.02
CA VAL A 86 2.75 -4.20 -2.81
C VAL A 86 3.00 -5.34 -1.83
N ASP A 87 3.21 -5.00 -0.55
CA ASP A 87 3.51 -5.95 0.53
C ASP A 87 3.16 -5.37 1.91
N PHE A 88 3.29 -6.18 2.97
CA PHE A 88 3.03 -5.79 4.35
C PHE A 88 4.16 -4.91 4.92
N SER A 89 3.84 -4.09 5.92
CA SER A 89 4.78 -3.14 6.56
C SER A 89 4.52 -3.00 8.07
N ILE A 90 5.44 -2.39 8.82
CA ILE A 90 5.42 -2.28 10.29
C ILE A 90 6.04 -0.95 10.77
N THR A 91 5.64 -0.51 11.98
CA THR A 91 6.18 0.67 12.66
C THR A 91 7.60 0.41 13.12
N LYS A 92 8.49 1.39 12.96
CA LYS A 92 9.93 1.33 13.33
C LYS A 92 10.17 1.54 14.84
N ARG A 93 9.29 1.00 15.70
CA ARG A 93 9.30 1.15 17.16
C ARG A 93 10.62 0.60 17.77
N PRO A 94 11.28 1.34 18.68
CA PRO A 94 12.50 0.89 19.34
C PRO A 94 12.19 -0.13 20.44
N HIS A 95 13.10 -1.09 20.66
CA HIS A 95 12.97 -2.18 21.64
C HIS A 95 14.27 -2.47 22.42
N THR A 96 15.26 -1.56 22.36
CA THR A 96 16.59 -1.63 23.01
C THR A 96 17.21 -0.24 23.12
N GLY A 1 -2.12 -19.04 -13.08
CA GLY A 1 -3.52 -19.07 -12.58
C GLY A 1 -4.14 -17.66 -12.54
N PRO A 2 -5.46 -17.51 -12.78
CA PRO A 2 -6.13 -16.20 -12.92
C PRO A 2 -6.08 -15.26 -11.71
N LEU A 3 -5.82 -15.81 -10.51
CA LEU A 3 -5.71 -15.05 -9.25
C LEU A 3 -4.24 -14.69 -8.90
N GLY A 4 -3.28 -15.08 -9.75
CA GLY A 4 -1.84 -15.02 -9.50
C GLY A 4 -1.31 -16.40 -9.10
N SER A 5 -0.17 -16.80 -9.66
CA SER A 5 0.40 -18.16 -9.50
C SER A 5 1.19 -18.38 -8.20
N ARG A 6 1.30 -17.35 -7.34
CA ARG A 6 1.99 -17.37 -6.05
C ARG A 6 1.46 -16.26 -5.13
N ALA A 7 1.36 -16.55 -3.83
CA ALA A 7 0.86 -15.66 -2.78
C ALA A 7 1.45 -16.03 -1.41
N ASN A 8 1.47 -15.08 -0.48
CA ASN A 8 1.97 -15.24 0.89
C ASN A 8 1.34 -14.18 1.84
N PRO A 9 0.04 -14.32 2.19
CA PRO A 9 -0.66 -13.39 3.07
C PRO A 9 -0.19 -13.53 4.52
N ASP A 10 -0.32 -12.44 5.29
CA ASP A 10 0.12 -12.33 6.69
C ASP A 10 -0.80 -11.36 7.47
N PRO A 11 -1.23 -11.67 8.71
CA PRO A 11 -2.11 -10.81 9.49
C PRO A 11 -1.43 -9.49 9.88
N ASN A 12 -1.78 -8.41 9.16
CA ASN A 12 -1.30 -7.04 9.38
C ASN A 12 -2.19 -6.02 8.64
N CYS A 13 -2.79 -5.08 9.38
CA CYS A 13 -3.67 -4.02 8.84
C CYS A 13 -2.93 -3.00 7.94
N CYS A 14 -1.61 -2.92 8.06
CA CYS A 14 -0.76 -1.92 7.42
C CYS A 14 -0.09 -2.50 6.15
N LEU A 15 -0.25 -1.82 5.01
CA LEU A 15 0.35 -2.18 3.73
C LEU A 15 1.22 -1.04 3.20
N GLY A 16 2.40 -1.37 2.68
CA GLY A 16 3.27 -0.48 1.91
C GLY A 16 3.07 -0.70 0.41
N VAL A 17 3.19 0.37 -0.36
CA VAL A 17 2.98 0.42 -1.82
C VAL A 17 4.16 1.14 -2.44
N PHE A 18 4.79 0.53 -3.45
CA PHE A 18 6.09 0.94 -3.99
C PHE A 18 6.09 0.94 -5.53
N GLY A 19 6.91 1.80 -6.16
CA GLY A 19 6.97 1.96 -7.61
C GLY A 19 5.92 2.92 -8.17
N LEU A 20 5.44 3.84 -7.33
CA LEU A 20 4.39 4.83 -7.65
C LEU A 20 4.93 6.01 -8.46
N SER A 21 4.03 6.83 -8.97
CA SER A 21 4.33 8.03 -9.76
C SER A 21 4.38 9.30 -8.91
N LEU A 22 5.04 10.34 -9.41
CA LEU A 22 5.00 11.70 -8.83
C LEU A 22 3.62 12.36 -9.08
N TYR A 23 2.87 11.87 -10.07
CA TYR A 23 1.47 12.24 -10.33
C TYR A 23 0.43 11.46 -9.50
N THR A 24 0.84 10.41 -8.75
CA THR A 24 -0.02 9.67 -7.81
C THR A 24 -0.31 10.54 -6.59
N THR A 25 -1.55 10.52 -6.09
CA THR A 25 -1.99 11.14 -4.84
C THR A 25 -2.62 10.10 -3.91
N GLU A 26 -2.76 10.44 -2.63
CA GLU A 26 -3.51 9.61 -1.69
C GLU A 26 -4.99 9.45 -2.09
N ARG A 27 -5.56 10.38 -2.86
CA ARG A 27 -6.93 10.26 -3.39
C ARG A 27 -7.02 9.12 -4.41
N ASP A 28 -6.01 8.97 -5.28
CA ASP A 28 -5.93 7.85 -6.23
C ASP A 28 -5.79 6.52 -5.49
N LEU A 29 -4.86 6.45 -4.54
CA LEU A 29 -4.62 5.25 -3.73
C LEU A 29 -5.87 4.83 -2.95
N ARG A 30 -6.54 5.75 -2.25
CA ARG A 30 -7.83 5.51 -1.60
C ARG A 30 -8.86 4.94 -2.59
N GLU A 31 -9.06 5.59 -3.74
CA GLU A 31 -10.05 5.17 -4.74
C GLU A 31 -9.73 3.78 -5.34
N VAL A 32 -8.47 3.50 -5.65
CA VAL A 32 -8.04 2.25 -6.30
C VAL A 32 -8.04 1.06 -5.32
N PHE A 33 -7.67 1.27 -4.05
CA PHE A 33 -7.60 0.20 -3.05
C PHE A 33 -8.91 -0.03 -2.28
N SER A 34 -9.85 0.91 -2.28
CA SER A 34 -11.14 0.76 -1.57
C SER A 34 -12.02 -0.39 -2.10
N LYS A 35 -11.79 -0.83 -3.35
CA LYS A 35 -12.47 -2.01 -3.93
C LYS A 35 -12.15 -3.34 -3.22
N TYR A 36 -11.12 -3.38 -2.36
CA TYR A 36 -10.71 -4.57 -1.61
C TYR A 36 -11.24 -4.62 -0.16
N GLY A 37 -11.80 -3.51 0.37
CA GLY A 37 -12.30 -3.43 1.75
C GLY A 37 -12.17 -2.03 2.40
N PRO A 38 -12.48 -1.91 3.71
CA PRO A 38 -12.54 -0.65 4.44
C PRO A 38 -11.14 -0.10 4.72
N ILE A 39 -10.94 1.21 4.50
CA ILE A 39 -9.66 1.91 4.64
C ILE A 39 -9.79 3.00 5.72
N ALA A 40 -8.86 2.98 6.69
CA ALA A 40 -8.78 3.93 7.80
C ALA A 40 -7.99 5.20 7.42
N ASP A 41 -6.90 5.05 6.66
CA ASP A 41 -6.01 6.15 6.23
C ASP A 41 -5.06 5.70 5.09
N VAL A 42 -4.37 6.68 4.47
CA VAL A 42 -3.40 6.52 3.36
C VAL A 42 -2.43 7.71 3.38
N SER A 43 -1.14 7.47 3.13
CA SER A 43 -0.07 8.48 3.16
C SER A 43 1.05 8.18 2.14
N ILE A 44 1.38 9.12 1.25
CA ILE A 44 2.56 9.05 0.37
C ILE A 44 3.80 9.58 1.10
N VAL A 45 4.99 9.06 0.76
CA VAL A 45 6.27 9.51 1.31
C VAL A 45 6.90 10.54 0.36
N TYR A 46 7.29 11.70 0.89
CA TYR A 46 7.76 12.87 0.14
C TYR A 46 9.20 13.28 0.50
N ASP A 47 9.90 13.86 -0.47
CA ASP A 47 11.30 14.30 -0.39
C ASP A 47 11.54 15.40 0.69
N GLN A 48 12.80 15.53 1.13
CA GLN A 48 13.21 16.42 2.22
C GLN A 48 13.42 17.90 1.80
N GLN A 49 13.49 18.21 0.50
CA GLN A 49 13.81 19.57 0.02
C GLN A 49 12.95 20.02 -1.17
N SER A 50 12.70 19.15 -2.15
CA SER A 50 11.87 19.44 -3.33
C SER A 50 10.39 19.08 -3.15
N ARG A 51 10.07 18.27 -2.12
CA ARG A 51 8.73 17.84 -1.71
C ARG A 51 7.97 17.00 -2.76
N ARG A 52 8.68 16.48 -3.76
CA ARG A 52 8.18 15.48 -4.73
C ARG A 52 7.98 14.13 -4.03
N SER A 53 7.14 13.25 -4.59
CA SER A 53 7.02 11.87 -4.10
C SER A 53 8.35 11.11 -4.26
N ARG A 54 8.71 10.30 -3.26
CA ARG A 54 9.86 9.37 -3.34
C ARG A 54 9.56 8.11 -4.18
N GLY A 55 8.32 7.94 -4.66
CA GLY A 55 7.85 6.79 -5.42
C GLY A 55 7.23 5.68 -4.56
N PHE A 56 6.83 5.98 -3.32
CA PHE A 56 6.24 5.00 -2.40
C PHE A 56 5.33 5.64 -1.34
N ALA A 57 4.49 4.80 -0.75
CA ALA A 57 3.36 5.15 0.10
C ALA A 57 2.95 3.99 1.02
N PHE A 58 2.00 4.28 1.92
CA PHE A 58 1.39 3.32 2.84
C PHE A 58 -0.14 3.48 2.84
N VAL A 59 -0.83 2.35 2.98
CA VAL A 59 -2.29 2.20 2.94
C VAL A 59 -2.71 1.37 4.16
N TYR A 60 -3.69 1.86 4.91
CA TYR A 60 -4.09 1.29 6.21
C TYR A 60 -5.55 0.82 6.18
N PHE A 61 -5.76 -0.50 6.22
CA PHE A 61 -7.08 -1.12 6.24
C PHE A 61 -7.67 -1.16 7.65
N GLU A 62 -8.99 -1.03 7.77
CA GLU A 62 -9.72 -1.09 9.04
C GLU A 62 -9.93 -2.55 9.52
N ASN A 63 -9.60 -3.53 8.67
CA ASN A 63 -9.65 -4.98 8.95
C ASN A 63 -8.32 -5.65 8.57
N VAL A 64 -7.78 -6.46 9.48
CA VAL A 64 -6.57 -7.27 9.26
C VAL A 64 -6.75 -8.30 8.12
N ASP A 65 -7.98 -8.75 7.86
CA ASP A 65 -8.26 -9.80 6.88
C ASP A 65 -8.56 -9.26 5.47
N ASP A 66 -9.06 -8.03 5.34
CA ASP A 66 -9.20 -7.36 4.03
C ASP A 66 -7.85 -6.82 3.51
N ALA A 67 -6.89 -6.56 4.40
CA ALA A 67 -5.51 -6.24 4.02
C ALA A 67 -4.83 -7.38 3.25
N LYS A 68 -5.16 -8.64 3.58
CA LYS A 68 -4.60 -9.82 2.92
C LYS A 68 -5.06 -9.92 1.45
N GLU A 69 -6.36 -9.72 1.22
CA GLU A 69 -6.95 -9.62 -0.10
C GLU A 69 -6.33 -8.46 -0.89
N ALA A 70 -6.35 -7.24 -0.33
CA ALA A 70 -5.80 -6.05 -0.96
C ALA A 70 -4.33 -6.23 -1.41
N LYS A 71 -3.46 -6.71 -0.52
CA LYS A 71 -2.07 -7.02 -0.83
C LYS A 71 -1.94 -7.98 -2.02
N GLU A 72 -2.57 -9.16 -1.96
CA GLU A 72 -2.36 -10.22 -2.96
C GLU A 72 -3.06 -9.92 -4.30
N ARG A 73 -4.09 -9.07 -4.32
CA ARG A 73 -4.75 -8.61 -5.55
C ARG A 73 -4.07 -7.39 -6.19
N ALA A 74 -3.56 -6.45 -5.39
CA ALA A 74 -2.93 -5.22 -5.89
C ALA A 74 -1.46 -5.40 -6.30
N ASN A 75 -0.73 -6.36 -5.72
CA ASN A 75 0.69 -6.57 -6.00
C ASN A 75 0.94 -6.88 -7.49
N GLY A 76 1.65 -5.99 -8.19
CA GLY A 76 2.00 -6.10 -9.61
C GLY A 76 1.00 -5.48 -10.59
N MET A 77 -0.09 -4.87 -10.13
CA MET A 77 -1.06 -4.16 -10.98
C MET A 77 -0.47 -2.90 -11.66
N GLU A 78 -1.29 -2.21 -12.47
CA GLU A 78 -0.98 -0.94 -13.11
C GLU A 78 -1.68 0.23 -12.38
N LEU A 79 -0.92 1.30 -12.11
CA LEU A 79 -1.41 2.59 -11.60
C LEU A 79 -0.55 3.71 -12.21
N ASP A 80 -1.18 4.69 -12.86
CA ASP A 80 -0.56 5.78 -13.65
C ASP A 80 0.33 5.26 -14.82
N GLY A 81 0.09 4.03 -15.27
CA GLY A 81 0.90 3.34 -16.29
C GLY A 81 2.19 2.71 -15.75
N ARG A 82 2.46 2.85 -14.45
CA ARG A 82 3.67 2.33 -13.77
C ARG A 82 3.50 0.85 -13.41
N ARG A 83 4.58 0.19 -12.96
CA ARG A 83 4.57 -1.19 -12.47
C ARG A 83 4.98 -1.22 -10.99
N ILE A 84 4.00 -1.46 -10.13
CA ILE A 84 4.10 -1.34 -8.66
C ILE A 84 4.44 -2.68 -7.97
N ARG A 85 4.68 -2.59 -6.65
CA ARG A 85 4.80 -3.70 -5.69
C ARG A 85 4.00 -3.35 -4.44
N VAL A 86 3.38 -4.35 -3.79
CA VAL A 86 2.54 -4.19 -2.60
C VAL A 86 2.83 -5.32 -1.61
N ASP A 87 3.10 -4.96 -0.35
CA ASP A 87 3.49 -5.87 0.73
C ASP A 87 3.05 -5.34 2.11
N PHE A 88 2.99 -6.23 3.11
CA PHE A 88 2.65 -5.87 4.49
C PHE A 88 3.76 -5.02 5.15
N SER A 89 3.37 -4.03 5.95
CA SER A 89 4.31 -3.14 6.63
C SER A 89 4.97 -3.83 7.84
N ILE A 90 6.00 -4.63 7.57
CA ILE A 90 6.86 -5.28 8.58
C ILE A 90 8.00 -4.36 9.09
N THR A 91 8.02 -3.11 8.62
CA THR A 91 9.01 -2.05 8.87
C THR A 91 8.79 -1.30 10.20
N LYS A 92 7.77 -1.68 10.98
CA LYS A 92 7.45 -1.08 12.30
C LYS A 92 8.64 -1.14 13.27
N ARG A 93 8.84 -0.07 14.05
CA ARG A 93 10.00 0.09 14.96
C ARG A 93 10.05 -0.99 16.07
N PRO A 94 11.25 -1.36 16.58
CA PRO A 94 11.38 -2.21 17.76
C PRO A 94 11.01 -1.42 19.03
N HIS A 95 10.62 -2.14 20.09
CA HIS A 95 10.22 -1.57 21.38
C HIS A 95 10.77 -2.43 22.55
N THR A 96 11.16 -1.78 23.65
CA THR A 96 11.83 -2.38 24.83
C THR A 96 11.42 -1.69 26.14
N GLY A 1 -1.45 -19.88 -9.89
CA GLY A 1 -0.12 -19.90 -9.23
C GLY A 1 -0.03 -20.97 -8.15
N PRO A 2 1.18 -21.31 -7.67
CA PRO A 2 1.44 -22.39 -6.72
C PRO A 2 1.19 -22.01 -5.24
N LEU A 3 0.95 -20.72 -4.95
CA LEU A 3 0.81 -20.16 -3.61
C LEU A 3 0.07 -18.82 -3.66
N GLY A 4 -0.75 -18.53 -2.64
CA GLY A 4 -1.61 -17.33 -2.55
C GLY A 4 -0.88 -16.06 -2.16
N SER A 5 0.21 -15.74 -2.87
CA SER A 5 0.98 -14.48 -2.76
C SER A 5 1.77 -14.31 -1.44
N ARG A 6 1.91 -15.38 -0.64
CA ARG A 6 2.67 -15.38 0.62
C ARG A 6 4.18 -15.33 0.35
N ALA A 7 4.84 -14.32 0.91
CA ALA A 7 6.29 -14.03 0.83
C ALA A 7 6.66 -12.97 1.87
N ASN A 8 6.15 -13.14 3.10
CA ASN A 8 6.13 -12.12 4.16
C ASN A 8 5.95 -12.70 5.58
N PRO A 9 6.31 -11.93 6.64
CA PRO A 9 5.98 -12.24 8.03
C PRO A 9 4.49 -11.99 8.32
N ASP A 10 4.07 -12.24 9.57
CA ASP A 10 2.69 -12.11 10.06
C ASP A 10 2.11 -10.69 9.83
N PRO A 11 0.99 -10.54 9.08
CA PRO A 11 0.44 -9.25 8.68
C PRO A 11 -0.31 -8.55 9.83
N ASN A 12 -0.52 -7.23 9.69
CA ASN A 12 -1.07 -6.38 10.75
C ASN A 12 -1.76 -5.07 10.25
N CYS A 13 -2.77 -5.24 9.39
CA CYS A 13 -3.74 -4.20 8.96
C CYS A 13 -3.20 -3.13 7.98
N CYS A 14 -1.97 -3.24 7.48
CA CYS A 14 -1.37 -2.18 6.65
C CYS A 14 -0.36 -2.69 5.60
N LEU A 15 -0.33 -1.98 4.45
CA LEU A 15 0.45 -2.32 3.26
C LEU A 15 1.28 -1.12 2.81
N GLY A 16 2.52 -1.39 2.39
CA GLY A 16 3.37 -0.46 1.67
C GLY A 16 3.21 -0.70 0.17
N VAL A 17 3.27 0.36 -0.61
CA VAL A 17 3.01 0.39 -2.06
C VAL A 17 4.17 1.13 -2.73
N PHE A 18 4.80 0.51 -3.72
CA PHE A 18 6.07 0.96 -4.30
C PHE A 18 6.04 0.95 -5.83
N GLY A 19 6.72 1.91 -6.47
CA GLY A 19 6.75 2.08 -7.94
C GLY A 19 5.67 3.04 -8.46
N LEU A 20 5.14 3.92 -7.59
CA LEU A 20 4.05 4.85 -7.90
C LEU A 20 4.51 6.02 -8.77
N SER A 21 3.56 6.60 -9.51
CA SER A 21 3.74 7.85 -10.25
C SER A 21 3.85 9.07 -9.30
N LEU A 22 4.64 10.08 -9.69
CA LEU A 22 4.72 11.35 -8.95
C LEU A 22 3.42 12.17 -9.04
N TYR A 23 2.50 11.81 -9.94
CA TYR A 23 1.15 12.39 -10.05
C TYR A 23 0.08 11.64 -9.22
N THR A 24 0.47 10.58 -8.49
CA THR A 24 -0.42 9.85 -7.55
C THR A 24 -0.77 10.74 -6.35
N THR A 25 -1.99 10.61 -5.83
CA THR A 25 -2.44 11.24 -4.58
C THR A 25 -2.94 10.20 -3.59
N GLU A 26 -3.06 10.59 -2.34
CA GLU A 26 -3.65 9.76 -1.28
C GLU A 26 -5.14 9.47 -1.55
N ARG A 27 -5.81 10.34 -2.33
CA ARG A 27 -7.19 10.17 -2.82
C ARG A 27 -7.26 9.12 -3.95
N ASP A 28 -6.30 9.11 -4.88
CA ASP A 28 -6.18 8.06 -5.90
C ASP A 28 -5.90 6.70 -5.25
N LEU A 29 -4.98 6.64 -4.29
CA LEU A 29 -4.69 5.42 -3.53
C LEU A 29 -5.93 4.93 -2.77
N ARG A 30 -6.69 5.81 -2.09
CA ARG A 30 -8.00 5.44 -1.54
C ARG A 30 -8.92 4.85 -2.62
N GLU A 31 -9.11 5.54 -3.75
CA GLU A 31 -10.03 5.08 -4.81
C GLU A 31 -9.59 3.77 -5.52
N VAL A 32 -8.30 3.49 -5.61
CA VAL A 32 -7.77 2.26 -6.24
C VAL A 32 -7.80 1.06 -5.27
N PHE A 33 -7.58 1.29 -3.97
CA PHE A 33 -7.50 0.21 -2.96
C PHE A 33 -8.80 0.00 -2.17
N SER A 34 -9.77 0.92 -2.18
CA SER A 34 -11.02 0.74 -1.41
C SER A 34 -11.95 -0.36 -1.94
N LYS A 35 -11.73 -0.83 -3.17
CA LYS A 35 -12.40 -2.02 -3.72
C LYS A 35 -12.07 -3.33 -2.96
N TYR A 36 -11.07 -3.30 -2.06
CA TYR A 36 -10.64 -4.43 -1.21
C TYR A 36 -11.10 -4.30 0.26
N GLY A 37 -11.85 -3.24 0.62
CA GLY A 37 -12.41 -3.02 1.96
C GLY A 37 -12.17 -1.63 2.56
N PRO A 38 -12.61 -1.39 3.82
CA PRO A 38 -12.49 -0.12 4.53
C PRO A 38 -11.03 0.28 4.77
N ILE A 39 -10.72 1.56 4.49
CA ILE A 39 -9.39 2.17 4.63
C ILE A 39 -9.46 3.29 5.68
N ALA A 40 -8.70 3.15 6.75
CA ALA A 40 -8.61 4.11 7.85
C ALA A 40 -7.77 5.34 7.47
N ASP A 41 -6.67 5.14 6.73
CA ASP A 41 -5.68 6.18 6.40
C ASP A 41 -4.81 5.79 5.20
N VAL A 42 -4.08 6.76 4.63
CA VAL A 42 -3.12 6.61 3.52
C VAL A 42 -2.05 7.70 3.66
N SER A 43 -0.79 7.34 3.45
CA SER A 43 0.36 8.24 3.57
C SER A 43 1.35 8.06 2.40
N ILE A 44 1.47 9.05 1.51
CA ILE A 44 2.54 9.09 0.48
C ILE A 44 3.84 9.62 1.10
N VAL A 45 4.99 9.10 0.68
CA VAL A 45 6.31 9.53 1.15
C VAL A 45 6.87 10.60 0.20
N TYR A 46 7.29 11.74 0.75
CA TYR A 46 7.73 12.92 0.01
C TYR A 46 9.19 13.31 0.33
N ASP A 47 9.90 13.87 -0.65
CA ASP A 47 11.33 14.22 -0.61
C ASP A 47 11.71 15.23 0.51
N GLN A 48 12.98 15.18 0.93
CA GLN A 48 13.55 16.00 2.01
C GLN A 48 13.39 17.52 1.80
N GLN A 49 13.41 18.03 0.56
CA GLN A 49 13.49 19.48 0.30
C GLN A 49 12.78 19.97 -0.96
N SER A 50 12.59 19.14 -1.99
CA SER A 50 11.76 19.46 -3.17
C SER A 50 10.30 19.04 -2.99
N ARG A 51 10.02 18.18 -2.00
CA ARG A 51 8.68 17.74 -1.55
C ARG A 51 7.86 17.00 -2.63
N ARG A 52 8.52 16.51 -3.68
CA ARG A 52 7.96 15.59 -4.69
C ARG A 52 7.79 14.20 -4.07
N SER A 53 6.89 13.37 -4.61
CA SER A 53 6.79 11.97 -4.16
C SER A 53 8.07 11.19 -4.45
N ARG A 54 8.50 10.34 -3.51
CA ARG A 54 9.65 9.43 -3.68
C ARG A 54 9.30 8.19 -4.52
N GLY A 55 8.03 8.05 -4.96
CA GLY A 55 7.53 6.89 -5.72
C GLY A 55 6.99 5.77 -4.85
N PHE A 56 6.65 6.04 -3.58
CA PHE A 56 6.11 5.04 -2.65
C PHE A 56 5.26 5.66 -1.53
N ALA A 57 4.43 4.80 -0.93
CA ALA A 57 3.35 5.14 -0.01
C ALA A 57 2.95 3.95 0.88
N PHE A 58 2.05 4.21 1.84
CA PHE A 58 1.48 3.25 2.77
C PHE A 58 -0.03 3.41 2.86
N VAL A 59 -0.75 2.29 2.95
CA VAL A 59 -2.23 2.20 2.99
C VAL A 59 -2.64 1.40 4.23
N TYR A 60 -3.56 1.94 5.03
CA TYR A 60 -3.96 1.40 6.33
C TYR A 60 -5.45 0.99 6.32
N PHE A 61 -5.72 -0.28 6.54
CA PHE A 61 -7.06 -0.89 6.51
C PHE A 61 -7.66 -1.01 7.93
N GLU A 62 -8.99 -1.08 8.02
CA GLU A 62 -9.68 -1.20 9.31
C GLU A 62 -9.52 -2.60 9.95
N ASN A 63 -9.18 -3.63 9.15
CA ASN A 63 -8.96 -5.01 9.59
C ASN A 63 -7.80 -5.68 8.83
N VAL A 64 -7.16 -6.67 9.46
CA VAL A 64 -6.05 -7.44 8.86
C VAL A 64 -6.48 -8.26 7.64
N ASP A 65 -7.77 -8.66 7.57
CA ASP A 65 -8.31 -9.44 6.46
C ASP A 65 -8.57 -8.61 5.19
N ASP A 66 -8.84 -7.31 5.35
CA ASP A 66 -8.96 -6.37 4.23
C ASP A 66 -7.58 -6.04 3.64
N ALA A 67 -6.54 -5.94 4.49
CA ALA A 67 -5.16 -5.83 4.06
C ALA A 67 -4.68 -7.10 3.33
N LYS A 68 -5.07 -8.30 3.79
CA LYS A 68 -4.78 -9.55 3.07
C LYS A 68 -5.47 -9.60 1.70
N GLU A 69 -6.76 -9.24 1.62
CA GLU A 69 -7.49 -9.19 0.35
C GLU A 69 -6.84 -8.21 -0.65
N ALA A 70 -6.45 -7.02 -0.19
CA ALA A 70 -5.73 -6.05 -1.01
C ALA A 70 -4.37 -6.58 -1.50
N LYS A 71 -3.54 -7.16 -0.62
CA LYS A 71 -2.23 -7.70 -1.00
C LYS A 71 -2.32 -8.88 -1.99
N GLU A 72 -3.38 -9.69 -1.92
CA GLU A 72 -3.65 -10.79 -2.84
C GLU A 72 -4.09 -10.35 -4.24
N ARG A 73 -4.56 -9.10 -4.40
CA ARG A 73 -5.15 -8.58 -5.65
C ARG A 73 -4.37 -7.42 -6.28
N ALA A 74 -3.77 -6.54 -5.46
CA ALA A 74 -3.06 -5.34 -5.92
C ALA A 74 -1.57 -5.59 -6.22
N ASN A 75 -0.94 -6.62 -5.63
CA ASN A 75 0.49 -6.86 -5.84
C ASN A 75 0.82 -7.24 -7.29
N GLY A 76 1.57 -6.38 -7.98
CA GLY A 76 2.01 -6.57 -9.37
C GLY A 76 1.09 -5.97 -10.44
N MET A 77 0.00 -5.29 -10.07
CA MET A 77 -0.82 -4.49 -11.01
C MET A 77 -0.08 -3.27 -11.59
N GLU A 78 -0.82 -2.39 -12.27
CA GLU A 78 -0.34 -1.14 -12.87
C GLU A 78 -1.25 0.03 -12.46
N LEU A 79 -0.66 1.17 -12.06
CA LEU A 79 -1.36 2.42 -11.71
C LEU A 79 -0.67 3.61 -12.38
N ASP A 80 -1.44 4.42 -13.11
CA ASP A 80 -0.97 5.57 -13.92
C ASP A 80 0.07 5.17 -14.98
N GLY A 81 -0.04 3.94 -15.50
CA GLY A 81 0.91 3.36 -16.47
C GLY A 81 2.21 2.85 -15.85
N ARG A 82 2.40 2.98 -14.53
CA ARG A 82 3.58 2.52 -13.79
C ARG A 82 3.32 1.14 -13.17
N ARG A 83 4.23 0.19 -13.37
CA ARG A 83 4.21 -1.10 -12.67
C ARG A 83 4.61 -0.93 -11.19
N ILE A 84 3.96 -1.68 -10.30
CA ILE A 84 4.09 -1.54 -8.83
C ILE A 84 4.42 -2.86 -8.11
N ARG A 85 4.66 -2.75 -6.79
CA ARG A 85 4.79 -3.84 -5.82
C ARG A 85 3.98 -3.47 -4.57
N VAL A 86 3.36 -4.45 -3.91
CA VAL A 86 2.53 -4.28 -2.71
C VAL A 86 2.85 -5.39 -1.70
N ASP A 87 3.12 -5.02 -0.45
CA ASP A 87 3.48 -5.95 0.64
C ASP A 87 3.21 -5.35 2.03
N PHE A 88 3.03 -6.20 3.05
CA PHE A 88 2.64 -5.79 4.39
C PHE A 88 3.72 -4.92 5.06
N SER A 89 3.34 -3.74 5.52
CA SER A 89 4.23 -2.75 6.16
C SER A 89 4.32 -2.99 7.67
N ILE A 90 4.75 -4.19 8.07
CA ILE A 90 4.69 -4.68 9.46
C ILE A 90 5.55 -3.92 10.47
N THR A 91 6.50 -3.10 9.99
CA THR A 91 7.45 -2.30 10.79
C THR A 91 6.80 -1.03 11.31
N LYS A 92 7.09 -0.68 12.57
CA LYS A 92 6.70 0.58 13.23
C LYS A 92 7.88 1.20 14.02
N ARG A 93 7.72 2.45 14.46
CA ARG A 93 8.77 3.25 15.12
C ARG A 93 9.38 2.55 16.36
N PRO A 94 10.71 2.64 16.59
CA PRO A 94 11.37 2.05 17.74
C PRO A 94 11.03 2.82 19.03
N HIS A 95 11.03 2.10 20.16
CA HIS A 95 10.70 2.63 21.50
C HIS A 95 11.71 2.18 22.58
N THR A 96 12.88 1.67 22.17
CA THR A 96 13.93 1.06 23.02
C THR A 96 15.34 1.35 22.51
N GLY A 1 9.66 -16.40 -9.04
CA GLY A 1 10.09 -16.29 -7.63
C GLY A 1 9.51 -17.41 -6.76
N PRO A 2 9.95 -17.52 -5.47
CA PRO A 2 9.48 -18.53 -4.53
C PRO A 2 8.05 -18.25 -4.04
N LEU A 3 7.37 -19.30 -3.59
CA LEU A 3 5.99 -19.28 -3.10
C LEU A 3 5.67 -20.52 -2.24
N GLY A 4 4.61 -20.45 -1.43
CA GLY A 4 4.17 -21.52 -0.52
C GLY A 4 4.94 -21.59 0.80
N SER A 5 5.70 -20.54 1.14
CA SER A 5 6.64 -20.49 2.27
C SER A 5 5.97 -20.36 3.67
N ARG A 6 4.64 -20.26 3.73
CA ARG A 6 3.83 -20.06 4.94
C ARG A 6 2.57 -20.95 4.93
N ALA A 7 2.04 -21.25 6.12
CA ALA A 7 0.89 -22.14 6.34
C ALA A 7 0.07 -21.69 7.57
N ASN A 8 -0.02 -20.38 7.80
CA ASN A 8 -0.56 -19.75 9.00
C ASN A 8 -0.97 -18.28 8.75
N PRO A 9 -1.94 -17.74 9.52
CA PRO A 9 -2.27 -16.31 9.53
C PRO A 9 -1.20 -15.50 10.28
N ASP A 10 -1.20 -14.18 10.06
CA ASP A 10 -0.30 -13.21 10.70
C ASP A 10 -0.92 -11.80 10.60
N PRO A 11 -1.16 -11.08 11.72
CA PRO A 11 -1.89 -9.81 11.71
C PRO A 11 -1.02 -8.66 11.19
N ASN A 12 -1.53 -7.94 10.19
CA ASN A 12 -0.83 -6.88 9.46
C ASN A 12 -1.85 -5.85 8.89
N CYS A 13 -2.17 -4.80 9.65
CA CYS A 13 -3.25 -3.87 9.30
C CYS A 13 -2.85 -2.80 8.25
N CYS A 14 -1.56 -2.63 7.97
CA CYS A 14 -1.05 -1.67 6.99
C CYS A 14 -0.30 -2.37 5.85
N LEU A 15 -0.40 -1.80 4.65
CA LEU A 15 0.33 -2.19 3.44
C LEU A 15 1.19 -1.04 2.97
N GLY A 16 2.43 -1.33 2.60
CA GLY A 16 3.31 -0.41 1.88
C GLY A 16 3.16 -0.67 0.38
N VAL A 17 3.21 0.41 -0.40
CA VAL A 17 2.94 0.43 -1.84
C VAL A 17 4.10 1.16 -2.52
N PHE A 18 4.72 0.54 -3.51
CA PHE A 18 5.99 0.97 -4.11
C PHE A 18 5.92 0.96 -5.64
N GLY A 19 6.70 1.84 -6.30
CA GLY A 19 6.69 2.00 -7.77
C GLY A 19 5.55 2.90 -8.27
N LEU A 20 5.06 3.81 -7.42
CA LEU A 20 3.95 4.73 -7.69
C LEU A 20 4.37 5.90 -8.61
N SER A 21 3.37 6.61 -9.12
CA SER A 21 3.56 7.77 -10.00
C SER A 21 3.73 9.08 -9.24
N LEU A 22 4.34 10.09 -9.88
CA LEU A 22 4.47 11.43 -9.31
C LEU A 22 3.12 12.18 -9.29
N TYR A 23 2.15 11.72 -10.08
CA TYR A 23 0.76 12.22 -10.11
C TYR A 23 -0.20 11.48 -9.16
N THR A 24 0.26 10.44 -8.45
CA THR A 24 -0.53 9.70 -7.44
C THR A 24 -0.74 10.57 -6.20
N THR A 25 -1.91 10.44 -5.56
CA THR A 25 -2.31 11.17 -4.34
C THR A 25 -2.90 10.21 -3.31
N GLU A 26 -3.08 10.70 -2.08
CA GLU A 26 -3.75 9.98 -1.00
C GLU A 26 -5.25 9.77 -1.27
N ARG A 27 -5.80 10.38 -2.33
CA ARG A 27 -7.16 10.14 -2.83
C ARG A 27 -7.16 9.14 -3.99
N ASP A 28 -6.14 9.15 -4.85
CA ASP A 28 -5.93 8.16 -5.91
C ASP A 28 -5.72 6.75 -5.31
N LEU A 29 -4.86 6.66 -4.30
CA LEU A 29 -4.63 5.42 -3.55
C LEU A 29 -5.91 4.93 -2.85
N ARG A 30 -6.69 5.82 -2.21
CA ARG A 30 -8.02 5.44 -1.68
C ARG A 30 -8.93 4.91 -2.79
N GLU A 31 -9.04 5.58 -3.94
CA GLU A 31 -9.89 5.14 -5.05
C GLU A 31 -9.46 3.78 -5.62
N VAL A 32 -8.15 3.50 -5.68
CA VAL A 32 -7.60 2.25 -6.23
C VAL A 32 -7.68 1.06 -5.24
N PHE A 33 -7.47 1.31 -3.94
CA PHE A 33 -7.41 0.26 -2.91
C PHE A 33 -8.70 0.06 -2.10
N SER A 34 -9.63 1.03 -2.07
CA SER A 34 -10.87 0.88 -1.29
C SER A 34 -11.85 -0.15 -1.88
N LYS A 35 -11.66 -0.56 -3.14
CA LYS A 35 -12.38 -1.68 -3.76
C LYS A 35 -12.14 -3.04 -3.07
N TYR A 36 -11.12 -3.14 -2.20
CA TYR A 36 -10.78 -4.37 -1.46
C TYR A 36 -11.31 -4.42 -0.02
N GLY A 37 -11.73 -3.28 0.56
CA GLY A 37 -12.18 -3.17 1.96
C GLY A 37 -12.04 -1.78 2.59
N PRO A 38 -12.41 -1.63 3.88
CA PRO A 38 -12.43 -0.34 4.59
C PRO A 38 -11.01 0.16 4.87
N ILE A 39 -10.77 1.45 4.63
CA ILE A 39 -9.46 2.12 4.77
C ILE A 39 -9.58 3.25 5.81
N ALA A 40 -8.66 3.24 6.78
CA ALA A 40 -8.62 4.18 7.90
C ALA A 40 -7.68 5.38 7.67
N ASP A 41 -6.64 5.22 6.85
CA ASP A 41 -5.62 6.24 6.55
C ASP A 41 -4.79 5.86 5.31
N VAL A 42 -4.09 6.83 4.73
CA VAL A 42 -3.18 6.72 3.58
C VAL A 42 -2.16 7.86 3.65
N SER A 43 -0.90 7.58 3.34
CA SER A 43 0.18 8.58 3.34
C SER A 43 1.27 8.27 2.30
N ILE A 44 1.73 9.28 1.56
CA ILE A 44 2.76 9.18 0.51
C ILE A 44 4.08 9.77 1.05
N VAL A 45 5.22 9.20 0.65
CA VAL A 45 6.56 9.64 1.09
C VAL A 45 7.12 10.66 0.07
N TYR A 46 7.59 11.81 0.58
CA TYR A 46 8.04 12.96 -0.20
C TYR A 46 9.49 13.38 0.11
N ASP A 47 10.17 13.97 -0.87
CA ASP A 47 11.57 14.37 -0.82
C ASP A 47 11.86 15.49 0.19
N GLN A 48 12.99 15.35 0.90
CA GLN A 48 13.36 16.22 2.03
C GLN A 48 13.85 17.62 1.62
N GLN A 49 14.15 17.87 0.34
CA GLN A 49 14.66 19.16 -0.16
C GLN A 49 13.73 19.82 -1.19
N SER A 50 12.83 19.08 -1.82
CA SER A 50 12.01 19.55 -2.95
C SER A 50 10.53 19.11 -2.94
N ARG A 51 10.13 18.25 -1.99
CA ARG A 51 8.74 17.82 -1.76
C ARG A 51 8.09 17.04 -2.92
N ARG A 52 8.87 16.62 -3.92
CA ARG A 52 8.45 15.68 -4.97
C ARG A 52 8.19 14.29 -4.37
N SER A 53 7.29 13.50 -4.95
CA SER A 53 7.06 12.12 -4.49
C SER A 53 8.31 11.26 -4.70
N ARG A 54 8.66 10.42 -3.72
CA ARG A 54 9.74 9.44 -3.82
C ARG A 54 9.31 8.16 -4.55
N GLY A 55 8.03 8.04 -4.93
CA GLY A 55 7.47 6.89 -5.67
C GLY A 55 6.96 5.76 -4.76
N PHE A 56 6.67 6.05 -3.48
CA PHE A 56 6.16 5.07 -2.52
C PHE A 56 5.31 5.68 -1.40
N ALA A 57 4.49 4.83 -0.79
CA ALA A 57 3.40 5.19 0.11
C ALA A 57 2.96 4.02 1.02
N PHE A 58 2.03 4.29 1.91
CA PHE A 58 1.41 3.33 2.83
C PHE A 58 -0.11 3.51 2.90
N VAL A 59 -0.83 2.40 3.06
CA VAL A 59 -2.30 2.31 3.07
C VAL A 59 -2.73 1.47 4.27
N TYR A 60 -3.59 2.01 5.14
CA TYR A 60 -4.04 1.40 6.39
C TYR A 60 -5.49 0.88 6.28
N PHE A 61 -5.70 -0.42 6.47
CA PHE A 61 -7.01 -1.06 6.43
C PHE A 61 -7.60 -1.21 7.84
N GLU A 62 -8.89 -0.91 7.97
CA GLU A 62 -9.62 -1.06 9.25
C GLU A 62 -9.90 -2.54 9.58
N ASN A 63 -9.99 -3.39 8.55
CA ASN A 63 -10.10 -4.85 8.66
C ASN A 63 -8.77 -5.52 8.28
N VAL A 64 -8.11 -6.19 9.23
CA VAL A 64 -6.86 -6.95 8.99
C VAL A 64 -7.06 -8.13 8.02
N ASP A 65 -8.29 -8.65 7.91
CA ASP A 65 -8.63 -9.74 6.99
C ASP A 65 -8.77 -9.26 5.53
N ASP A 66 -9.10 -7.98 5.32
CA ASP A 66 -9.17 -7.35 3.99
C ASP A 66 -7.81 -6.78 3.54
N ALA A 67 -6.88 -6.51 4.47
CA ALA A 67 -5.49 -6.17 4.15
C ALA A 67 -4.79 -7.30 3.37
N LYS A 68 -5.05 -8.57 3.75
CA LYS A 68 -4.52 -9.74 3.05
C LYS A 68 -5.05 -9.85 1.61
N GLU A 69 -6.36 -9.66 1.42
CA GLU A 69 -7.01 -9.64 0.12
C GLU A 69 -6.45 -8.51 -0.75
N ALA A 70 -6.40 -7.28 -0.24
CA ALA A 70 -5.85 -6.11 -0.94
C ALA A 70 -4.41 -6.34 -1.41
N LYS A 71 -3.52 -6.79 -0.52
CA LYS A 71 -2.13 -7.12 -0.84
C LYS A 71 -2.03 -8.16 -1.97
N GLU A 72 -2.75 -9.27 -1.88
CA GLU A 72 -2.66 -10.36 -2.87
C GLU A 72 -3.30 -10.01 -4.23
N ARG A 73 -4.30 -9.13 -4.25
CA ARG A 73 -4.92 -8.64 -5.49
C ARG A 73 -4.09 -7.54 -6.17
N ALA A 74 -3.49 -6.62 -5.40
CA ALA A 74 -2.80 -5.44 -5.93
C ALA A 74 -1.32 -5.67 -6.25
N ASN A 75 -0.64 -6.61 -5.58
CA ASN A 75 0.81 -6.80 -5.76
C ASN A 75 1.16 -7.18 -7.21
N GLY A 76 1.86 -6.27 -7.91
CA GLY A 76 2.37 -6.46 -9.27
C GLY A 76 1.49 -5.92 -10.40
N MET A 77 0.32 -5.35 -10.09
CA MET A 77 -0.51 -4.61 -11.08
C MET A 77 0.17 -3.31 -11.60
N GLU A 78 -0.57 -2.52 -12.38
CA GLU A 78 -0.15 -1.23 -12.95
C GLU A 78 -1.15 -0.13 -12.55
N LEU A 79 -0.64 1.02 -12.09
CA LEU A 79 -1.40 2.23 -11.76
C LEU A 79 -0.75 3.45 -12.43
N ASP A 80 -1.55 4.22 -13.18
CA ASP A 80 -1.16 5.45 -13.92
C ASP A 80 -0.15 5.19 -15.07
N GLY A 81 0.07 3.91 -15.42
CA GLY A 81 1.10 3.45 -16.35
C GLY A 81 2.43 3.09 -15.68
N ARG A 82 2.50 3.11 -14.35
CA ARG A 82 3.66 2.66 -13.55
C ARG A 82 3.41 1.25 -13.00
N ARG A 83 4.40 0.35 -13.14
CA ARG A 83 4.34 -0.99 -12.52
C ARG A 83 4.68 -0.90 -11.03
N ILE A 84 3.79 -1.44 -10.19
CA ILE A 84 3.88 -1.34 -8.71
C ILE A 84 4.29 -2.66 -8.04
N ARG A 85 4.52 -2.60 -6.72
CA ARG A 85 4.68 -3.73 -5.78
C ARG A 85 3.96 -3.38 -4.46
N VAL A 86 3.44 -4.39 -3.76
CA VAL A 86 2.61 -4.24 -2.54
C VAL A 86 2.94 -5.35 -1.53
N ASP A 87 3.15 -4.97 -0.26
CA ASP A 87 3.50 -5.88 0.83
C ASP A 87 3.13 -5.29 2.21
N PHE A 88 3.07 -6.15 3.23
CA PHE A 88 2.65 -5.78 4.59
C PHE A 88 3.62 -4.83 5.32
N SER A 89 3.09 -4.08 6.29
CA SER A 89 3.83 -3.12 7.12
C SER A 89 3.24 -3.06 8.55
N ILE A 90 4.10 -2.90 9.57
CA ILE A 90 3.70 -2.84 10.99
C ILE A 90 4.37 -1.71 11.81
N THR A 91 5.37 -1.02 11.25
CA THR A 91 6.09 0.12 11.85
C THR A 91 6.95 0.83 10.81
N LYS A 92 7.12 2.13 10.99
CA LYS A 92 7.99 3.01 10.18
C LYS A 92 9.29 3.38 10.93
N ARG A 93 9.51 2.83 12.14
CA ARG A 93 10.64 3.12 13.03
C ARG A 93 10.94 1.92 13.97
N PRO A 94 12.09 1.22 13.81
CA PRO A 94 12.51 0.20 14.76
C PRO A 94 13.00 0.82 16.07
N HIS A 95 12.99 0.03 17.14
CA HIS A 95 13.28 0.48 18.52
C HIS A 95 13.94 -0.64 19.37
N THR A 96 14.61 -1.59 18.70
CA THR A 96 15.17 -2.85 19.26
C THR A 96 16.50 -3.26 18.61
N GLY A 1 -0.85 -17.05 -16.09
CA GLY A 1 0.37 -16.82 -15.28
C GLY A 1 0.96 -18.10 -14.70
N PRO A 2 2.13 -18.03 -14.03
CA PRO A 2 2.81 -19.17 -13.43
C PRO A 2 2.08 -19.65 -12.16
N LEU A 3 2.29 -20.93 -11.80
CA LEU A 3 1.71 -21.55 -10.60
C LEU A 3 2.55 -21.30 -9.33
N GLY A 4 3.78 -20.78 -9.47
CA GLY A 4 4.65 -20.36 -8.37
C GLY A 4 4.43 -18.90 -7.98
N SER A 5 4.68 -18.57 -6.71
CA SER A 5 4.43 -17.24 -6.12
C SER A 5 5.14 -17.08 -4.75
N ARG A 6 5.22 -15.83 -4.27
CA ARG A 6 5.83 -15.48 -2.97
C ARG A 6 5.00 -16.03 -1.80
N ALA A 7 5.70 -16.51 -0.75
CA ALA A 7 5.13 -17.16 0.43
C ALA A 7 5.82 -16.70 1.73
N ASN A 8 5.32 -17.15 2.88
CA ASN A 8 5.78 -16.79 4.23
C ASN A 8 5.72 -15.26 4.51
N PRO A 9 4.52 -14.64 4.46
CA PRO A 9 4.33 -13.20 4.66
C PRO A 9 4.45 -12.80 6.14
N ASP A 10 4.30 -11.50 6.40
CA ASP A 10 4.29 -10.89 7.75
C ASP A 10 3.08 -9.93 7.87
N PRO A 11 1.85 -10.45 8.05
CA PRO A 11 0.61 -9.68 7.94
C PRO A 11 0.39 -8.61 9.03
N ASN A 12 -0.31 -7.55 8.64
CA ASN A 12 -0.87 -6.48 9.48
C ASN A 12 -1.83 -5.57 8.67
N CYS A 13 -2.57 -4.68 9.36
CA CYS A 13 -3.59 -3.81 8.76
C CYS A 13 -3.05 -2.76 7.76
N CYS A 14 -1.75 -2.49 7.74
CA CYS A 14 -1.13 -1.52 6.83
C CYS A 14 -0.31 -2.22 5.72
N LEU A 15 -0.51 -1.78 4.47
CA LEU A 15 0.30 -2.16 3.31
C LEU A 15 1.16 -0.97 2.87
N GLY A 16 2.39 -1.26 2.47
CA GLY A 16 3.27 -0.34 1.76
C GLY A 16 3.10 -0.57 0.26
N VAL A 17 3.14 0.52 -0.52
CA VAL A 17 2.88 0.54 -1.96
C VAL A 17 4.02 1.30 -2.63
N PHE A 18 4.68 0.69 -3.61
CA PHE A 18 5.95 1.15 -4.20
C PHE A 18 5.89 1.15 -5.73
N GLY A 19 6.75 1.94 -6.39
CA GLY A 19 6.81 2.03 -7.86
C GLY A 19 5.67 2.87 -8.45
N LEU A 20 5.15 3.83 -7.68
CA LEU A 20 4.04 4.71 -8.06
C LEU A 20 4.46 5.79 -9.07
N SER A 21 3.48 6.44 -9.69
CA SER A 21 3.70 7.66 -10.48
C SER A 21 3.92 8.85 -9.54
N LEU A 22 4.84 9.77 -9.89
CA LEU A 22 5.17 10.92 -9.04
C LEU A 22 4.05 11.97 -8.97
N TYR A 23 2.99 11.81 -9.77
CA TYR A 23 1.78 12.63 -9.79
C TYR A 23 0.58 11.98 -9.03
N THR A 24 0.78 10.81 -8.42
CA THR A 24 -0.23 10.10 -7.59
C THR A 24 -0.56 10.94 -6.36
N THR A 25 -1.84 10.91 -5.93
CA THR A 25 -2.32 11.50 -4.66
C THR A 25 -2.88 10.41 -3.76
N GLU A 26 -2.98 10.69 -2.46
CA GLU A 26 -3.63 9.80 -1.50
C GLU A 26 -5.10 9.50 -1.86
N ARG A 27 -5.77 10.42 -2.58
CA ARG A 27 -7.13 10.21 -3.10
C ARG A 27 -7.16 9.12 -4.19
N ASP A 28 -6.18 9.11 -5.10
CA ASP A 28 -6.06 8.06 -6.13
C ASP A 28 -5.83 6.70 -5.47
N LEU A 29 -4.89 6.63 -4.52
CA LEU A 29 -4.63 5.42 -3.74
C LEU A 29 -5.88 4.93 -3.01
N ARG A 30 -6.58 5.78 -2.26
CA ARG A 30 -7.82 5.40 -1.58
C ARG A 30 -8.89 4.89 -2.54
N GLU A 31 -9.04 5.50 -3.73
CA GLU A 31 -9.98 5.04 -4.76
C GLU A 31 -9.57 3.69 -5.39
N VAL A 32 -8.27 3.47 -5.62
CA VAL A 32 -7.71 2.25 -6.26
C VAL A 32 -7.65 1.06 -5.28
N PHE A 33 -7.49 1.31 -3.98
CA PHE A 33 -7.32 0.27 -2.96
C PHE A 33 -8.58 0.00 -2.12
N SER A 34 -9.56 0.90 -2.02
CA SER A 34 -10.77 0.64 -1.22
C SER A 34 -11.74 -0.38 -1.85
N LYS A 35 -11.51 -0.77 -3.12
CA LYS A 35 -12.20 -1.89 -3.77
C LYS A 35 -11.95 -3.26 -3.08
N TYR A 36 -10.98 -3.33 -2.16
CA TYR A 36 -10.62 -4.50 -1.36
C TYR A 36 -11.06 -4.42 0.12
N GLY A 37 -11.77 -3.34 0.51
CA GLY A 37 -12.36 -3.14 1.85
C GLY A 37 -12.11 -1.75 2.46
N PRO A 38 -12.67 -1.48 3.67
CA PRO A 38 -12.56 -0.22 4.40
C PRO A 38 -11.11 0.23 4.64
N ILE A 39 -10.84 1.51 4.43
CA ILE A 39 -9.53 2.16 4.62
C ILE A 39 -9.67 3.30 5.62
N ALA A 40 -8.85 3.27 6.67
CA ALA A 40 -8.83 4.25 7.76
C ALA A 40 -7.94 5.47 7.44
N ASP A 41 -6.86 5.28 6.69
CA ASP A 41 -5.86 6.32 6.37
C ASP A 41 -4.99 5.93 5.16
N VAL A 42 -4.29 6.91 4.57
CA VAL A 42 -3.39 6.80 3.41
C VAL A 42 -2.34 7.91 3.48
N SER A 43 -1.09 7.65 3.12
CA SER A 43 0.00 8.65 3.14
C SER A 43 1.10 8.35 2.12
N ILE A 44 1.44 9.31 1.24
CA ILE A 44 2.54 9.23 0.27
C ILE A 44 3.82 9.83 0.87
N VAL A 45 4.98 9.28 0.52
CA VAL A 45 6.30 9.79 0.95
C VAL A 45 6.75 10.90 0.01
N TYR A 46 7.01 12.09 0.57
CA TYR A 46 7.45 13.29 -0.14
C TYR A 46 8.84 13.75 0.32
N ASP A 47 9.60 14.36 -0.59
CA ASP A 47 11.00 14.76 -0.39
C ASP A 47 11.19 15.81 0.71
N GLN A 48 12.35 15.75 1.38
CA GLN A 48 12.68 16.52 2.58
C GLN A 48 13.08 17.99 2.30
N GLN A 49 13.20 18.41 1.03
CA GLN A 49 13.61 19.77 0.66
C GLN A 49 12.81 20.34 -0.53
N SER A 50 12.51 19.53 -1.54
CA SER A 50 11.78 19.95 -2.75
C SER A 50 10.30 19.48 -2.76
N ARG A 51 9.90 18.64 -1.77
CA ARG A 51 8.53 18.18 -1.52
C ARG A 51 7.87 17.37 -2.67
N ARG A 52 8.65 16.94 -3.66
CA ARG A 52 8.20 16.04 -4.74
C ARG A 52 7.90 14.64 -4.19
N SER A 53 7.07 13.85 -4.87
CA SER A 53 6.89 12.43 -4.48
C SER A 53 8.19 11.65 -4.67
N ARG A 54 8.46 10.70 -3.75
CA ARG A 54 9.57 9.74 -3.86
C ARG A 54 9.13 8.39 -4.51
N GLY A 55 7.87 8.28 -4.96
CA GLY A 55 7.35 7.12 -5.71
C GLY A 55 6.86 5.96 -4.83
N PHE A 56 6.59 6.21 -3.54
CA PHE A 56 6.06 5.20 -2.62
C PHE A 56 5.18 5.80 -1.51
N ALA A 57 4.37 4.94 -0.89
CA ALA A 57 3.26 5.28 -0.01
C ALA A 57 2.87 4.11 0.92
N PHE A 58 1.96 4.40 1.85
CA PHE A 58 1.38 3.45 2.80
C PHE A 58 -0.14 3.62 2.87
N VAL A 59 -0.85 2.50 2.98
CA VAL A 59 -2.31 2.38 2.95
C VAL A 59 -2.78 1.57 4.15
N TYR A 60 -3.65 2.15 4.98
CA TYR A 60 -4.08 1.59 6.27
C TYR A 60 -5.53 1.09 6.18
N PHE A 61 -5.72 -0.24 6.09
CA PHE A 61 -7.03 -0.87 6.12
C PHE A 61 -7.57 -0.94 7.56
N GLU A 62 -8.89 -1.05 7.70
CA GLU A 62 -9.55 -1.19 9.02
C GLU A 62 -9.38 -2.61 9.62
N ASN A 63 -8.85 -3.56 8.84
CA ASN A 63 -8.61 -4.95 9.24
C ASN A 63 -7.43 -5.56 8.44
N VAL A 64 -6.65 -6.43 9.08
CA VAL A 64 -5.63 -7.27 8.41
C VAL A 64 -6.26 -8.23 7.39
N ASP A 65 -7.53 -8.62 7.56
CA ASP A 65 -8.27 -9.43 6.60
C ASP A 65 -8.55 -8.69 5.27
N ASP A 66 -8.77 -7.37 5.32
CA ASP A 66 -8.91 -6.53 4.12
C ASP A 66 -7.55 -6.20 3.49
N ALA A 67 -6.50 -6.02 4.32
CA ALA A 67 -5.12 -5.86 3.85
C ALA A 67 -4.59 -7.13 3.14
N LYS A 68 -4.97 -8.33 3.61
CA LYS A 68 -4.68 -9.60 2.93
C LYS A 68 -5.31 -9.64 1.52
N GLU A 69 -6.60 -9.30 1.40
CA GLU A 69 -7.30 -9.26 0.11
C GLU A 69 -6.63 -8.27 -0.85
N ALA A 70 -6.33 -7.06 -0.39
CA ALA A 70 -5.66 -6.03 -1.20
C ALA A 70 -4.26 -6.48 -1.66
N LYS A 71 -3.41 -7.01 -0.77
CA LYS A 71 -2.07 -7.47 -1.13
C LYS A 71 -2.09 -8.60 -2.17
N GLU A 72 -3.03 -9.54 -2.07
CA GLU A 72 -3.15 -10.68 -2.99
C GLU A 72 -3.73 -10.32 -4.37
N ARG A 73 -4.31 -9.12 -4.52
CA ARG A 73 -4.92 -8.63 -5.78
C ARG A 73 -4.19 -7.45 -6.43
N ALA A 74 -3.61 -6.53 -5.64
CA ALA A 74 -2.95 -5.32 -6.15
C ALA A 74 -1.44 -5.50 -6.43
N ASN A 75 -0.77 -6.49 -5.82
CA ASN A 75 0.67 -6.64 -6.00
C ASN A 75 1.06 -6.94 -7.46
N GLY A 76 1.78 -5.99 -8.09
CA GLY A 76 2.34 -6.11 -9.44
C GLY A 76 1.46 -5.55 -10.57
N MET A 77 0.26 -5.03 -10.29
CA MET A 77 -0.58 -4.34 -11.29
C MET A 77 0.04 -3.03 -11.82
N GLU A 78 -0.74 -2.28 -12.60
CA GLU A 78 -0.37 -0.97 -13.15
C GLU A 78 -1.33 0.13 -12.67
N LEU A 79 -0.77 1.26 -12.20
CA LEU A 79 -1.49 2.48 -11.84
C LEU A 79 -0.81 3.69 -12.51
N ASP A 80 -1.57 4.46 -13.29
CA ASP A 80 -1.14 5.68 -14.01
C ASP A 80 0.01 5.42 -15.02
N GLY A 81 0.08 4.20 -15.56
CA GLY A 81 1.10 3.75 -16.51
C GLY A 81 2.38 3.22 -15.85
N ARG A 82 2.43 3.16 -14.52
CA ARG A 82 3.59 2.71 -13.73
C ARG A 82 3.30 1.34 -13.08
N ARG A 83 4.24 0.40 -13.21
CA ARG A 83 4.14 -0.94 -12.62
C ARG A 83 4.55 -0.90 -11.15
N ILE A 84 3.58 -1.12 -10.27
CA ILE A 84 3.72 -1.03 -8.81
C ILE A 84 4.22 -2.35 -8.15
N ARG A 85 4.40 -2.32 -6.84
CA ARG A 85 4.65 -3.45 -5.93
C ARG A 85 3.91 -3.18 -4.62
N VAL A 86 3.36 -4.22 -3.98
CA VAL A 86 2.52 -4.11 -2.77
C VAL A 86 2.88 -5.23 -1.79
N ASP A 87 3.06 -4.88 -0.51
CA ASP A 87 3.40 -5.81 0.57
C ASP A 87 3.01 -5.24 1.95
N PHE A 88 2.95 -6.09 2.98
CA PHE A 88 2.67 -5.69 4.36
C PHE A 88 3.74 -4.71 4.88
N SER A 89 3.29 -3.70 5.64
CA SER A 89 4.11 -2.57 6.06
C SER A 89 5.13 -2.88 7.16
N ILE A 90 6.23 -2.11 7.18
CA ILE A 90 7.29 -2.12 8.21
C ILE A 90 6.98 -1.21 9.41
N THR A 91 5.78 -0.59 9.46
CA THR A 91 5.30 0.30 10.52
C THR A 91 5.11 -0.40 11.88
N LYS A 92 5.14 -1.74 11.91
CA LYS A 92 5.00 -2.57 13.12
C LYS A 92 5.92 -2.14 14.27
N ARG A 93 5.36 -2.02 15.48
CA ARG A 93 6.01 -1.48 16.69
C ARG A 93 5.25 -1.85 17.98
N PRO A 94 5.94 -1.98 19.14
CA PRO A 94 5.31 -2.26 20.43
C PRO A 94 4.59 -1.02 20.97
N HIS A 95 3.68 -1.22 21.93
CA HIS A 95 2.92 -0.15 22.59
C HIS A 95 3.80 0.75 23.49
N THR A 96 4.82 0.16 24.14
CA THR A 96 5.66 0.76 25.19
C THR A 96 7.05 0.12 25.21
N GLY A 1 -0.61 -9.28 -16.53
CA GLY A 1 0.62 -8.65 -15.97
C GLY A 1 1.17 -9.41 -14.76
N PRO A 2 2.22 -8.89 -14.11
CA PRO A 2 2.84 -9.50 -12.92
C PRO A 2 1.86 -9.61 -11.75
N LEU A 3 2.02 -10.65 -10.93
CA LEU A 3 1.20 -10.91 -9.75
C LEU A 3 2.00 -11.73 -8.71
N GLY A 4 2.40 -11.10 -7.61
CA GLY A 4 3.19 -11.70 -6.52
C GLY A 4 2.30 -12.22 -5.41
N SER A 5 1.80 -13.45 -5.57
CA SER A 5 0.77 -14.10 -4.74
C SER A 5 1.25 -14.66 -3.38
N ARG A 6 2.51 -14.43 -3.00
CA ARG A 6 3.11 -14.93 -1.74
C ARG A 6 2.23 -14.63 -0.52
N ALA A 7 1.88 -15.67 0.24
CA ALA A 7 1.03 -15.59 1.44
C ALA A 7 1.61 -16.50 2.55
N ASN A 8 1.71 -15.94 3.75
CA ASN A 8 2.42 -16.48 4.93
C ASN A 8 2.16 -15.56 6.15
N PRO A 9 2.57 -15.96 7.39
CA PRO A 9 2.56 -15.08 8.56
C PRO A 9 3.37 -13.80 8.30
N ASP A 10 2.73 -12.65 8.47
CA ASP A 10 3.21 -11.30 8.10
C ASP A 10 2.31 -10.22 8.75
N PRO A 11 2.77 -8.94 8.84
CA PRO A 11 2.05 -7.84 9.48
C PRO A 11 0.58 -7.66 9.06
N ASN A 12 -0.19 -7.04 9.95
CA ASN A 12 -1.63 -6.90 9.91
C ASN A 12 -2.04 -5.44 9.61
N CYS A 13 -3.08 -5.28 8.78
CA CYS A 13 -3.80 -4.04 8.44
C CYS A 13 -3.02 -3.05 7.55
N CYS A 14 -1.71 -2.92 7.72
CA CYS A 14 -0.85 -1.98 6.99
C CYS A 14 -0.12 -2.66 5.81
N LEU A 15 -0.29 -2.09 4.61
CA LEU A 15 0.45 -2.43 3.40
C LEU A 15 1.32 -1.25 2.97
N GLY A 16 2.59 -1.51 2.68
CA GLY A 16 3.47 -0.57 2.00
C GLY A 16 3.29 -0.76 0.49
N VAL A 17 3.25 0.33 -0.25
CA VAL A 17 2.96 0.38 -1.69
C VAL A 17 4.06 1.19 -2.37
N PHE A 18 4.67 0.65 -3.42
CA PHE A 18 5.90 1.17 -4.04
C PHE A 18 5.79 1.18 -5.56
N GLY A 19 6.60 2.01 -6.24
CA GLY A 19 6.60 2.14 -7.70
C GLY A 19 5.45 3.01 -8.22
N LEU A 20 5.01 3.98 -7.42
CA LEU A 20 3.92 4.90 -7.72
C LEU A 20 4.34 6.05 -8.66
N SER A 21 3.37 6.74 -9.22
CA SER A 21 3.60 7.96 -10.02
C SER A 21 3.77 9.21 -9.14
N LEU A 22 4.48 10.23 -9.65
CA LEU A 22 4.53 11.56 -9.02
C LEU A 22 3.17 12.27 -9.08
N TYR A 23 2.28 11.86 -9.98
CA TYR A 23 0.89 12.31 -10.09
C TYR A 23 -0.11 11.49 -9.23
N THR A 24 0.32 10.41 -8.57
CA THR A 24 -0.48 9.64 -7.60
C THR A 24 -0.65 10.49 -6.33
N THR A 25 -1.89 10.58 -5.82
CA THR A 25 -2.22 11.20 -4.53
C THR A 25 -2.89 10.20 -3.60
N GLU A 26 -3.06 10.58 -2.34
CA GLU A 26 -3.77 9.76 -1.34
C GLU A 26 -5.26 9.58 -1.68
N ARG A 27 -5.81 10.42 -2.58
CA ARG A 27 -7.16 10.24 -3.16
C ARG A 27 -7.17 9.05 -4.13
N ASP A 28 -6.17 8.96 -5.00
CA ASP A 28 -6.02 7.89 -6.00
C ASP A 28 -5.77 6.55 -5.31
N LEU A 29 -4.89 6.51 -4.30
CA LEU A 29 -4.63 5.32 -3.51
C LEU A 29 -5.90 4.83 -2.80
N ARG A 30 -6.68 5.71 -2.16
CA ARG A 30 -7.99 5.33 -1.61
C ARG A 30 -8.94 4.80 -2.70
N GLU A 31 -9.03 5.45 -3.86
CA GLU A 31 -9.89 5.00 -4.96
C GLU A 31 -9.47 3.63 -5.53
N VAL A 32 -8.17 3.37 -5.65
CA VAL A 32 -7.61 2.13 -6.24
C VAL A 32 -7.63 0.95 -5.25
N PHE A 33 -7.41 1.19 -3.96
CA PHE A 33 -7.30 0.13 -2.95
C PHE A 33 -8.58 -0.07 -2.11
N SER A 34 -9.50 0.89 -2.01
CA SER A 34 -10.72 0.71 -1.19
C SER A 34 -11.76 -0.26 -1.81
N LYS A 35 -11.56 -0.66 -3.08
CA LYS A 35 -12.34 -1.74 -3.71
C LYS A 35 -12.11 -3.12 -3.06
N TYR A 36 -11.07 -3.27 -2.23
CA TYR A 36 -10.74 -4.48 -1.48
C TYR A 36 -11.29 -4.50 -0.04
N GLY A 37 -11.87 -3.39 0.45
CA GLY A 37 -12.44 -3.25 1.80
C GLY A 37 -12.23 -1.86 2.43
N PRO A 38 -12.77 -1.62 3.65
CA PRO A 38 -12.70 -0.36 4.38
C PRO A 38 -11.24 0.04 4.69
N ILE A 39 -10.94 1.33 4.51
CA ILE A 39 -9.62 1.94 4.72
C ILE A 39 -9.73 3.05 5.78
N ALA A 40 -8.84 2.99 6.78
CA ALA A 40 -8.77 3.93 7.91
C ALA A 40 -7.90 5.16 7.60
N ASP A 41 -6.84 5.00 6.79
CA ASP A 41 -5.87 6.05 6.44
C ASP A 41 -4.99 5.63 5.25
N VAL A 42 -4.28 6.59 4.66
CA VAL A 42 -3.24 6.43 3.63
C VAL A 42 -2.22 7.56 3.77
N SER A 43 -0.93 7.22 3.68
CA SER A 43 0.18 8.19 3.81
C SER A 43 1.22 8.00 2.68
N ILE A 44 1.36 8.97 1.78
CA ILE A 44 2.45 9.02 0.79
C ILE A 44 3.73 9.55 1.45
N VAL A 45 4.89 9.06 1.02
CA VAL A 45 6.21 9.48 1.53
C VAL A 45 6.80 10.56 0.62
N TYR A 46 7.31 11.64 1.22
CA TYR A 46 7.84 12.83 0.53
C TYR A 46 9.26 13.20 1.02
N ASP A 47 10.03 13.87 0.16
CA ASP A 47 11.34 14.43 0.49
C ASP A 47 11.23 15.58 1.52
N GLN A 48 12.18 15.67 2.45
CA GLN A 48 12.16 16.65 3.54
C GLN A 48 12.52 18.08 3.10
N GLN A 49 13.12 18.27 1.92
CA GLN A 49 13.63 19.57 1.46
C GLN A 49 13.05 19.98 0.09
N SER A 50 12.87 19.06 -0.85
CA SER A 50 12.23 19.34 -2.15
C SER A 50 10.71 19.09 -2.16
N ARG A 51 10.19 18.40 -1.14
CA ARG A 51 8.75 18.15 -0.92
C ARG A 51 8.06 17.35 -2.04
N ARG A 52 8.85 16.75 -2.95
CA ARG A 52 8.37 15.84 -4.00
C ARG A 52 8.09 14.45 -3.43
N SER A 53 7.18 13.70 -4.05
CA SER A 53 6.94 12.29 -3.68
C SER A 53 8.17 11.42 -3.96
N ARG A 54 8.45 10.45 -3.08
CA ARG A 54 9.53 9.48 -3.26
C ARG A 54 9.12 8.26 -4.13
N GLY A 55 7.85 8.20 -4.56
CA GLY A 55 7.30 7.10 -5.37
C GLY A 55 6.77 5.93 -4.54
N PHE A 56 6.51 6.14 -3.24
CA PHE A 56 5.98 5.11 -2.32
C PHE A 56 5.13 5.69 -1.19
N ALA A 57 4.35 4.80 -0.56
CA ALA A 57 3.28 5.11 0.38
C ALA A 57 2.94 3.90 1.27
N PHE A 58 2.07 4.15 2.26
CA PHE A 58 1.51 3.14 3.17
C PHE A 58 -0.01 3.28 3.21
N VAL A 59 -0.72 2.16 3.11
CA VAL A 59 -2.19 2.05 3.05
C VAL A 59 -2.67 1.23 4.26
N TYR A 60 -3.64 1.76 5.01
CA TYR A 60 -4.09 1.19 6.28
C TYR A 60 -5.57 0.74 6.19
N PHE A 61 -5.80 -0.56 6.09
CA PHE A 61 -7.14 -1.15 6.11
C PHE A 61 -7.71 -1.19 7.53
N GLU A 62 -9.04 -1.14 7.65
CA GLU A 62 -9.74 -1.15 8.94
C GLU A 62 -9.71 -2.54 9.62
N ASN A 63 -9.45 -3.61 8.85
CA ASN A 63 -9.35 -5.00 9.34
C ASN A 63 -8.14 -5.73 8.72
N VAL A 64 -7.66 -6.75 9.43
CA VAL A 64 -6.47 -7.55 9.06
C VAL A 64 -6.64 -8.35 7.76
N ASP A 65 -7.84 -8.86 7.49
CA ASP A 65 -8.13 -9.74 6.34
C ASP A 65 -8.35 -8.97 5.04
N ASP A 66 -8.87 -7.74 5.12
CA ASP A 66 -9.03 -6.83 4.00
C ASP A 66 -7.66 -6.45 3.39
N ALA A 67 -6.65 -6.19 4.24
CA ALA A 67 -5.27 -6.00 3.80
C ALA A 67 -4.70 -7.26 3.14
N LYS A 68 -4.97 -8.44 3.71
CA LYS A 68 -4.41 -9.69 3.20
C LYS A 68 -4.99 -10.07 1.83
N GLU A 69 -6.28 -9.80 1.57
CA GLU A 69 -6.83 -9.92 0.23
C GLU A 69 -6.26 -8.83 -0.71
N ALA A 70 -6.25 -7.56 -0.30
CA ALA A 70 -5.75 -6.45 -1.11
C ALA A 70 -4.31 -6.67 -1.63
N LYS A 71 -3.41 -7.15 -0.76
CA LYS A 71 -2.04 -7.52 -1.14
C LYS A 71 -2.03 -8.59 -2.25
N GLU A 72 -2.80 -9.68 -2.10
CA GLU A 72 -2.88 -10.75 -3.10
C GLU A 72 -3.54 -10.30 -4.41
N ARG A 73 -4.45 -9.32 -4.38
CA ARG A 73 -5.11 -8.78 -5.57
C ARG A 73 -4.26 -7.74 -6.33
N ALA A 74 -3.50 -6.91 -5.61
CA ALA A 74 -2.82 -5.73 -6.18
C ALA A 74 -1.32 -5.88 -6.45
N ASN A 75 -0.61 -6.79 -5.77
CA ASN A 75 0.86 -6.83 -5.82
C ASN A 75 1.41 -7.17 -7.22
N GLY A 76 1.89 -6.15 -7.95
CA GLY A 76 2.50 -6.26 -9.28
C GLY A 76 1.68 -5.69 -10.44
N MET A 77 0.45 -5.20 -10.19
CA MET A 77 -0.38 -4.51 -11.18
C MET A 77 0.21 -3.16 -11.66
N GLU A 78 -0.55 -2.43 -12.49
CA GLU A 78 -0.15 -1.15 -13.10
C GLU A 78 -1.13 -0.03 -12.71
N LEU A 79 -0.61 1.07 -12.17
CA LEU A 79 -1.35 2.30 -11.80
C LEU A 79 -0.65 3.52 -12.44
N ASP A 80 -1.39 4.30 -13.24
CA ASP A 80 -0.89 5.47 -14.00
C ASP A 80 0.27 5.12 -14.95
N GLY A 81 0.25 3.90 -15.50
CA GLY A 81 1.30 3.35 -16.37
C GLY A 81 2.54 2.86 -15.62
N ARG A 82 2.60 3.05 -14.29
CA ARG A 82 3.72 2.63 -13.44
C ARG A 82 3.41 1.25 -12.81
N ARG A 83 4.35 0.31 -12.89
CA ARG A 83 4.16 -1.06 -12.39
C ARG A 83 4.62 -1.14 -10.92
N ILE A 84 3.64 -1.29 -10.04
CA ILE A 84 3.78 -1.19 -8.57
C ILE A 84 4.29 -2.47 -7.90
N ARG A 85 4.46 -2.40 -6.58
CA ARG A 85 4.72 -3.50 -5.63
C ARG A 85 3.89 -3.22 -4.37
N VAL A 86 3.35 -4.26 -3.74
CA VAL A 86 2.48 -4.17 -2.55
C VAL A 86 2.83 -5.30 -1.58
N ASP A 87 3.10 -4.97 -0.31
CA ASP A 87 3.51 -5.96 0.70
C ASP A 87 3.25 -5.47 2.14
N PHE A 88 3.17 -6.40 3.08
CA PHE A 88 2.87 -6.15 4.49
C PHE A 88 4.00 -5.38 5.21
N SER A 89 3.64 -4.42 6.06
CA SER A 89 4.61 -3.58 6.77
C SER A 89 4.02 -2.95 8.06
N ILE A 90 4.78 -2.08 8.71
CA ILE A 90 4.47 -1.43 10.00
C ILE A 90 5.00 0.02 10.04
N THR A 91 4.40 0.86 10.90
CA THR A 91 4.76 2.28 11.10
C THR A 91 5.30 2.59 12.50
N LYS A 92 5.08 1.69 13.46
CA LYS A 92 5.49 1.82 14.88
C LYS A 92 5.57 0.44 15.56
N ARG A 93 6.48 0.29 16.53
CA ARG A 93 6.70 -0.95 17.30
C ARG A 93 7.35 -0.64 18.67
N PRO A 94 6.61 -0.77 19.79
CA PRO A 94 7.18 -0.71 21.14
C PRO A 94 8.30 -1.74 21.32
N HIS A 95 9.37 -1.35 22.01
CA HIS A 95 10.56 -2.20 22.25
C HIS A 95 10.51 -2.94 23.61
N THR A 96 9.45 -2.76 24.39
CA THR A 96 9.23 -3.34 25.74
C THR A 96 7.77 -3.22 26.19
N GLY A 1 7.34 -20.53 -10.56
CA GLY A 1 6.02 -19.90 -10.83
C GLY A 1 5.84 -18.60 -10.04
N PRO A 2 4.75 -17.85 -10.32
CA PRO A 2 4.44 -16.58 -9.65
C PRO A 2 3.98 -16.80 -8.20
N LEU A 3 4.20 -15.79 -7.35
CA LEU A 3 3.92 -15.78 -5.91
C LEU A 3 3.46 -14.38 -5.45
N GLY A 4 2.74 -14.32 -4.32
CA GLY A 4 2.27 -13.08 -3.70
C GLY A 4 3.35 -12.28 -2.96
N SER A 5 4.53 -12.86 -2.77
CA SER A 5 5.71 -12.24 -2.13
C SER A 5 6.98 -13.07 -2.38
N ARG A 6 8.15 -12.44 -2.22
CA ARG A 6 9.48 -13.10 -2.22
C ARG A 6 9.92 -13.54 -0.81
N ALA A 7 9.10 -13.30 0.21
CA ALA A 7 9.36 -13.57 1.63
C ALA A 7 8.05 -13.90 2.39
N ASN A 8 8.09 -13.89 3.72
CA ASN A 8 6.93 -14.17 4.58
C ASN A 8 6.89 -13.24 5.82
N PRO A 9 6.61 -11.92 5.64
CA PRO A 9 6.39 -10.99 6.73
C PRO A 9 5.04 -11.23 7.40
N ASP A 10 4.87 -10.73 8.64
CA ASP A 10 3.66 -10.92 9.45
C ASP A 10 2.42 -10.22 8.82
N PRO A 11 1.38 -10.96 8.40
CA PRO A 11 0.20 -10.38 7.77
C PRO A 11 -0.62 -9.58 8.78
N ASN A 12 -0.94 -8.34 8.41
CA ASN A 12 -1.60 -7.35 9.28
C ASN A 12 -2.25 -6.22 8.46
N CYS A 13 -3.01 -5.34 9.11
CA CYS A 13 -3.81 -4.29 8.47
C CYS A 13 -3.00 -3.14 7.82
N CYS A 14 -1.71 -3.01 8.12
CA CYS A 14 -0.81 -2.01 7.55
C CYS A 14 -0.07 -2.55 6.32
N LEU A 15 -0.23 -1.90 5.17
CA LEU A 15 0.48 -2.21 3.92
C LEU A 15 1.34 -1.03 3.47
N GLY A 16 2.53 -1.34 2.97
CA GLY A 16 3.40 -0.41 2.24
C GLY A 16 3.19 -0.62 0.74
N VAL A 17 3.23 0.46 -0.03
CA VAL A 17 3.00 0.47 -1.49
C VAL A 17 4.14 1.24 -2.14
N PHE A 18 4.72 0.68 -3.21
CA PHE A 18 5.96 1.12 -3.83
C PHE A 18 5.85 1.13 -5.35
N GLY A 19 6.76 1.84 -6.04
CA GLY A 19 6.77 1.94 -7.51
C GLY A 19 5.65 2.83 -8.07
N LEU A 20 5.18 3.80 -7.27
CA LEU A 20 4.10 4.73 -7.62
C LEU A 20 4.56 5.83 -8.57
N SER A 21 3.61 6.45 -9.26
CA SER A 21 3.86 7.58 -10.16
C SER A 21 4.04 8.90 -9.39
N LEU A 22 4.79 9.85 -9.95
CA LEU A 22 5.01 11.17 -9.34
C LEU A 22 3.74 12.02 -9.25
N TYR A 23 2.70 11.66 -10.00
CA TYR A 23 1.39 12.31 -10.03
C TYR A 23 0.34 11.66 -9.10
N THR A 24 0.71 10.58 -8.37
CA THR A 24 -0.19 9.84 -7.46
C THR A 24 -0.56 10.71 -6.26
N THR A 25 -1.82 10.60 -5.80
CA THR A 25 -2.34 11.20 -4.56
C THR A 25 -2.95 10.13 -3.66
N GLU A 26 -3.14 10.46 -2.39
CA GLU A 26 -3.87 9.59 -1.46
C GLU A 26 -5.34 9.40 -1.85
N ARG A 27 -5.91 10.25 -2.72
CA ARG A 27 -7.22 10.03 -3.33
C ARG A 27 -7.16 8.90 -4.37
N ASP A 28 -6.14 8.87 -5.22
CA ASP A 28 -5.92 7.79 -6.18
C ASP A 28 -5.68 6.46 -5.44
N LEU A 29 -4.86 6.46 -4.40
CA LEU A 29 -4.63 5.27 -3.58
C LEU A 29 -5.93 4.78 -2.92
N ARG A 30 -6.74 5.65 -2.32
CA ARG A 30 -8.08 5.26 -1.82
C ARG A 30 -8.97 4.68 -2.94
N GLU A 31 -8.99 5.27 -4.14
CA GLU A 31 -9.77 4.74 -5.27
C GLU A 31 -9.25 3.37 -5.77
N VAL A 32 -7.93 3.15 -5.76
CA VAL A 32 -7.29 1.92 -6.26
C VAL A 32 -7.30 0.77 -5.24
N PHE A 33 -7.28 1.09 -3.94
CA PHE A 33 -7.19 0.10 -2.85
C PHE A 33 -8.47 -0.07 -2.02
N SER A 34 -9.40 0.88 -1.98
CA SER A 34 -10.63 0.72 -1.18
C SER A 34 -11.63 -0.27 -1.81
N LYS A 35 -11.42 -0.68 -3.07
CA LYS A 35 -12.15 -1.77 -3.71
C LYS A 35 -11.89 -3.16 -3.05
N TYR A 36 -10.87 -3.26 -2.18
CA TYR A 36 -10.53 -4.46 -1.42
C TYR A 36 -11.09 -4.47 0.02
N GLY A 37 -11.71 -3.36 0.47
CA GLY A 37 -12.34 -3.22 1.80
C GLY A 37 -12.11 -1.85 2.48
N PRO A 38 -12.62 -1.68 3.72
CA PRO A 38 -12.59 -0.41 4.46
C PRO A 38 -11.16 0.05 4.79
N ILE A 39 -10.90 1.33 4.58
CA ILE A 39 -9.60 1.99 4.79
C ILE A 39 -9.75 3.10 5.84
N ALA A 40 -8.86 3.11 6.84
CA ALA A 40 -8.84 4.04 7.95
C ALA A 40 -8.02 5.32 7.65
N ASP A 41 -6.91 5.17 6.91
CA ASP A 41 -5.95 6.24 6.57
C ASP A 41 -5.00 5.79 5.44
N VAL A 42 -4.33 6.75 4.80
CA VAL A 42 -3.39 6.59 3.68
C VAL A 42 -2.40 7.77 3.69
N SER A 43 -1.14 7.55 3.35
CA SER A 43 -0.10 8.61 3.33
C SER A 43 1.04 8.31 2.34
N ILE A 44 1.31 9.24 1.42
CA ILE A 44 2.45 9.17 0.46
C ILE A 44 3.69 9.82 1.08
N VAL A 45 4.88 9.31 0.73
CA VAL A 45 6.17 9.85 1.20
C VAL A 45 6.69 10.87 0.20
N TYR A 46 7.10 12.05 0.71
CA TYR A 46 7.55 13.21 -0.08
C TYR A 46 8.93 13.71 0.36
N ASP A 47 9.66 14.34 -0.56
CA ASP A 47 10.98 14.96 -0.34
C ASP A 47 10.91 16.14 0.66
N GLN A 48 11.83 16.15 1.63
CA GLN A 48 11.84 17.11 2.74
C GLN A 48 12.30 18.54 2.36
N GLN A 49 12.63 18.81 1.10
CA GLN A 49 12.96 20.14 0.59
C GLN A 49 12.15 20.48 -0.67
N SER A 50 12.12 19.60 -1.67
CA SER A 50 11.45 19.87 -2.96
C SER A 50 9.96 19.52 -2.97
N ARG A 51 9.46 18.76 -1.98
CA ARG A 51 8.07 18.26 -1.86
C ARG A 51 7.63 17.33 -3.01
N ARG A 52 8.59 16.85 -3.84
CA ARG A 52 8.40 15.79 -4.85
C ARG A 52 7.96 14.48 -4.18
N SER A 53 7.13 13.69 -4.86
CA SER A 53 6.84 12.31 -4.41
C SER A 53 8.11 11.45 -4.52
N ARG A 54 8.35 10.58 -3.53
CA ARG A 54 9.47 9.62 -3.56
C ARG A 54 9.10 8.30 -4.28
N GLY A 55 7.85 8.15 -4.72
CA GLY A 55 7.35 6.94 -5.43
C GLY A 55 6.87 5.82 -4.51
N PHE A 56 6.57 6.13 -3.24
CA PHE A 56 6.07 5.15 -2.27
C PHE A 56 5.19 5.78 -1.18
N ALA A 57 4.40 4.92 -0.52
CA ALA A 57 3.31 5.25 0.36
C ALA A 57 2.94 4.11 1.32
N PHE A 58 2.03 4.40 2.26
CA PHE A 58 1.46 3.45 3.20
C PHE A 58 -0.08 3.53 3.15
N VAL A 59 -0.74 2.38 3.29
CA VAL A 59 -2.20 2.20 3.21
C VAL A 59 -2.64 1.37 4.42
N TYR A 60 -3.64 1.85 5.15
CA TYR A 60 -4.07 1.26 6.43
C TYR A 60 -5.55 0.84 6.38
N PHE A 61 -5.80 -0.48 6.36
CA PHE A 61 -7.14 -1.05 6.36
C PHE A 61 -7.73 -1.09 7.78
N GLU A 62 -9.07 -1.12 7.88
CA GLU A 62 -9.77 -1.17 9.18
C GLU A 62 -9.69 -2.58 9.82
N ASN A 63 -9.40 -3.62 9.04
CA ASN A 63 -9.26 -5.02 9.47
C ASN A 63 -8.19 -5.76 8.63
N VAL A 64 -7.54 -6.77 9.21
CA VAL A 64 -6.45 -7.53 8.58
C VAL A 64 -6.86 -8.28 7.30
N ASP A 65 -8.09 -8.81 7.23
CA ASP A 65 -8.52 -9.64 6.09
C ASP A 65 -8.67 -8.85 4.78
N ASP A 66 -8.97 -7.56 4.88
CA ASP A 66 -9.06 -6.64 3.75
C ASP A 66 -7.66 -6.21 3.25
N ALA A 67 -6.67 -6.15 4.15
CA ALA A 67 -5.27 -5.98 3.78
C ALA A 67 -4.68 -7.24 3.14
N LYS A 68 -5.07 -8.44 3.60
CA LYS A 68 -4.67 -9.70 2.96
C LYS A 68 -5.23 -9.79 1.52
N GLU A 69 -6.50 -9.42 1.31
CA GLU A 69 -7.10 -9.32 -0.01
C GLU A 69 -6.33 -8.32 -0.89
N ALA A 70 -6.14 -7.08 -0.43
CA ALA A 70 -5.42 -6.05 -1.18
C ALA A 70 -3.99 -6.48 -1.57
N LYS A 71 -3.22 -7.03 -0.63
CA LYS A 71 -1.85 -7.51 -0.87
C LYS A 71 -1.79 -8.65 -1.88
N GLU A 72 -2.76 -9.58 -1.87
CA GLU A 72 -2.87 -10.63 -2.88
C GLU A 72 -3.24 -10.08 -4.26
N ARG A 73 -4.26 -9.22 -4.34
CA ARG A 73 -4.84 -8.76 -5.62
C ARG A 73 -3.99 -7.70 -6.33
N ALA A 74 -3.37 -6.78 -5.59
CA ALA A 74 -2.71 -5.59 -6.14
C ALA A 74 -1.19 -5.74 -6.33
N ASN A 75 -0.51 -6.68 -5.68
CA ASN A 75 0.95 -6.76 -5.74
C ASN A 75 1.47 -7.07 -7.16
N GLY A 76 2.14 -6.09 -7.78
CA GLY A 76 2.79 -6.20 -9.08
C GLY A 76 1.94 -5.77 -10.29
N MET A 77 0.70 -5.34 -10.07
CA MET A 77 -0.15 -4.75 -11.14
C MET A 77 0.37 -3.40 -11.68
N GLU A 78 -0.37 -2.82 -12.62
CA GLU A 78 -0.11 -1.50 -13.20
C GLU A 78 -1.05 -0.42 -12.64
N LEU A 79 -0.49 0.71 -12.20
CA LEU A 79 -1.20 1.95 -11.84
C LEU A 79 -0.49 3.14 -12.50
N ASP A 80 -1.23 3.93 -13.29
CA ASP A 80 -0.77 5.16 -13.97
C ASP A 80 0.43 4.92 -14.92
N GLY A 81 0.53 3.71 -15.48
CA GLY A 81 1.62 3.29 -16.37
C GLY A 81 2.87 2.82 -15.62
N ARG A 82 2.79 2.61 -14.30
CA ARG A 82 3.91 2.15 -13.45
C ARG A 82 3.65 0.74 -12.91
N ARG A 83 4.69 -0.11 -12.91
CA ARG A 83 4.67 -1.41 -12.21
C ARG A 83 4.87 -1.18 -10.71
N ILE A 84 3.79 -1.27 -9.94
CA ILE A 84 3.81 -1.10 -8.47
C ILE A 84 4.31 -2.35 -7.72
N ARG A 85 4.40 -2.27 -6.39
CA ARG A 85 4.64 -3.39 -5.48
C ARG A 85 3.89 -3.15 -4.17
N VAL A 86 3.40 -4.20 -3.51
CA VAL A 86 2.49 -4.11 -2.33
C VAL A 86 2.85 -5.23 -1.34
N ASP A 87 3.06 -4.87 -0.06
CA ASP A 87 3.55 -5.79 0.96
C ASP A 87 3.18 -5.36 2.39
N PHE A 88 3.09 -6.33 3.31
CA PHE A 88 2.77 -6.10 4.71
C PHE A 88 3.85 -5.28 5.42
N SER A 89 3.43 -4.36 6.28
CA SER A 89 4.30 -3.35 6.90
C SER A 89 3.76 -2.94 8.29
N ILE A 90 4.07 -1.71 8.74
CA ILE A 90 3.70 -1.13 10.05
C ILE A 90 3.24 0.33 9.89
N THR A 91 2.68 0.91 10.96
CA THR A 91 2.34 2.34 11.02
C THR A 91 3.60 3.20 11.02
N LYS A 92 3.55 4.33 10.32
CA LYS A 92 4.58 5.38 10.34
C LYS A 92 4.59 6.18 11.66
N ARG A 93 3.54 6.06 12.49
CA ARG A 93 3.42 6.72 13.80
C ARG A 93 4.52 6.25 14.78
N PRO A 94 5.15 7.15 15.57
CA PRO A 94 6.03 6.81 16.69
C PRO A 94 5.34 5.94 17.76
N HIS A 95 6.12 5.42 18.71
CA HIS A 95 5.62 4.60 19.82
C HIS A 95 5.07 5.42 21.02
N THR A 96 5.04 6.75 20.91
CA THR A 96 4.68 7.73 21.96
C THR A 96 3.23 7.59 22.44
N GLY A 1 -5.94 -21.67 -3.96
CA GLY A 1 -5.10 -20.52 -3.55
C GLY A 1 -3.91 -20.30 -4.48
N PRO A 2 -3.20 -19.16 -4.34
CA PRO A 2 -2.09 -18.77 -5.23
C PRO A 2 -0.74 -19.44 -4.92
N LEU A 3 -0.64 -20.17 -3.80
CA LEU A 3 0.59 -20.82 -3.31
C LEU A 3 0.28 -22.23 -2.79
N GLY A 4 1.04 -23.23 -3.27
CA GLY A 4 0.93 -24.63 -2.85
C GLY A 4 2.00 -25.08 -1.83
N SER A 5 3.03 -24.27 -1.60
CA SER A 5 4.21 -24.61 -0.77
C SER A 5 4.19 -24.03 0.64
N ARG A 6 3.24 -23.11 0.95
CA ARG A 6 3.15 -22.37 2.20
C ARG A 6 1.77 -21.69 2.37
N ALA A 7 1.31 -21.58 3.63
CA ALA A 7 0.01 -21.04 4.00
C ALA A 7 -0.04 -20.46 5.44
N ASN A 8 1.12 -20.21 6.07
CA ASN A 8 1.23 -19.74 7.45
C ASN A 8 0.59 -18.34 7.65
N PRO A 9 -0.41 -18.17 8.53
CA PRO A 9 -1.07 -16.88 8.76
C PRO A 9 -0.22 -15.95 9.62
N ASP A 10 -0.46 -14.64 9.51
CA ASP A 10 0.19 -13.58 10.27
C ASP A 10 -0.71 -12.31 10.31
N PRO A 11 -1.02 -11.74 11.49
CA PRO A 11 -1.90 -10.59 11.61
C PRO A 11 -1.17 -9.29 11.28
N ASN A 12 -1.61 -8.59 10.23
CA ASN A 12 -1.08 -7.30 9.78
C ASN A 12 -2.09 -6.57 8.89
N CYS A 13 -2.49 -5.34 9.29
CA CYS A 13 -3.52 -4.52 8.63
C CYS A 13 -2.98 -3.39 7.74
N CYS A 14 -1.66 -3.24 7.62
CA CYS A 14 -1.03 -2.09 6.94
C CYS A 14 -0.05 -2.52 5.84
N LEU A 15 -0.26 -2.02 4.61
CA LEU A 15 0.51 -2.36 3.42
C LEU A 15 1.32 -1.15 2.95
N GLY A 16 2.55 -1.41 2.51
CA GLY A 16 3.37 -0.46 1.78
C GLY A 16 3.20 -0.71 0.28
N VAL A 17 3.21 0.37 -0.50
CA VAL A 17 2.95 0.39 -1.94
C VAL A 17 4.08 1.16 -2.61
N PHE A 18 4.80 0.51 -3.52
CA PHE A 18 6.08 0.99 -4.07
C PHE A 18 6.06 1.01 -5.60
N GLY A 19 6.74 1.99 -6.22
CA GLY A 19 6.79 2.17 -7.68
C GLY A 19 5.66 3.05 -8.23
N LEU A 20 5.13 3.94 -7.40
CA LEU A 20 4.04 4.88 -7.73
C LEU A 20 4.53 6.08 -8.55
N SER A 21 3.60 6.87 -9.06
CA SER A 21 3.89 8.07 -9.87
C SER A 21 4.15 9.31 -8.99
N LEU A 22 4.84 10.30 -9.56
CA LEU A 22 4.97 11.64 -8.96
C LEU A 22 3.63 12.40 -8.96
N TYR A 23 2.71 12.00 -9.86
CA TYR A 23 1.35 12.53 -9.98
C TYR A 23 0.28 11.75 -9.17
N THR A 24 0.65 10.63 -8.52
CA THR A 24 -0.23 9.87 -7.61
C THR A 24 -0.53 10.71 -6.36
N THR A 25 -1.78 10.68 -5.88
CA THR A 25 -2.22 11.25 -4.61
C THR A 25 -2.92 10.18 -3.78
N GLU A 26 -3.10 10.43 -2.48
CA GLU A 26 -3.86 9.55 -1.59
C GLU A 26 -5.32 9.39 -2.02
N ARG A 27 -5.85 10.31 -2.85
CA ARG A 27 -7.18 10.22 -3.46
C ARG A 27 -7.24 9.11 -4.52
N ASP A 28 -6.15 8.90 -5.26
CA ASP A 28 -6.04 7.80 -6.24
C ASP A 28 -5.87 6.47 -5.51
N LEU A 29 -4.98 6.43 -4.51
CA LEU A 29 -4.73 5.22 -3.72
C LEU A 29 -6.01 4.75 -3.01
N ARG A 30 -6.74 5.62 -2.31
CA ARG A 30 -8.00 5.23 -1.66
C ARG A 30 -9.07 4.77 -2.67
N GLU A 31 -9.13 5.38 -3.86
CA GLU A 31 -10.06 4.97 -4.93
C GLU A 31 -9.70 3.60 -5.54
N VAL A 32 -8.41 3.29 -5.70
CA VAL A 32 -7.94 2.02 -6.30
C VAL A 32 -7.95 0.85 -5.29
N PHE A 33 -7.65 1.12 -4.01
CA PHE A 33 -7.51 0.08 -2.98
C PHE A 33 -8.76 -0.16 -2.12
N SER A 34 -9.75 0.77 -2.07
CA SER A 34 -10.95 0.54 -1.25
C SER A 34 -11.91 -0.53 -1.80
N LYS A 35 -11.72 -0.96 -3.06
CA LYS A 35 -12.42 -2.13 -3.63
C LYS A 35 -12.07 -3.46 -2.92
N TYR A 36 -10.99 -3.48 -2.12
CA TYR A 36 -10.54 -4.63 -1.34
C TYR A 36 -11.06 -4.65 0.11
N GLY A 37 -11.70 -3.56 0.59
CA GLY A 37 -12.26 -3.44 1.94
C GLY A 37 -12.12 -2.04 2.58
N PRO A 38 -12.50 -1.91 3.87
CA PRO A 38 -12.55 -0.63 4.59
C PRO A 38 -11.14 -0.11 4.90
N ILE A 39 -10.89 1.18 4.62
CA ILE A 39 -9.60 1.85 4.78
C ILE A 39 -9.68 2.92 5.89
N ALA A 40 -8.72 2.89 6.80
CA ALA A 40 -8.63 3.77 7.98
C ALA A 40 -7.67 4.96 7.77
N ASP A 41 -6.65 4.81 6.91
CA ASP A 41 -5.64 5.83 6.60
C ASP A 41 -4.86 5.50 5.32
N VAL A 42 -4.22 6.50 4.72
CA VAL A 42 -3.43 6.45 3.48
C VAL A 42 -2.41 7.61 3.52
N SER A 43 -1.16 7.38 3.12
CA SER A 43 -0.11 8.41 3.15
C SER A 43 1.04 8.12 2.16
N ILE A 44 1.37 9.10 1.30
CA ILE A 44 2.50 9.04 0.34
C ILE A 44 3.75 9.69 0.96
N VAL A 45 4.94 9.16 0.64
CA VAL A 45 6.22 9.66 1.16
C VAL A 45 6.76 10.79 0.28
N TYR A 46 7.00 11.94 0.91
CA TYR A 46 7.55 13.16 0.30
C TYR A 46 8.83 13.63 1.02
N ASP A 47 9.74 14.24 0.27
CA ASP A 47 11.08 14.64 0.75
C ASP A 47 11.05 15.74 1.83
N GLN A 48 11.83 15.55 2.90
CA GLN A 48 11.87 16.44 4.08
C GLN A 48 12.47 17.83 3.79
N GLN A 49 13.13 18.05 2.65
CA GLN A 49 13.65 19.36 2.24
C GLN A 49 12.90 19.89 1.01
N SER A 50 12.80 19.11 -0.06
CA SER A 50 12.36 19.57 -1.38
C SER A 50 10.90 19.19 -1.73
N ARG A 51 10.19 18.44 -0.87
CA ARG A 51 8.76 18.08 -0.98
C ARG A 51 8.38 17.22 -2.21
N ARG A 52 9.36 16.75 -3.00
CA ARG A 52 9.14 15.82 -4.12
C ARG A 52 8.68 14.46 -3.61
N SER A 53 7.82 13.76 -4.36
CA SER A 53 7.45 12.37 -4.04
C SER A 53 8.66 11.44 -4.26
N ARG A 54 8.83 10.46 -3.36
CA ARG A 54 9.85 9.40 -3.49
C ARG A 54 9.32 8.17 -4.22
N GLY A 55 8.07 8.17 -4.70
CA GLY A 55 7.47 7.09 -5.50
C GLY A 55 6.95 5.91 -4.66
N PHE A 56 6.64 6.13 -3.37
CA PHE A 56 6.07 5.10 -2.50
C PHE A 56 5.17 5.68 -1.39
N ALA A 57 4.35 4.80 -0.82
CA ALA A 57 3.24 5.12 0.06
C ALA A 57 2.85 3.94 0.96
N PHE A 58 1.91 4.19 1.88
CA PHE A 58 1.35 3.21 2.81
C PHE A 58 -0.18 3.33 2.87
N VAL A 59 -0.86 2.19 3.04
CA VAL A 59 -2.32 2.03 3.04
C VAL A 59 -2.73 1.16 4.24
N TYR A 60 -3.70 1.62 5.02
CA TYR A 60 -4.10 1.01 6.31
C TYR A 60 -5.57 0.58 6.28
N PHE A 61 -5.85 -0.70 6.54
CA PHE A 61 -7.21 -1.25 6.53
C PHE A 61 -7.79 -1.31 7.95
N GLU A 62 -9.11 -1.09 8.06
CA GLU A 62 -9.84 -1.08 9.33
C GLU A 62 -10.02 -2.49 9.93
N ASN A 63 -9.78 -3.53 9.13
CA ASN A 63 -9.86 -4.95 9.49
C ASN A 63 -8.68 -5.72 8.87
N VAL A 64 -8.09 -6.66 9.64
CA VAL A 64 -6.81 -7.32 9.29
C VAL A 64 -6.87 -8.20 8.04
N ASP A 65 -8.02 -8.83 7.74
CA ASP A 65 -8.16 -9.77 6.62
C ASP A 65 -8.35 -9.06 5.26
N ASP A 66 -8.82 -7.81 5.28
CA ASP A 66 -9.00 -6.98 4.09
C ASP A 66 -7.65 -6.46 3.56
N ALA A 67 -6.65 -6.33 4.43
CA ALA A 67 -5.26 -6.06 4.03
C ALA A 67 -4.64 -7.30 3.35
N LYS A 68 -4.96 -8.51 3.81
CA LYS A 68 -4.48 -9.74 3.18
C LYS A 68 -5.06 -9.89 1.76
N GLU A 69 -6.37 -9.66 1.60
CA GLU A 69 -7.04 -9.60 0.32
C GLU A 69 -6.40 -8.55 -0.60
N ALA A 70 -6.25 -7.30 -0.15
CA ALA A 70 -5.62 -6.23 -0.92
C ALA A 70 -4.19 -6.58 -1.39
N LYS A 71 -3.34 -7.11 -0.50
CA LYS A 71 -1.98 -7.54 -0.84
C LYS A 71 -1.96 -8.64 -1.92
N GLU A 72 -2.86 -9.63 -1.82
CA GLU A 72 -2.98 -10.73 -2.80
C GLU A 72 -3.49 -10.26 -4.17
N ARG A 73 -4.33 -9.21 -4.23
CA ARG A 73 -4.90 -8.69 -5.48
C ARG A 73 -4.03 -7.61 -6.15
N ALA A 74 -3.44 -6.70 -5.37
CA ALA A 74 -2.76 -5.50 -5.89
C ALA A 74 -1.27 -5.71 -6.23
N ASN A 75 -0.59 -6.69 -5.62
CA ASN A 75 0.85 -6.87 -5.83
C ASN A 75 1.19 -7.20 -7.29
N GLY A 76 1.88 -6.26 -7.96
CA GLY A 76 2.35 -6.40 -9.35
C GLY A 76 1.43 -5.82 -10.42
N MET A 77 0.29 -5.20 -10.05
CA MET A 77 -0.54 -4.41 -10.98
C MET A 77 0.16 -3.15 -11.53
N GLU A 78 -0.57 -2.34 -12.29
CA GLU A 78 -0.09 -1.10 -12.91
C GLU A 78 -1.07 0.05 -12.63
N LEU A 79 -0.56 1.19 -12.15
CA LEU A 79 -1.33 2.39 -11.74
C LEU A 79 -0.62 3.64 -12.29
N ASP A 80 -1.35 4.51 -13.02
CA ASP A 80 -0.83 5.67 -13.79
C ASP A 80 0.16 5.25 -14.91
N GLY A 81 0.11 3.98 -15.32
CA GLY A 81 1.09 3.36 -16.23
C GLY A 81 2.38 2.90 -15.53
N ARG A 82 2.50 3.12 -14.22
CA ARG A 82 3.67 2.74 -13.40
C ARG A 82 3.45 1.35 -12.82
N ARG A 83 4.47 0.49 -12.94
CA ARG A 83 4.42 -0.90 -12.47
C ARG A 83 4.87 -0.99 -11.01
N ILE A 84 3.95 -1.40 -10.13
CA ILE A 84 4.10 -1.34 -8.67
C ILE A 84 4.48 -2.68 -8.02
N ARG A 85 4.71 -2.64 -6.69
CA ARG A 85 4.86 -3.77 -5.77
C ARG A 85 4.09 -3.44 -4.47
N VAL A 86 3.54 -4.45 -3.80
CA VAL A 86 2.69 -4.32 -2.60
C VAL A 86 3.00 -5.43 -1.61
N ASP A 87 3.21 -5.06 -0.34
CA ASP A 87 3.58 -5.99 0.74
C ASP A 87 3.23 -5.41 2.12
N PHE A 88 3.10 -6.28 3.13
CA PHE A 88 2.85 -5.92 4.52
C PHE A 88 3.98 -5.04 5.10
N SER A 89 3.64 -4.18 6.06
CA SER A 89 4.53 -3.13 6.56
C SER A 89 4.40 -2.89 8.08
N ILE A 90 5.11 -1.89 8.62
CA ILE A 90 5.24 -1.59 10.05
C ILE A 90 5.30 -0.06 10.29
N THR A 91 5.23 0.35 11.56
CA THR A 91 5.29 1.76 12.01
C THR A 91 5.96 1.85 13.39
N LYS A 92 6.08 3.07 13.93
CA LYS A 92 6.86 3.40 15.13
C LYS A 92 6.20 4.47 16.03
N ARG A 93 6.78 4.69 17.22
CA ARG A 93 6.25 5.56 18.29
C ARG A 93 7.40 6.12 19.15
N PRO A 94 7.41 7.41 19.53
CA PRO A 94 8.39 8.00 20.45
C PRO A 94 8.32 7.38 21.85
N HIS A 95 9.48 7.18 22.49
CA HIS A 95 9.61 6.64 23.85
C HIS A 95 10.72 7.35 24.67
N THR A 96 11.11 8.56 24.25
CA THR A 96 12.23 9.36 24.80
C THR A 96 11.86 10.84 24.89
N GLY A 1 -12.68 -26.47 -6.11
CA GLY A 1 -11.86 -27.27 -5.18
C GLY A 1 -11.55 -26.53 -3.87
N PRO A 2 -10.91 -27.20 -2.90
CA PRO A 2 -10.54 -26.62 -1.60
C PRO A 2 -9.38 -25.62 -1.73
N LEU A 3 -9.29 -24.70 -0.76
CA LEU A 3 -8.27 -23.63 -0.71
C LEU A 3 -8.09 -23.13 0.73
N GLY A 4 -6.84 -23.08 1.21
CA GLY A 4 -6.46 -22.57 2.54
C GLY A 4 -6.12 -21.08 2.53
N SER A 5 -5.91 -20.52 3.72
CA SER A 5 -5.55 -19.11 3.93
C SER A 5 -4.95 -18.89 5.34
N ARG A 6 -4.08 -17.88 5.49
CA ARG A 6 -3.39 -17.56 6.75
C ARG A 6 -4.33 -16.83 7.73
N ALA A 7 -4.30 -17.24 9.00
CA ALA A 7 -5.06 -16.64 10.11
C ALA A 7 -4.31 -16.80 11.45
N ASN A 8 -4.21 -15.71 12.21
CA ASN A 8 -3.46 -15.62 13.48
C ASN A 8 -3.87 -14.33 14.23
N PRO A 9 -4.04 -14.36 15.58
CA PRO A 9 -4.45 -13.19 16.36
C PRO A 9 -3.26 -12.23 16.57
N ASP A 10 -3.01 -11.38 15.56
CA ASP A 10 -1.90 -10.42 15.50
C ASP A 10 -2.20 -9.33 14.44
N PRO A 11 -2.13 -8.02 14.80
CA PRO A 11 -2.46 -6.93 13.88
C PRO A 11 -1.35 -6.71 12.85
N ASN A 12 -1.74 -6.54 11.59
CA ASN A 12 -0.86 -6.38 10.43
C ASN A 12 -1.60 -5.64 9.28
N CYS A 13 -2.39 -4.64 9.65
CA CYS A 13 -3.37 -3.95 8.79
C CYS A 13 -2.77 -2.91 7.82
N CYS A 14 -1.48 -2.58 7.95
CA CYS A 14 -0.78 -1.63 7.08
C CYS A 14 -0.09 -2.35 5.91
N LEU A 15 -0.24 -1.79 4.71
CA LEU A 15 0.47 -2.18 3.49
C LEU A 15 1.28 -0.99 2.98
N GLY A 16 2.46 -1.27 2.44
CA GLY A 16 3.28 -0.33 1.67
C GLY A 16 3.06 -0.58 0.18
N VAL A 17 3.11 0.48 -0.62
CA VAL A 17 2.86 0.51 -2.07
C VAL A 17 4.02 1.25 -2.72
N PHE A 18 4.71 0.62 -3.67
CA PHE A 18 5.99 1.08 -4.22
C PHE A 18 6.00 1.10 -5.74
N GLY A 19 6.67 2.09 -6.34
CA GLY A 19 6.76 2.27 -7.80
C GLY A 19 5.69 3.20 -8.38
N LEU A 20 5.07 4.04 -7.53
CA LEU A 20 3.95 4.94 -7.88
C LEU A 20 4.37 6.09 -8.81
N SER A 21 3.37 6.83 -9.29
CA SER A 21 3.58 8.04 -10.12
C SER A 21 3.83 9.29 -9.27
N LEU A 22 4.51 10.29 -9.84
CA LEU A 22 4.68 11.62 -9.22
C LEU A 22 3.34 12.39 -9.14
N TYR A 23 2.36 12.00 -9.95
CA TYR A 23 1.00 12.56 -9.97
C TYR A 23 -0.03 11.78 -9.14
N THR A 24 0.36 10.66 -8.50
CA THR A 24 -0.48 9.90 -7.55
C THR A 24 -0.77 10.76 -6.32
N THR A 25 -2.02 10.74 -5.85
CA THR A 25 -2.48 11.34 -4.59
C THR A 25 -3.15 10.29 -3.71
N GLU A 26 -3.35 10.62 -2.43
CA GLU A 26 -4.06 9.76 -1.48
C GLU A 26 -5.49 9.47 -1.94
N ARG A 27 -6.09 10.35 -2.74
CA ARG A 27 -7.42 10.15 -3.37
C ARG A 27 -7.40 8.96 -4.31
N ASP A 28 -6.36 8.85 -5.15
CA ASP A 28 -6.20 7.76 -6.12
C ASP A 28 -5.99 6.42 -5.39
N LEU A 29 -5.08 6.41 -4.40
CA LEU A 29 -4.80 5.22 -3.59
C LEU A 29 -6.05 4.75 -2.84
N ARG A 30 -6.80 5.66 -2.19
CA ARG A 30 -8.09 5.32 -1.58
C ARG A 30 -9.06 4.74 -2.61
N GLU A 31 -9.25 5.38 -3.77
CA GLU A 31 -10.21 4.94 -4.80
C GLU A 31 -9.83 3.59 -5.43
N VAL A 32 -8.54 3.30 -5.62
CA VAL A 32 -8.05 2.06 -6.22
C VAL A 32 -8.05 0.88 -5.23
N PHE A 33 -7.74 1.13 -3.95
CA PHE A 33 -7.61 0.08 -2.93
C PHE A 33 -8.88 -0.14 -2.08
N SER A 34 -9.87 0.76 -2.07
CA SER A 34 -11.08 0.58 -1.26
C SER A 34 -12.00 -0.55 -1.74
N LYS A 35 -11.83 -1.02 -2.98
CA LYS A 35 -12.51 -2.21 -3.52
C LYS A 35 -12.15 -3.52 -2.79
N TYR A 36 -11.07 -3.51 -1.98
CA TYR A 36 -10.61 -4.63 -1.16
C TYR A 36 -11.11 -4.59 0.30
N GLY A 37 -11.77 -3.50 0.72
CA GLY A 37 -12.33 -3.33 2.07
C GLY A 37 -12.14 -1.93 2.69
N PRO A 38 -12.62 -1.71 3.93
CA PRO A 38 -12.55 -0.44 4.66
C PRO A 38 -11.10 0.00 4.93
N ILE A 39 -10.83 1.29 4.69
CA ILE A 39 -9.52 1.95 4.84
C ILE A 39 -9.63 3.07 5.89
N ALA A 40 -8.70 3.07 6.84
CA ALA A 40 -8.64 4.00 7.98
C ALA A 40 -7.71 5.20 7.76
N ASP A 41 -6.66 5.06 6.93
CA ASP A 41 -5.68 6.09 6.62
C ASP A 41 -4.85 5.74 5.37
N VAL A 42 -4.23 6.75 4.75
CA VAL A 42 -3.37 6.67 3.55
C VAL A 42 -2.38 7.84 3.59
N SER A 43 -1.13 7.60 3.21
CA SER A 43 -0.07 8.63 3.15
C SER A 43 0.99 8.31 2.09
N ILE A 44 1.56 9.33 1.45
CA ILE A 44 2.56 9.23 0.37
C ILE A 44 3.87 9.89 0.85
N VAL A 45 5.02 9.34 0.48
CA VAL A 45 6.34 9.83 0.90
C VAL A 45 6.83 10.91 -0.08
N TYR A 46 7.16 12.09 0.47
CA TYR A 46 7.66 13.27 -0.26
C TYR A 46 9.02 13.72 0.28
N ASP A 47 9.88 14.22 -0.60
CA ASP A 47 11.23 14.67 -0.28
C ASP A 47 11.24 15.83 0.72
N GLN A 48 12.12 15.75 1.72
CA GLN A 48 12.14 16.67 2.88
C GLN A 48 12.81 18.03 2.58
N GLN A 49 13.31 18.24 1.36
CA GLN A 49 13.85 19.53 0.88
C GLN A 49 13.04 20.03 -0.33
N SER A 50 12.92 19.21 -1.38
CA SER A 50 12.39 19.62 -2.69
C SER A 50 10.90 19.28 -2.89
N ARG A 51 10.28 18.55 -1.95
CA ARG A 51 8.83 18.30 -1.85
C ARG A 51 8.21 17.42 -2.96
N ARG A 52 9.02 16.92 -3.91
CA ARG A 52 8.61 15.95 -4.93
C ARG A 52 8.31 14.58 -4.31
N SER A 53 7.43 13.80 -4.93
CA SER A 53 7.18 12.41 -4.49
C SER A 53 8.43 11.54 -4.67
N ARG A 54 8.71 10.67 -3.69
CA ARG A 54 9.76 9.65 -3.77
C ARG A 54 9.28 8.33 -4.42
N GLY A 55 8.01 8.27 -4.87
CA GLY A 55 7.46 7.14 -5.64
C GLY A 55 6.92 5.99 -4.78
N PHE A 56 6.62 6.22 -3.50
CA PHE A 56 6.05 5.20 -2.61
C PHE A 56 5.15 5.79 -1.51
N ALA A 57 4.33 4.91 -0.93
CA ALA A 57 3.21 5.23 -0.06
C ALA A 57 2.81 4.07 0.85
N PHE A 58 1.90 4.33 1.79
CA PHE A 58 1.38 3.38 2.76
C PHE A 58 -0.15 3.53 2.90
N VAL A 59 -0.83 2.40 3.09
CA VAL A 59 -2.30 2.27 3.13
C VAL A 59 -2.68 1.41 4.34
N TYR A 60 -3.56 1.94 5.20
CA TYR A 60 -3.97 1.30 6.46
C TYR A 60 -5.43 0.84 6.38
N PHE A 61 -5.67 -0.48 6.45
CA PHE A 61 -7.01 -1.06 6.47
C PHE A 61 -7.58 -1.09 7.89
N GLU A 62 -8.91 -1.16 8.00
CA GLU A 62 -9.61 -1.26 9.30
C GLU A 62 -9.42 -2.65 9.95
N ASN A 63 -9.12 -3.68 9.16
CA ASN A 63 -8.91 -5.06 9.62
C ASN A 63 -7.77 -5.74 8.83
N VAL A 64 -7.03 -6.65 9.49
CA VAL A 64 -5.95 -7.43 8.85
C VAL A 64 -6.47 -8.34 7.73
N ASP A 65 -7.74 -8.77 7.79
CA ASP A 65 -8.34 -9.65 6.78
C ASP A 65 -8.66 -8.91 5.45
N ASP A 66 -8.80 -7.58 5.51
CA ASP A 66 -8.91 -6.73 4.31
C ASP A 66 -7.52 -6.40 3.73
N ALA A 67 -6.50 -6.26 4.59
CA ALA A 67 -5.11 -6.04 4.17
C ALA A 67 -4.53 -7.26 3.44
N LYS A 68 -4.81 -8.49 3.91
CA LYS A 68 -4.37 -9.72 3.24
C LYS A 68 -4.94 -9.84 1.82
N GLU A 69 -6.24 -9.56 1.64
CA GLU A 69 -6.90 -9.52 0.35
C GLU A 69 -6.26 -8.44 -0.55
N ALA A 70 -6.19 -7.19 -0.07
CA ALA A 70 -5.62 -6.07 -0.83
C ALA A 70 -4.18 -6.34 -1.31
N LYS A 71 -3.29 -6.82 -0.44
CA LYS A 71 -1.92 -7.19 -0.79
C LYS A 71 -1.87 -8.22 -1.92
N GLU A 72 -2.61 -9.33 -1.79
CA GLU A 72 -2.56 -10.44 -2.76
C GLU A 72 -3.24 -10.09 -4.10
N ARG A 73 -4.19 -9.16 -4.12
CA ARG A 73 -4.83 -8.67 -5.35
C ARG A 73 -4.03 -7.56 -6.06
N ALA A 74 -3.46 -6.62 -5.30
CA ALA A 74 -2.81 -5.42 -5.86
C ALA A 74 -1.32 -5.62 -6.24
N ASN A 75 -0.62 -6.56 -5.61
CA ASN A 75 0.82 -6.73 -5.84
C ASN A 75 1.13 -7.09 -7.32
N GLY A 76 1.79 -6.16 -8.03
CA GLY A 76 2.23 -6.32 -9.42
C GLY A 76 1.32 -5.69 -10.48
N MET A 77 0.17 -5.09 -10.09
CA MET A 77 -0.66 -4.28 -10.99
C MET A 77 0.05 -3.00 -11.51
N GLU A 78 -0.69 -2.17 -12.25
CA GLU A 78 -0.26 -0.89 -12.81
C GLU A 78 -1.26 0.22 -12.41
N LEU A 79 -0.75 1.39 -12.03
CA LEU A 79 -1.53 2.58 -11.67
C LEU A 79 -0.90 3.83 -12.32
N ASP A 80 -1.71 4.62 -13.05
CA ASP A 80 -1.31 5.84 -13.77
C ASP A 80 -0.24 5.59 -14.86
N GLY A 81 -0.18 4.35 -15.37
CA GLY A 81 0.82 3.90 -16.36
C GLY A 81 2.15 3.43 -15.74
N ARG A 82 2.28 3.48 -14.40
CA ARG A 82 3.45 3.05 -13.64
C ARG A 82 3.20 1.67 -13.02
N ARG A 83 4.10 0.71 -13.27
CA ARG A 83 4.06 -0.63 -12.66
C ARG A 83 4.50 -0.55 -11.19
N ILE A 84 3.82 -1.28 -10.31
CA ILE A 84 3.98 -1.21 -8.84
C ILE A 84 4.26 -2.57 -8.18
N ARG A 85 4.51 -2.54 -6.87
CA ARG A 85 4.57 -3.70 -5.96
C ARG A 85 3.93 -3.33 -4.61
N VAL A 86 3.46 -4.33 -3.87
CA VAL A 86 2.66 -4.18 -2.63
C VAL A 86 3.00 -5.29 -1.64
N ASP A 87 3.22 -4.93 -0.38
CA ASP A 87 3.58 -5.84 0.72
C ASP A 87 3.23 -5.24 2.09
N PHE A 88 3.16 -6.09 3.13
CA PHE A 88 2.81 -5.70 4.49
C PHE A 88 3.85 -4.74 5.12
N SER A 89 3.38 -3.90 6.03
CA SER A 89 4.18 -2.88 6.73
C SER A 89 3.58 -2.54 8.12
N ILE A 90 4.06 -1.47 8.75
CA ILE A 90 3.74 -1.02 10.13
C ILE A 90 3.70 0.51 10.22
N THR A 91 3.19 1.03 11.35
CA THR A 91 3.27 2.46 11.72
C THR A 91 4.73 2.89 11.89
N LYS A 92 5.04 4.13 11.50
CA LYS A 92 6.42 4.63 11.43
C LYS A 92 7.01 5.08 12.79
N ARG A 93 6.19 5.03 13.85
CA ARG A 93 6.60 5.18 15.26
C ARG A 93 5.57 4.50 16.20
N PRO A 94 5.80 3.24 16.61
CA PRO A 94 5.00 2.56 17.63
C PRO A 94 5.06 3.27 18.99
N HIS A 95 4.05 3.05 19.83
CA HIS A 95 3.92 3.59 21.18
C HIS A 95 3.22 2.58 22.12
N THR A 96 3.52 2.65 23.43
CA THR A 96 2.97 1.80 24.51
C THR A 96 3.16 2.47 25.87
#